data_2VKH
#
_entry.id   2VKH
#
_cell.length_a   57.170
_cell.length_b   188.590
_cell.length_c   203.100
_cell.angle_alpha   90.00
_cell.angle_beta   90.00
_cell.angle_gamma   90.00
#
_symmetry.space_group_name_H-M   'P 21 21 21'
#
loop_
_entity.id
_entity.type
_entity.pdbx_description
1 polymer 'CYTOTOXIN L'
2 non-polymer 'CALCIUM ION'
3 non-polymer "URIDINE-5'-DIPHOSPHATE-GLUCOSE"
4 water water
#
_entity_poly.entity_id   1
_entity_poly.type   'polypeptide(L)'
_entity_poly.pdbx_seq_one_letter_code
;MNLVNKAQLQKMAYVKFRIQEDEYVAILNALEEYHNMSESSVVEKYLKLKDINNLTDNYLNTYKKSGRNKALKKFKEYLT
MEVLELKNNSLTPVEKNLHFIWIGGQINDTAINYINQWKDVNSDYTVKVFYDSNAFLINTLKKTIVESATNNTLESFREN
LNDPEFDYNKFYRKRMEIIYDKQKHFIDYYKSQIEENPEFIIDNIIKTYLSNEYSKDLEALNKYIEESLNKITANNGNDI
RNLEKFADEDLVRLYNQELVERWNLAAASDILRISMLKEDGGVYLDVDMLPGIQPDLFKSINKPDSITNTSWEMIKLEAI
MKYKEYIPGYTSKNFDMLDEEVQRSFESALSSKSDKSEIFLPLDDIKVSPLEVKIAFANNSVINQALISLKDSYCSDLVI
NQIKNRYKILNDNLNPSINEGTDFNTTMKIFSDKLASISNEDNMMFMIKITNYLKVGFAPDVRSTINLSGPGVYTGAYQD
LLMFKDNSTNIHLLEPELRNFEFPKTKISQLTEQEITSLWSFNQARAKSQFEEYKKGYFEGALGED
;
_entity_poly.pdbx_strand_id   A,B,C
#
loop_
_chem_comp.id
_chem_comp.type
_chem_comp.name
_chem_comp.formula
CA non-polymer 'CALCIUM ION' 'Ca 2'
UPG non-polymer URIDINE-5'-DIPHOSPHATE-GLUCOSE 'C15 H24 N2 O17 P2'
#
# COMPACT_ATOMS: atom_id res chain seq x y z
N MET A 1 -5.58 -3.51 -30.54
CA MET A 1 -5.19 -4.95 -30.48
C MET A 1 -6.27 -5.87 -29.83
N ASN A 2 -7.44 -5.29 -29.52
CA ASN A 2 -8.66 -6.07 -29.21
C ASN A 2 -9.04 -6.95 -30.40
N LEU A 3 -9.34 -8.22 -30.13
CA LEU A 3 -9.59 -9.14 -31.22
C LEU A 3 -10.82 -8.70 -32.01
N VAL A 4 -10.71 -8.77 -33.32
CA VAL A 4 -11.84 -8.58 -34.22
C VAL A 4 -13.10 -9.33 -33.73
N ASN A 5 -14.26 -8.70 -33.99
CA ASN A 5 -15.59 -9.33 -33.87
C ASN A 5 -15.82 -10.37 -34.95
N LYS A 6 -16.75 -11.29 -34.67
CA LYS A 6 -17.40 -12.09 -35.71
C LYS A 6 -17.88 -11.17 -36.84
N ALA A 7 -18.56 -10.08 -36.45
CA ALA A 7 -19.03 -9.07 -37.37
C ALA A 7 -17.94 -8.50 -38.28
N GLN A 8 -16.82 -8.08 -37.67
CA GLN A 8 -15.74 -7.46 -38.41
C GLN A 8 -14.98 -8.51 -39.20
N LEU A 9 -14.87 -9.73 -38.64
CA LEU A 9 -14.27 -10.84 -39.36
C LEU A 9 -15.00 -11.14 -40.69
N GLN A 10 -16.33 -11.13 -40.66
CA GLN A 10 -17.12 -11.20 -41.90
C GLN A 10 -16.71 -10.15 -42.97
N LYS A 11 -16.36 -8.95 -42.51
CA LYS A 11 -15.90 -7.85 -43.39
C LYS A 11 -14.52 -8.16 -43.97
N MET A 12 -13.60 -8.56 -43.10
CA MET A 12 -12.25 -8.95 -43.52
C MET A 12 -12.28 -10.00 -44.61
N ALA A 13 -13.10 -11.03 -44.39
CA ALA A 13 -13.06 -12.26 -45.17
C ALA A 13 -14.17 -12.33 -46.22
N TYR A 14 -14.83 -11.20 -46.42
CA TYR A 14 -15.94 -11.12 -47.37
C TYR A 14 -15.52 -11.34 -48.81
N VAL A 15 -16.24 -12.27 -49.46
CA VAL A 15 -16.18 -12.48 -50.91
C VAL A 15 -17.61 -12.43 -51.49
N LYS A 16 -17.89 -11.39 -52.27
CA LYS A 16 -19.22 -11.21 -52.87
C LYS A 16 -19.81 -12.49 -53.55
N PHE A 17 -21.00 -12.86 -53.09
CA PHE A 17 -21.78 -14.00 -53.60
C PHE A 17 -21.24 -15.35 -53.16
N ARG A 18 -20.07 -15.39 -52.54
CA ARG A 18 -19.54 -16.66 -52.02
C ARG A 18 -20.39 -17.29 -50.91
N ILE A 19 -20.66 -18.59 -51.04
CA ILE A 19 -21.39 -19.40 -50.06
C ILE A 19 -20.66 -19.40 -48.70
N GLN A 20 -21.40 -19.15 -47.61
CA GLN A 20 -20.90 -19.36 -46.24
C GLN A 20 -20.69 -20.84 -46.01
N GLU A 21 -19.44 -21.28 -46.11
CA GLU A 21 -19.11 -22.72 -46.04
C GLU A 21 -19.18 -23.17 -44.58
N ASP A 22 -19.43 -24.46 -44.35
CA ASP A 22 -19.53 -24.96 -42.96
C ASP A 22 -18.31 -24.65 -42.13
N GLU A 23 -17.14 -24.77 -42.75
CA GLU A 23 -15.88 -24.51 -42.05
C GLU A 23 -15.69 -23.03 -41.71
N TYR A 24 -16.31 -22.16 -42.51
CA TYR A 24 -16.24 -20.70 -42.28
C TYR A 24 -17.22 -20.30 -41.16
N VAL A 25 -18.41 -20.86 -41.21
CA VAL A 25 -19.36 -20.79 -40.11
C VAL A 25 -18.76 -21.22 -38.76
N ALA A 26 -18.08 -22.36 -38.73
CA ALA A 26 -17.44 -22.84 -37.52
C ALA A 26 -16.57 -21.73 -36.92
N ILE A 27 -15.69 -21.15 -37.75
CA ILE A 27 -14.82 -20.04 -37.38
C ILE A 27 -15.55 -18.90 -36.70
N LEU A 28 -16.59 -18.40 -37.39
CA LEU A 28 -17.38 -17.26 -36.94
C LEU A 28 -18.08 -17.57 -35.64
N ASN A 29 -18.67 -18.77 -35.54
CA ASN A 29 -19.33 -19.20 -34.31
C ASN A 29 -18.40 -19.16 -33.12
N ALA A 30 -17.29 -19.87 -33.26
CA ALA A 30 -16.20 -19.95 -32.28
C ALA A 30 -15.71 -18.58 -31.81
N LEU A 31 -15.52 -17.66 -32.75
CA LEU A 31 -15.04 -16.32 -32.45
C LEU A 31 -16.10 -15.49 -31.71
N GLU A 32 -17.37 -15.82 -31.93
CA GLU A 32 -18.45 -15.12 -31.26
C GLU A 32 -18.47 -15.57 -29.82
N GLU A 33 -18.42 -16.88 -29.60
CA GLU A 33 -18.37 -17.39 -28.24
C GLU A 33 -17.12 -16.99 -27.45
N TYR A 34 -16.01 -16.75 -28.15
CA TYR A 34 -14.83 -16.17 -27.48
C TYR A 34 -15.12 -14.78 -26.91
N HIS A 35 -15.78 -13.93 -27.69
CA HIS A 35 -16.11 -12.60 -27.20
C HIS A 35 -17.18 -12.65 -26.07
N ASN A 36 -17.80 -13.82 -25.88
CA ASN A 36 -18.79 -14.06 -24.81
C ASN A 36 -18.20 -14.68 -23.53
N MET A 37 -16.88 -14.74 -23.45
CA MET A 37 -16.19 -15.42 -22.35
C MET A 37 -15.43 -14.51 -21.35
N SER A 38 -15.87 -13.26 -21.13
CA SER A 38 -15.17 -12.33 -20.19
C SER A 38 -14.91 -12.86 -18.78
N GLU A 39 -15.83 -13.68 -18.27
CA GLU A 39 -15.69 -14.17 -16.90
C GLU A 39 -14.80 -15.41 -16.80
N SER A 40 -14.44 -15.97 -17.95
CA SER A 40 -13.58 -17.16 -18.01
C SER A 40 -12.14 -16.93 -17.51
N SER A 41 -11.43 -18.03 -17.21
CA SER A 41 -10.04 -17.94 -16.83
C SER A 41 -9.20 -17.64 -18.07
N VAL A 42 -8.00 -17.14 -17.85
CA VAL A 42 -7.11 -16.76 -18.95
C VAL A 42 -6.68 -17.97 -19.77
N VAL A 43 -6.42 -19.07 -19.08
CA VAL A 43 -6.13 -20.32 -19.73
C VAL A 43 -7.30 -20.73 -20.60
N GLU A 44 -8.52 -20.58 -20.10
CA GLU A 44 -9.69 -21.00 -20.91
C GLU A 44 -9.91 -20.07 -22.11
N LYS A 45 -9.62 -18.80 -21.94
CA LYS A 45 -9.61 -17.86 -23.06
C LYS A 45 -8.54 -18.19 -24.09
N TYR A 46 -7.35 -18.59 -23.64
CA TYR A 46 -6.31 -18.99 -24.54
C TYR A 46 -6.71 -20.23 -25.37
N LEU A 47 -7.25 -21.25 -24.70
CA LEU A 47 -7.75 -22.47 -25.33
C LEU A 47 -8.87 -22.21 -26.32
N LYS A 48 -9.73 -21.26 -26.02
CA LYS A 48 -10.73 -20.86 -27.02
C LYS A 48 -10.05 -20.24 -28.28
N LEU A 49 -9.06 -19.34 -28.07
CA LEU A 49 -8.26 -18.84 -29.20
C LEU A 49 -7.59 -19.96 -29.97
N LYS A 50 -6.90 -20.85 -29.29
CA LYS A 50 -6.26 -22.02 -29.91
C LYS A 50 -7.21 -22.78 -30.83
N ASP A 51 -8.39 -23.14 -30.30
CA ASP A 51 -9.41 -23.85 -31.05
C ASP A 51 -9.73 -23.13 -32.35
N ILE A 52 -10.08 -21.85 -32.26
CA ILE A 52 -10.26 -20.97 -33.42
C ILE A 52 -9.08 -20.97 -34.43
N ASN A 53 -7.87 -21.14 -33.96
CA ASN A 53 -6.78 -21.10 -34.89
C ASN A 53 -6.77 -22.41 -35.67
N ASN A 54 -7.12 -23.51 -35.00
CA ASN A 54 -7.17 -24.82 -35.63
C ASN A 54 -8.32 -24.89 -36.67
N LEU A 55 -9.38 -24.12 -36.41
CA LEU A 55 -10.55 -24.10 -37.30
C LEU A 55 -10.22 -23.34 -38.56
N THR A 56 -9.33 -22.39 -38.42
CA THR A 56 -8.99 -21.51 -39.52
C THR A 56 -8.04 -22.19 -40.48
N ASP A 57 -7.02 -22.90 -40.00
CA ASP A 57 -6.19 -23.56 -41.01
C ASP A 57 -6.86 -24.82 -41.57
N ASN A 58 -7.82 -25.38 -40.84
CA ASN A 58 -8.71 -26.39 -41.43
C ASN A 58 -9.59 -25.83 -42.55
N TYR A 59 -9.96 -24.55 -42.48
CA TYR A 59 -10.65 -23.95 -43.62
C TYR A 59 -9.67 -23.76 -44.77
N LEU A 60 -8.51 -23.19 -44.45
CA LEU A 60 -7.47 -22.87 -45.41
C LEU A 60 -6.91 -24.11 -46.07
N ASN A 61 -6.90 -25.23 -45.34
CA ASN A 61 -6.55 -26.52 -45.94
C ASN A 61 -7.66 -27.14 -46.80
N THR A 62 -8.93 -26.88 -46.46
CA THR A 62 -10.04 -27.44 -47.23
C THR A 62 -10.27 -26.64 -48.51
N TYR A 63 -10.00 -25.34 -48.47
CA TYR A 63 -10.22 -24.42 -49.60
C TYR A 63 -8.96 -23.58 -49.95
N LYS A 64 -7.95 -24.25 -50.46
CA LYS A 64 -6.65 -23.65 -50.77
C LYS A 64 -6.67 -22.46 -51.75
N LYS A 65 -7.72 -22.38 -52.57
CA LYS A 65 -7.87 -21.32 -53.58
C LYS A 65 -8.88 -20.22 -53.16
N SER A 66 -9.55 -20.41 -52.04
CA SER A 66 -10.57 -19.49 -51.58
C SER A 66 -10.13 -18.04 -51.62
N GLY A 67 -11.09 -17.16 -51.92
CA GLY A 67 -10.84 -15.72 -51.87
C GLY A 67 -10.74 -15.18 -50.44
N ARG A 68 -11.21 -15.99 -49.47
CA ARG A 68 -11.18 -15.67 -48.03
C ARG A 68 -9.77 -15.80 -47.46
N ASN A 69 -8.95 -16.59 -48.12
CA ASN A 69 -7.67 -17.03 -47.58
C ASN A 69 -6.70 -15.96 -47.09
N LYS A 70 -6.57 -14.87 -47.84
CA LYS A 70 -5.72 -13.74 -47.47
C LYS A 70 -6.09 -13.13 -46.11
N ALA A 71 -7.39 -12.88 -45.91
CA ALA A 71 -7.89 -12.33 -44.65
C ALA A 71 -7.85 -13.37 -43.51
N LEU A 72 -8.12 -14.62 -43.84
CA LEU A 72 -8.02 -15.66 -42.82
C LEU A 72 -6.59 -15.78 -42.31
N LYS A 73 -5.60 -15.54 -43.17
CA LYS A 73 -4.19 -15.57 -42.75
C LYS A 73 -3.88 -14.37 -41.88
N LYS A 74 -4.55 -13.23 -42.16
CA LYS A 74 -4.40 -12.02 -41.35
C LYS A 74 -5.00 -12.28 -40.00
N PHE A 75 -6.22 -12.81 -40.03
CA PHE A 75 -6.96 -13.19 -38.82
C PHE A 75 -6.16 -14.00 -37.83
N LYS A 76 -5.40 -14.99 -38.32
CA LYS A 76 -4.51 -15.84 -37.50
C LYS A 76 -3.37 -15.05 -36.82
N GLU A 77 -2.92 -13.96 -37.46
CA GLU A 77 -1.94 -13.07 -36.84
C GLU A 77 -2.57 -12.24 -35.71
N TYR A 78 -3.88 -12.00 -35.83
CA TYR A 78 -4.62 -11.28 -34.81
C TYR A 78 -4.84 -12.17 -33.62
N LEU A 79 -5.11 -13.45 -33.86
CA LEU A 79 -5.17 -14.44 -32.76
C LEU A 79 -3.90 -14.43 -31.94
N THR A 80 -2.74 -14.38 -32.61
CA THR A 80 -1.42 -14.34 -31.97
C THR A 80 -1.18 -13.04 -31.24
N MET A 81 -1.57 -11.92 -31.83
CA MET A 81 -1.59 -10.66 -31.13
C MET A 81 -2.44 -10.81 -29.91
N GLU A 82 -3.54 -11.57 -30.02
CA GLU A 82 -4.48 -11.68 -28.90
C GLU A 82 -3.91 -12.42 -27.70
N VAL A 83 -3.06 -13.42 -27.95
CA VAL A 83 -2.39 -14.11 -26.85
C VAL A 83 -1.62 -13.10 -25.99
N LEU A 84 -0.90 -12.20 -26.63
CA LEU A 84 -0.14 -11.16 -25.92
C LEU A 84 -1.03 -10.31 -25.08
N GLU A 85 -2.20 -9.95 -25.58
CA GLU A 85 -3.13 -9.11 -24.85
C GLU A 85 -3.67 -9.80 -23.62
N LEU A 86 -4.02 -11.08 -23.78
CA LEU A 86 -4.46 -11.89 -22.64
C LEU A 86 -3.36 -11.89 -21.63
N LYS A 87 -2.15 -12.21 -22.08
CA LYS A 87 -1.02 -12.42 -21.19
C LYS A 87 -0.68 -11.16 -20.41
N ASN A 88 -0.79 -10.00 -21.05
CA ASN A 88 -0.49 -8.71 -20.44
C ASN A 88 -1.57 -8.25 -19.47
N ASN A 89 -2.78 -8.75 -19.64
CA ASN A 89 -3.94 -8.39 -18.83
C ASN A 89 -4.30 -9.45 -17.77
N SER A 90 -3.41 -10.40 -17.58
CA SER A 90 -3.66 -11.43 -16.60
C SER A 90 -2.54 -11.49 -15.59
N LEU A 91 -1.83 -10.39 -15.38
CA LEU A 91 -0.69 -10.36 -14.49
C LEU A 91 -1.09 -10.49 -13.02
N THR A 92 -0.37 -11.35 -12.30
CA THR A 92 -0.60 -11.58 -10.85
C THR A 92 0.72 -11.97 -10.16
N PRO A 93 0.92 -11.58 -8.88
CA PRO A 93 2.23 -11.80 -8.26
C PRO A 93 2.56 -13.28 -8.02
N VAL A 94 3.79 -13.69 -8.36
CA VAL A 94 4.21 -15.09 -8.25
C VAL A 94 4.20 -15.58 -6.81
N GLU A 95 4.04 -16.89 -6.61
CA GLU A 95 4.27 -17.49 -5.29
C GLU A 95 5.64 -17.03 -4.82
N LYS A 96 5.80 -16.68 -3.54
CA LYS A 96 7.10 -16.10 -3.11
C LYS A 96 8.10 -17.15 -2.65
N ASN A 97 8.42 -18.03 -3.58
CA ASN A 97 9.42 -19.04 -3.36
C ASN A 97 10.54 -18.65 -4.24
N LEU A 98 11.73 -18.84 -3.74
CA LEU A 98 12.93 -18.53 -4.49
C LEU A 98 13.71 -19.85 -4.59
N HIS A 99 14.02 -20.32 -5.81
CA HIS A 99 14.55 -21.68 -6.01
C HIS A 99 15.99 -21.59 -6.42
N PHE A 100 16.82 -22.39 -5.80
CA PHE A 100 18.10 -22.69 -6.38
C PHE A 100 18.25 -24.20 -6.41
N ILE A 101 19.20 -24.69 -7.20
CA ILE A 101 19.49 -26.10 -7.29
C ILE A 101 21.02 -26.36 -7.17
N TRP A 102 21.40 -27.29 -6.29
CA TRP A 102 22.73 -27.85 -6.29
C TRP A 102 22.73 -29.34 -6.05
N ILE A 103 23.02 -30.10 -7.11
CA ILE A 103 22.97 -31.55 -7.08
C ILE A 103 24.33 -32.14 -7.48
N GLY A 104 24.59 -33.35 -7.00
CA GLY A 104 25.72 -34.16 -7.48
C GLY A 104 27.02 -34.01 -6.72
N GLY A 105 26.98 -33.29 -5.62
CA GLY A 105 28.15 -33.03 -4.81
C GLY A 105 27.98 -31.84 -3.89
N GLN A 106 29.05 -31.59 -3.12
CA GLN A 106 29.07 -30.56 -2.09
C GLN A 106 28.92 -29.14 -2.67
N ILE A 107 28.03 -28.35 -2.05
CA ILE A 107 27.82 -26.97 -2.48
C ILE A 107 29.10 -26.17 -2.16
N ASN A 108 29.50 -25.27 -3.04
CA ASN A 108 30.63 -24.38 -2.71
C ASN A 108 30.16 -23.23 -1.83
N ASP A 109 31.11 -22.60 -1.12
CA ASP A 109 30.79 -21.44 -0.33
C ASP A 109 30.49 -20.25 -1.24
N THR A 110 31.10 -20.25 -2.43
CA THR A 110 30.77 -19.29 -3.47
C THR A 110 29.26 -19.34 -3.77
N ALA A 111 28.73 -20.51 -4.11
CA ALA A 111 27.31 -20.69 -4.28
C ALA A 111 26.57 -20.17 -3.07
N ILE A 112 27.08 -20.46 -1.89
CA ILE A 112 26.37 -20.09 -0.66
C ILE A 112 26.35 -18.58 -0.45
N ASN A 113 27.48 -17.96 -0.77
CA ASN A 113 27.66 -16.51 -0.62
C ASN A 113 26.79 -15.67 -1.54
N TYR A 114 26.59 -16.11 -2.78
CA TYR A 114 25.60 -15.53 -3.72
C TYR A 114 24.15 -15.70 -3.25
N ILE A 115 23.76 -16.95 -2.98
CA ILE A 115 22.43 -17.28 -2.47
C ILE A 115 22.04 -16.41 -1.30
N ASN A 116 23.00 -16.24 -0.39
CA ASN A 116 22.84 -15.43 0.81
C ASN A 116 22.48 -14.00 0.47
N GLN A 117 23.03 -13.48 -0.62
CA GLN A 117 22.69 -12.10 -1.01
C GLN A 117 21.20 -11.99 -1.34
N TRP A 118 20.66 -13.07 -1.89
CA TRP A 118 19.26 -13.14 -2.23
C TRP A 118 18.42 -13.32 -0.99
N LYS A 119 18.86 -14.20 -0.10
CA LYS A 119 18.15 -14.52 1.14
C LYS A 119 18.08 -13.30 2.04
N ASP A 120 19.18 -12.54 2.08
CA ASP A 120 19.36 -11.41 2.99
C ASP A 120 18.44 -10.27 2.66
N VAL A 121 18.00 -10.22 1.41
CA VAL A 121 17.19 -9.12 0.91
C VAL A 121 15.76 -9.57 0.55
N ASN A 122 15.52 -10.88 0.54
CA ASN A 122 14.17 -11.42 0.26
C ASN A 122 13.60 -12.26 1.41
N SER A 123 13.26 -11.55 2.48
CA SER A 123 12.71 -12.14 3.68
C SER A 123 11.28 -12.58 3.52
N ASP A 124 10.59 -12.02 2.54
CA ASP A 124 9.23 -12.44 2.22
C ASP A 124 9.16 -13.65 1.28
N TYR A 125 10.33 -14.10 0.82
CA TYR A 125 10.49 -15.23 -0.07
C TYR A 125 11.06 -16.37 0.71
N THR A 126 10.54 -17.57 0.41
CA THR A 126 11.08 -18.80 0.93
C THR A 126 12.24 -19.26 0.02
N VAL A 127 13.46 -19.24 0.52
CA VAL A 127 14.58 -19.77 -0.25
C VAL A 127 14.68 -21.29 -0.06
N LYS A 128 14.83 -22.01 -1.17
CA LYS A 128 14.82 -23.46 -1.20
C LYS A 128 15.98 -23.85 -2.09
N VAL A 129 17.02 -24.45 -1.53
CA VAL A 129 18.09 -24.93 -2.38
C VAL A 129 17.89 -26.42 -2.55
N PHE A 130 17.43 -26.78 -3.73
CA PHE A 130 17.07 -28.15 -4.02
C PHE A 130 18.32 -28.98 -4.19
N TYR A 131 18.33 -30.12 -3.50
CA TYR A 131 19.45 -31.05 -3.55
C TYR A 131 18.90 -32.44 -3.55
N ASP A 132 19.76 -33.41 -3.87
CA ASP A 132 19.37 -34.80 -4.02
C ASP A 132 20.26 -35.60 -3.08
N SER A 133 19.65 -36.01 -1.97
CA SER A 133 20.32 -36.62 -0.86
C SER A 133 20.86 -38.01 -1.23
N ASN A 134 20.42 -38.53 -2.37
CA ASN A 134 20.84 -39.83 -2.89
C ASN A 134 21.95 -39.74 -3.92
N ALA A 135 22.51 -38.55 -4.14
CA ALA A 135 23.31 -38.35 -5.33
C ALA A 135 24.46 -37.36 -5.12
N PHE A 136 25.19 -37.52 -4.02
CA PHE A 136 26.27 -36.59 -3.70
C PHE A 136 27.56 -36.92 -4.39
N LEU A 137 27.65 -38.15 -4.90
CA LEU A 137 28.88 -38.69 -5.50
C LEU A 137 28.89 -38.65 -7.04
N ILE A 138 27.96 -37.91 -7.63
CA ILE A 138 27.87 -37.89 -9.08
C ILE A 138 29.10 -37.20 -9.67
N ASN A 139 29.45 -36.03 -9.12
CA ASN A 139 30.68 -35.36 -9.56
C ASN A 139 31.94 -36.20 -9.31
N THR A 140 31.90 -37.01 -8.26
CA THR A 140 33.06 -37.84 -7.88
C THR A 140 33.22 -38.94 -8.90
N LEU A 141 32.15 -39.69 -9.13
CA LEU A 141 32.15 -40.74 -10.16
C LEU A 141 32.62 -40.20 -11.50
N LYS A 142 32.05 -39.07 -11.92
CA LYS A 142 32.48 -38.44 -13.17
C LYS A 142 34.00 -38.11 -13.11
N LYS A 143 34.41 -37.24 -12.19
CA LYS A 143 35.83 -36.87 -12.08
C LYS A 143 36.76 -38.09 -12.15
N THR A 144 36.36 -39.19 -11.50
CA THR A 144 37.13 -40.43 -11.51
C THR A 144 37.21 -41.14 -12.87
N ILE A 145 36.07 -41.25 -13.54
CA ILE A 145 36.04 -41.87 -14.85
C ILE A 145 36.83 -41.03 -15.84
N VAL A 146 36.63 -39.72 -15.79
CA VAL A 146 37.33 -38.78 -16.65
C VAL A 146 38.84 -38.77 -16.36
N GLU A 147 39.19 -38.74 -15.07
CA GLU A 147 40.60 -38.86 -14.62
C GLU A 147 41.29 -40.11 -15.22
N SER A 148 40.58 -41.24 -15.19
CA SER A 148 41.12 -42.53 -15.59
C SER A 148 41.30 -42.63 -17.10
N ALA A 149 40.30 -42.13 -17.82
CA ALA A 149 40.32 -42.06 -19.28
C ALA A 149 41.47 -41.17 -19.81
N THR A 150 41.67 -40.03 -19.16
CA THR A 150 42.77 -39.09 -19.44
C THR A 150 44.16 -39.71 -19.35
N ASN A 151 44.42 -40.35 -18.22
CA ASN A 151 45.72 -40.89 -17.93
C ASN A 151 45.99 -42.10 -18.81
N ASN A 152 44.93 -42.69 -19.34
CA ASN A 152 45.07 -43.80 -20.28
C ASN A 152 45.35 -43.30 -21.71
N THR A 153 44.79 -42.13 -22.03
CA THR A 153 45.01 -41.52 -23.33
C THR A 153 46.45 -41.03 -23.44
N LEU A 154 47.00 -40.54 -22.33
CA LEU A 154 48.34 -39.98 -22.32
C LEU A 154 49.39 -41.08 -22.42
N GLU A 155 49.19 -42.17 -21.67
CA GLU A 155 49.98 -43.41 -21.81
C GLU A 155 50.12 -43.82 -23.29
N SER A 156 49.03 -43.71 -24.05
CA SER A 156 49.02 -44.05 -25.47
C SER A 156 49.70 -43.00 -26.36
N PHE A 157 49.76 -41.74 -25.89
CA PHE A 157 50.43 -40.65 -26.60
C PHE A 157 51.89 -40.50 -26.17
N ARG A 158 52.33 -41.31 -25.20
CA ARG A 158 53.53 -41.01 -24.40
C ARG A 158 54.73 -40.44 -25.19
N GLU A 159 55.26 -41.18 -26.16
CA GLU A 159 56.48 -40.72 -26.80
C GLU A 159 56.24 -39.68 -27.91
N ASN A 160 54.97 -39.51 -28.30
CA ASN A 160 54.54 -38.63 -29.42
C ASN A 160 54.08 -37.23 -29.03
N LEU A 161 54.60 -36.74 -27.91
CA LEU A 161 54.22 -35.42 -27.36
C LEU A 161 54.58 -34.19 -28.19
N ASN A 162 55.62 -34.30 -29.02
CA ASN A 162 56.16 -33.13 -29.70
C ASN A 162 55.79 -33.03 -31.19
N ASP A 163 55.34 -34.16 -31.75
CA ASP A 163 55.04 -34.32 -33.18
C ASP A 163 54.28 -35.65 -33.38
N PRO A 164 53.65 -35.88 -34.56
CA PRO A 164 53.46 -34.96 -35.70
C PRO A 164 52.43 -33.92 -35.34
N GLU A 165 51.18 -34.38 -35.19
CA GLU A 165 50.09 -33.59 -34.67
C GLU A 165 49.13 -34.48 -33.86
N PHE A 166 49.59 -34.87 -32.68
CA PHE A 166 48.73 -35.41 -31.65
C PHE A 166 48.32 -34.22 -30.79
N ASP A 167 47.39 -33.41 -31.30
CA ASP A 167 46.97 -32.21 -30.59
C ASP A 167 45.64 -32.43 -29.85
N TYR A 168 45.20 -31.40 -29.13
CA TYR A 168 43.99 -31.45 -28.32
C TYR A 168 42.80 -32.14 -29.02
N ASN A 169 42.56 -31.79 -30.29
CA ASN A 169 41.58 -32.47 -31.15
C ASN A 169 41.58 -34.00 -31.02
N LYS A 170 42.75 -34.61 -31.18
CA LYS A 170 42.89 -36.06 -31.20
C LYS A 170 42.88 -36.62 -29.79
N PHE A 171 43.29 -35.80 -28.84
CA PHE A 171 43.25 -36.19 -27.43
C PHE A 171 41.82 -36.40 -26.95
N TYR A 172 40.96 -35.43 -27.23
CA TYR A 172 39.59 -35.51 -26.82
C TYR A 172 38.85 -36.62 -27.58
N ARG A 173 39.23 -36.83 -28.84
CA ARG A 173 38.62 -37.86 -29.69
C ARG A 173 38.85 -39.24 -29.11
N LYS A 174 40.08 -39.48 -28.69
CA LYS A 174 40.49 -40.79 -28.20
C LYS A 174 40.08 -40.97 -26.73
N ARG A 175 40.41 -39.99 -25.88
CA ARG A 175 39.83 -39.95 -24.52
C ARG A 175 38.33 -40.23 -24.53
N MET A 176 37.58 -39.60 -25.44
CA MET A 176 36.13 -39.80 -25.48
C MET A 176 35.72 -41.25 -25.72
N GLU A 177 36.34 -41.85 -26.72
CA GLU A 177 36.22 -43.29 -26.99
C GLU A 177 36.42 -44.15 -25.75
N ILE A 178 37.25 -43.67 -24.81
CA ILE A 178 37.52 -44.38 -23.55
C ILE A 178 36.45 -44.05 -22.47
N ILE A 179 36.19 -42.75 -22.27
CA ILE A 179 35.08 -42.30 -21.42
C ILE A 179 33.78 -43.07 -21.72
N TYR A 180 33.30 -43.09 -22.96
CA TYR A 180 32.13 -43.90 -23.32
C TYR A 180 32.16 -45.33 -22.75
N ASP A 181 33.28 -46.05 -22.93
CA ASP A 181 33.42 -47.44 -22.42
C ASP A 181 33.18 -47.53 -20.92
N LYS A 182 33.84 -46.63 -20.19
CA LYS A 182 33.85 -46.59 -18.74
C LYS A 182 32.49 -46.16 -18.20
N GLN A 183 31.88 -45.21 -18.90
CA GLN A 183 30.55 -44.72 -18.60
C GLN A 183 29.53 -45.83 -18.82
N LYS A 184 29.56 -46.50 -19.98
CA LYS A 184 28.69 -47.65 -20.25
C LYS A 184 28.93 -48.85 -19.30
N HIS A 185 30.18 -49.06 -18.88
CA HIS A 185 30.45 -50.09 -17.85
C HIS A 185 29.74 -49.80 -16.51
N PHE A 186 29.76 -48.53 -16.09
CA PHE A 186 29.00 -48.10 -14.93
C PHE A 186 27.48 -48.15 -15.17
N ILE A 187 27.01 -47.66 -16.32
CA ILE A 187 25.56 -47.60 -16.50
C ILE A 187 24.93 -49.00 -16.45
N ASP A 188 25.66 -49.96 -17.02
CA ASP A 188 25.21 -51.33 -17.09
C ASP A 188 25.19 -51.92 -15.74
N TYR A 189 26.21 -51.58 -14.96
CA TYR A 189 26.29 -51.98 -13.56
C TYR A 189 25.15 -51.33 -12.74
N TYR A 190 25.01 -50.01 -12.83
CA TYR A 190 23.92 -49.31 -12.14
C TYR A 190 22.56 -49.90 -12.51
N LYS A 191 22.34 -50.20 -13.78
CA LYS A 191 21.07 -50.75 -14.24
C LYS A 191 20.79 -52.12 -13.64
N SER A 192 21.81 -52.97 -13.60
CA SER A 192 21.64 -54.34 -13.14
C SER A 192 21.21 -54.32 -11.68
N GLN A 193 21.94 -53.57 -10.87
CA GLN A 193 21.59 -53.29 -9.48
C GLN A 193 20.14 -52.83 -9.28
N ILE A 194 19.72 -51.86 -10.08
CA ILE A 194 18.37 -51.32 -10.00
C ILE A 194 17.28 -52.36 -10.36
N GLU A 195 17.58 -53.24 -11.32
CA GLU A 195 16.72 -54.40 -11.63
C GLU A 195 16.71 -55.43 -10.49
N GLU A 196 17.86 -55.56 -9.81
CA GLU A 196 18.02 -56.43 -8.64
C GLU A 196 17.24 -55.93 -7.42
N ASN A 197 17.62 -54.76 -6.88
CA ASN A 197 16.87 -54.10 -5.80
C ASN A 197 16.63 -52.62 -6.15
N PRO A 198 15.36 -52.23 -6.40
CA PRO A 198 15.02 -50.85 -6.80
C PRO A 198 14.85 -49.87 -5.64
N GLU A 199 14.97 -50.38 -4.41
CA GLU A 199 15.10 -49.55 -3.24
C GLU A 199 16.55 -49.04 -3.13
N PHE A 200 17.45 -49.60 -3.96
CA PHE A 200 18.86 -49.25 -3.94
C PHE A 200 19.09 -47.78 -4.23
N ILE A 201 19.90 -47.17 -3.38
CA ILE A 201 20.20 -45.76 -3.46
C ILE A 201 21.38 -45.54 -4.42
N ILE A 202 21.27 -44.47 -5.22
CA ILE A 202 22.31 -44.05 -6.14
C ILE A 202 23.69 -44.00 -5.50
N ASP A 203 23.92 -43.13 -4.53
CA ASP A 203 25.23 -43.04 -3.85
C ASP A 203 25.79 -44.40 -3.39
N ASN A 204 24.92 -45.29 -2.90
CA ASN A 204 25.31 -46.62 -2.46
C ASN A 204 25.78 -47.48 -3.61
N ILE A 205 25.12 -47.36 -4.76
CA ILE A 205 25.59 -48.04 -5.96
C ILE A 205 26.93 -47.45 -6.38
N ILE A 206 27.08 -46.14 -6.23
CA ILE A 206 28.29 -45.48 -6.70
C ILE A 206 29.51 -45.76 -5.81
N LYS A 207 29.31 -45.80 -4.49
CA LYS A 207 30.43 -46.12 -3.58
C LYS A 207 30.91 -47.56 -3.78
N THR A 208 29.97 -48.51 -3.78
CA THR A 208 30.25 -49.92 -4.11
C THR A 208 31.08 -50.04 -5.38
N TYR A 209 30.79 -49.17 -6.35
CA TYR A 209 31.39 -49.28 -7.67
C TYR A 209 32.77 -48.60 -7.72
N LEU A 210 32.89 -47.45 -7.06
CA LEU A 210 34.15 -46.75 -6.99
C LEU A 210 35.18 -47.57 -6.22
N SER A 211 34.73 -48.07 -5.07
CA SER A 211 35.52 -48.94 -4.19
C SER A 211 36.12 -50.15 -4.89
N ASN A 212 35.31 -50.94 -5.58
CA ASN A 212 35.82 -52.09 -6.35
C ASN A 212 36.69 -51.73 -7.57
N GLU A 213 36.20 -50.85 -8.43
CA GLU A 213 36.83 -50.59 -9.72
C GLU A 213 37.96 -49.57 -9.66
N TYR A 214 37.76 -48.51 -8.89
CA TYR A 214 38.72 -47.41 -8.82
C TYR A 214 39.43 -47.32 -7.49
N SER A 215 39.28 -48.38 -6.70
CA SER A 215 40.00 -48.55 -5.44
C SER A 215 39.73 -47.40 -4.46
N LYS A 216 38.58 -46.74 -4.62
CA LYS A 216 38.20 -45.60 -3.78
C LYS A 216 37.83 -46.02 -2.35
N ASP A 217 38.26 -45.21 -1.38
CA ASP A 217 38.06 -45.50 0.05
C ASP A 217 36.59 -45.34 0.48
N LEU A 218 36.00 -46.43 0.95
CA LEU A 218 34.59 -46.45 1.40
C LEU A 218 34.35 -45.43 2.48
N GLU A 219 35.20 -45.48 3.50
CA GLU A 219 35.18 -44.53 4.58
C GLU A 219 35.14 -43.11 4.04
N ALA A 220 36.15 -42.72 3.26
CA ALA A 220 36.31 -41.38 2.76
C ALA A 220 35.04 -40.89 2.03
N LEU A 221 34.42 -41.81 1.29
CA LEU A 221 33.25 -41.49 0.49
C LEU A 221 32.05 -41.24 1.37
N ASN A 222 31.83 -42.13 2.33
CA ASN A 222 30.79 -41.94 3.35
C ASN A 222 30.99 -40.64 4.09
N LYS A 223 32.24 -40.31 4.39
CA LYS A 223 32.59 -39.03 5.06
C LYS A 223 32.16 -37.85 4.21
N TYR A 224 32.52 -37.93 2.93
CA TYR A 224 32.17 -36.92 1.94
C TYR A 224 30.66 -36.65 1.85
N ILE A 225 29.89 -37.73 1.75
CA ILE A 225 28.42 -37.64 1.76
C ILE A 225 27.93 -36.94 3.02
N GLU A 226 28.52 -37.27 4.17
CA GLU A 226 28.06 -36.71 5.44
C GLU A 226 28.28 -35.19 5.52
N GLU A 227 29.45 -34.74 5.12
CA GLU A 227 29.73 -33.32 4.96
C GLU A 227 28.76 -32.59 4.02
N SER A 228 28.47 -33.20 2.86
CA SER A 228 27.59 -32.59 1.85
C SER A 228 26.23 -32.40 2.46
N LEU A 229 25.67 -33.49 2.98
CA LEU A 229 24.40 -33.45 3.64
C LEU A 229 24.33 -32.38 4.73
N ASN A 230 25.27 -32.39 5.66
CA ASN A 230 25.31 -31.40 6.76
C ASN A 230 25.38 -29.96 6.30
N LYS A 231 26.11 -29.71 5.24
CA LYS A 231 26.31 -28.33 4.77
C LYS A 231 25.04 -27.72 4.11
N ILE A 232 24.42 -28.49 3.23
CA ILE A 232 23.22 -28.03 2.58
C ILE A 232 22.08 -27.90 3.60
N THR A 233 22.06 -28.80 4.57
CA THR A 233 21.07 -28.81 5.68
C THR A 233 21.06 -27.45 6.40
N ALA A 234 22.25 -27.03 6.79
CA ALA A 234 22.52 -25.72 7.38
C ALA A 234 22.20 -24.52 6.46
N ASN A 235 22.04 -24.76 5.16
CA ASN A 235 21.83 -23.71 4.17
C ASN A 235 20.56 -23.88 3.34
N ASN A 236 19.41 -23.93 4.01
CA ASN A 236 18.08 -24.04 3.37
C ASN A 236 17.95 -25.20 2.38
N GLY A 237 18.75 -26.23 2.60
CA GLY A 237 18.68 -27.39 1.72
C GLY A 237 17.28 -27.98 1.72
N ASN A 238 16.73 -28.22 0.53
CA ASN A 238 15.43 -28.88 0.39
C ASN A 238 15.63 -30.18 -0.37
N ASP A 239 15.38 -31.31 0.27
CA ASP A 239 15.62 -32.59 -0.35
C ASP A 239 14.50 -32.95 -1.31
N ILE A 240 14.85 -33.22 -2.57
CA ILE A 240 13.83 -33.58 -3.54
C ILE A 240 13.27 -34.97 -3.25
N ARG A 241 14.05 -35.75 -2.50
CA ARG A 241 13.63 -37.09 -2.11
C ARG A 241 12.61 -37.19 -0.94
N ASN A 242 12.12 -36.05 -0.44
CA ASN A 242 10.91 -36.01 0.41
C ASN A 242 9.66 -35.70 -0.41
N LEU A 243 9.78 -34.71 -1.31
CA LEU A 243 8.63 -34.11 -2.00
C LEU A 243 7.85 -35.04 -2.92
N GLU A 244 6.59 -35.25 -2.56
CA GLU A 244 5.72 -36.27 -3.15
C GLU A 244 5.24 -36.03 -4.60
N LYS A 245 4.29 -35.09 -4.74
CA LYS A 245 3.38 -34.99 -5.89
C LYS A 245 3.97 -34.30 -7.14
N PHE A 246 5.04 -33.52 -6.91
CA PHE A 246 5.79 -32.87 -7.97
C PHE A 246 6.18 -33.83 -9.11
N ALA A 247 6.14 -35.13 -8.80
CA ALA A 247 6.80 -36.13 -9.64
C ALA A 247 5.97 -36.51 -10.85
N ASP A 248 6.31 -35.92 -11.99
CA ASP A 248 5.91 -36.46 -13.28
C ASP A 248 6.76 -37.73 -13.45
N GLU A 249 6.13 -38.89 -13.69
CA GLU A 249 6.91 -40.12 -13.74
C GLU A 249 7.90 -40.14 -14.89
N ASP A 250 7.58 -39.48 -15.99
CA ASP A 250 8.51 -39.37 -17.13
C ASP A 250 9.66 -38.40 -16.86
N LEU A 251 9.35 -37.27 -16.23
CA LEU A 251 10.37 -36.27 -15.91
C LEU A 251 11.35 -36.79 -14.88
N VAL A 252 10.84 -37.57 -13.96
CA VAL A 252 11.63 -38.21 -12.94
C VAL A 252 12.64 -39.11 -13.63
N ARG A 253 12.17 -39.87 -14.63
CA ARG A 253 13.03 -40.75 -15.44
C ARG A 253 14.09 -39.98 -16.24
N LEU A 254 13.75 -38.76 -16.69
CA LEU A 254 14.72 -37.93 -17.42
C LEU A 254 15.78 -37.34 -16.51
N TYR A 255 15.33 -36.86 -15.35
CA TYR A 255 16.19 -36.33 -14.32
C TYR A 255 17.29 -37.34 -13.93
N ASN A 256 16.86 -38.55 -13.57
CA ASN A 256 17.75 -39.68 -13.28
C ASN A 256 18.69 -40.03 -14.41
N GLN A 257 18.18 -40.02 -15.65
CA GLN A 257 19.00 -40.23 -16.84
C GLN A 257 20.17 -39.26 -16.87
N GLU A 258 19.88 -37.98 -16.66
CA GLU A 258 20.86 -36.92 -16.72
C GLU A 258 21.81 -36.91 -15.54
N LEU A 259 21.27 -37.18 -14.35
CA LEU A 259 22.01 -37.34 -13.09
C LEU A 259 22.94 -38.58 -13.04
N VAL A 260 22.34 -39.76 -13.15
CA VAL A 260 23.04 -41.01 -12.86
C VAL A 260 23.75 -41.58 -14.06
N GLU A 261 23.16 -41.43 -15.25
CA GLU A 261 23.73 -42.02 -16.45
C GLU A 261 24.67 -41.08 -17.15
N ARG A 262 24.33 -39.80 -17.20
CA ARG A 262 25.07 -38.88 -18.07
C ARG A 262 25.92 -37.99 -17.24
N TRP A 263 25.63 -38.00 -15.95
CA TRP A 263 26.43 -37.25 -14.98
C TRP A 263 26.42 -35.79 -15.30
N ASN A 264 25.35 -35.34 -15.97
CA ASN A 264 25.27 -33.94 -16.42
C ASN A 264 24.34 -33.23 -15.45
N LEU A 265 24.96 -32.53 -14.51
CA LEU A 265 24.29 -31.85 -13.40
C LEU A 265 23.48 -30.62 -13.88
N ALA A 266 23.97 -30.00 -14.95
CA ALA A 266 23.34 -28.89 -15.64
C ALA A 266 21.99 -29.30 -16.27
N ALA A 267 22.00 -30.44 -16.96
CA ALA A 267 20.82 -31.00 -17.61
C ALA A 267 19.79 -31.46 -16.61
N ALA A 268 20.23 -32.06 -15.51
CA ALA A 268 19.27 -32.55 -14.54
C ALA A 268 18.68 -31.35 -13.80
N SER A 269 19.51 -30.38 -13.52
CA SER A 269 19.05 -29.09 -12.99
C SER A 269 18.10 -28.38 -13.98
N ASP A 270 18.37 -28.43 -15.28
CA ASP A 270 17.41 -27.91 -16.25
C ASP A 270 16.05 -28.56 -16.03
N ILE A 271 16.05 -29.87 -15.98
CA ILE A 271 14.85 -30.65 -15.82
C ILE A 271 14.21 -30.37 -14.46
N LEU A 272 15.02 -30.24 -13.42
CA LEU A 272 14.51 -30.15 -12.07
C LEU A 272 13.81 -28.80 -11.89
N ARG A 273 14.42 -27.77 -12.46
CA ARG A 273 13.99 -26.37 -12.25
C ARG A 273 12.57 -26.10 -12.70
N ILE A 274 12.22 -26.53 -13.88
CA ILE A 274 10.93 -26.21 -14.43
C ILE A 274 9.86 -27.05 -13.73
N SER A 275 10.26 -28.25 -13.36
CA SER A 275 9.40 -29.17 -12.67
C SER A 275 8.99 -28.61 -11.32
N MET A 276 9.97 -28.09 -10.58
CA MET A 276 9.71 -27.42 -9.31
C MET A 276 8.95 -26.13 -9.49
N LEU A 277 9.26 -25.36 -10.53
CA LEU A 277 8.47 -24.16 -10.79
C LEU A 277 7.03 -24.53 -11.11
N LYS A 278 6.83 -25.55 -11.91
CA LYS A 278 5.47 -25.98 -12.13
C LYS A 278 4.79 -26.40 -10.83
N GLU A 279 5.50 -27.14 -9.98
CA GLU A 279 4.91 -27.64 -8.76
C GLU A 279 4.79 -26.60 -7.66
N ASP A 280 5.76 -25.71 -7.59
CA ASP A 280 5.83 -24.77 -6.48
C ASP A 280 5.51 -23.30 -6.85
N GLY A 281 5.76 -22.91 -8.10
CA GLY A 281 5.66 -21.49 -8.53
C GLY A 281 6.81 -20.70 -7.93
N GLY A 282 7.21 -19.61 -8.57
CA GLY A 282 8.25 -18.75 -8.00
C GLY A 282 9.25 -18.20 -8.99
N VAL A 283 10.42 -17.91 -8.48
CA VAL A 283 11.55 -17.39 -9.21
C VAL A 283 12.65 -18.45 -9.10
N TYR A 284 13.14 -18.96 -10.23
CA TYR A 284 14.26 -19.88 -10.21
C TYR A 284 15.49 -19.10 -10.60
N LEU A 285 16.64 -19.40 -9.98
CA LEU A 285 17.91 -18.76 -10.32
C LEU A 285 19.07 -19.71 -10.25
N ASP A 286 20.01 -19.59 -11.18
CA ASP A 286 21.32 -20.23 -11.01
C ASP A 286 22.10 -19.54 -9.87
N VAL A 287 22.92 -20.34 -9.20
CA VAL A 287 23.66 -19.89 -8.03
C VAL A 287 24.75 -18.87 -8.34
N ASP A 288 24.96 -18.58 -9.63
CA ASP A 288 25.92 -17.57 -10.07
C ASP A 288 25.29 -16.21 -10.42
N MET A 289 23.99 -16.06 -10.11
CA MET A 289 23.27 -14.82 -10.29
C MET A 289 23.18 -14.09 -8.99
N LEU A 290 23.29 -12.77 -9.04
CA LEU A 290 23.14 -11.95 -7.84
C LEU A 290 21.93 -11.06 -8.04
N PRO A 291 21.39 -10.48 -6.95
CA PRO A 291 20.26 -9.56 -7.08
C PRO A 291 20.60 -8.35 -7.94
N GLY A 292 19.56 -7.70 -8.45
CA GLY A 292 19.72 -6.48 -9.20
C GLY A 292 20.20 -5.42 -8.23
N ILE A 293 20.63 -4.28 -8.75
CA ILE A 293 21.11 -3.22 -7.91
C ILE A 293 20.05 -2.11 -7.84
N GLN A 294 19.85 -1.56 -6.65
CA GLN A 294 19.00 -0.39 -6.52
C GLN A 294 19.32 0.60 -7.63
N PRO A 295 18.29 0.98 -8.42
CA PRO A 295 18.43 1.91 -9.53
C PRO A 295 19.19 3.16 -9.18
N ASP A 296 18.91 3.70 -7.98
CA ASP A 296 19.41 5.03 -7.57
C ASP A 296 20.75 5.06 -6.86
N LEU A 297 21.20 3.90 -6.39
CA LEU A 297 22.44 3.77 -5.67
C LEU A 297 23.58 4.46 -6.42
N PHE A 298 23.56 4.36 -7.76
CA PHE A 298 24.67 4.81 -8.57
C PHE A 298 24.28 5.81 -9.65
N LYS A 299 23.02 6.22 -9.63
CA LYS A 299 22.39 7.01 -10.69
C LYS A 299 23.06 8.34 -11.05
N SER A 300 23.98 8.82 -10.23
CA SER A 300 24.65 10.11 -10.53
C SER A 300 26.15 9.93 -10.73
N ILE A 301 26.59 8.69 -10.81
CA ILE A 301 27.89 8.38 -11.32
C ILE A 301 27.69 8.14 -12.81
N ASN A 302 28.01 9.15 -13.61
CA ASN A 302 27.96 9.05 -15.08
C ASN A 302 29.06 8.14 -15.59
N LYS A 303 28.67 7.18 -16.41
CA LYS A 303 29.63 6.28 -17.04
C LYS A 303 30.64 7.03 -17.92
N PRO A 304 31.95 6.85 -17.68
CA PRO A 304 32.97 7.37 -18.62
C PRO A 304 32.64 6.88 -20.03
N ASP A 305 32.66 7.81 -20.99
CA ASP A 305 32.13 7.52 -22.32
C ASP A 305 32.78 6.31 -23.03
N SER A 306 34.07 6.09 -22.74
CA SER A 306 34.84 5.03 -23.37
C SER A 306 34.47 3.60 -23.00
N ILE A 307 33.91 3.37 -21.81
CA ILE A 307 33.65 1.98 -21.36
C ILE A 307 32.25 1.45 -21.70
N THR A 308 32.15 0.15 -21.94
CA THR A 308 30.94 -0.43 -22.51
C THR A 308 29.85 -0.50 -21.45
N ASN A 309 28.61 -0.65 -21.87
CA ASN A 309 27.52 -0.78 -20.90
C ASN A 309 27.69 -2.01 -20.02
N THR A 310 28.23 -3.07 -20.61
CA THR A 310 28.46 -4.37 -19.96
C THR A 310 29.50 -4.33 -18.85
N SER A 311 30.68 -3.79 -19.17
CA SER A 311 31.75 -3.51 -18.18
C SER A 311 31.20 -2.72 -17.02
N TRP A 312 30.54 -1.61 -17.34
CA TRP A 312 29.95 -0.72 -16.35
C TRP A 312 29.06 -1.46 -15.38
N GLU A 313 28.23 -2.37 -15.88
CA GLU A 313 27.32 -3.15 -15.04
C GLU A 313 28.15 -4.08 -14.17
N MET A 314 29.25 -4.55 -14.74
CA MET A 314 30.17 -5.46 -14.08
C MET A 314 30.93 -4.69 -13.02
N ILE A 315 31.21 -3.41 -13.28
CA ILE A 315 32.00 -2.55 -12.40
C ILE A 315 31.24 -2.25 -11.14
N LYS A 316 29.97 -1.93 -11.31
CA LYS A 316 29.07 -1.56 -10.19
C LYS A 316 28.96 -2.60 -9.08
N LEU A 317 28.95 -3.88 -9.46
CA LEU A 317 28.90 -4.99 -8.52
C LEU A 317 30.22 -5.09 -7.80
N GLU A 318 31.30 -4.92 -8.54
CA GLU A 318 32.63 -4.92 -7.95
C GLU A 318 32.85 -3.75 -6.96
N ALA A 319 32.27 -2.59 -7.27
CA ALA A 319 32.26 -1.48 -6.36
C ALA A 319 31.54 -1.89 -5.09
N ILE A 320 30.37 -2.47 -5.26
CA ILE A 320 29.61 -2.96 -4.12
C ILE A 320 30.44 -3.91 -3.26
N MET A 321 31.16 -4.84 -3.90
CA MET A 321 31.92 -5.84 -3.17
C MET A 321 33.26 -5.32 -2.61
N LYS A 322 33.87 -4.33 -3.27
CA LYS A 322 35.05 -3.67 -2.69
C LYS A 322 34.71 -2.97 -1.38
N TYR A 323 33.64 -2.18 -1.39
CA TYR A 323 33.35 -1.30 -0.26
C TYR A 323 32.41 -1.84 0.81
N LYS A 324 31.68 -2.93 0.50
CA LYS A 324 30.78 -3.59 1.46
C LYS A 324 31.19 -5.01 1.84
N GLU A 325 32.04 -5.60 0.99
CA GLU A 325 32.70 -6.88 1.28
C GLU A 325 31.71 -8.00 1.56
N TYR A 326 30.51 -7.88 0.99
CA TYR A 326 29.43 -8.85 1.20
C TYR A 326 29.84 -10.28 0.85
N ILE A 327 30.60 -10.43 -0.23
CA ILE A 327 31.05 -11.73 -0.68
C ILE A 327 32.55 -11.67 -0.61
N PRO A 328 33.16 -12.50 0.26
CA PRO A 328 34.60 -12.38 0.43
C PRO A 328 35.32 -13.05 -0.72
N GLY A 329 36.28 -12.35 -1.33
CA GLY A 329 37.01 -12.88 -2.47
C GLY A 329 36.64 -12.26 -3.80
N TYR A 330 35.57 -11.48 -3.80
CA TYR A 330 34.99 -10.97 -5.03
C TYR A 330 35.97 -10.03 -5.69
N THR A 331 36.17 -10.22 -6.99
CA THR A 331 37.16 -9.46 -7.77
C THR A 331 36.89 -7.95 -7.88
N SER A 332 37.98 -7.19 -8.07
CA SER A 332 37.93 -5.75 -8.33
C SER A 332 38.81 -5.35 -9.53
N LYS A 333 39.17 -6.34 -10.35
CA LYS A 333 40.04 -6.18 -11.49
C LYS A 333 39.62 -5.01 -12.39
N ASN A 334 38.34 -4.98 -12.74
CA ASN A 334 37.77 -3.98 -13.65
C ASN A 334 37.63 -2.65 -12.96
N PHE A 335 37.00 -2.65 -11.78
CA PHE A 335 36.90 -1.49 -10.93
C PHE A 335 38.24 -0.73 -10.78
N ASP A 336 39.31 -1.44 -10.45
CA ASP A 336 40.58 -0.80 -10.17
C ASP A 336 41.26 -0.15 -11.40
N MET A 337 40.66 -0.29 -12.59
CA MET A 337 41.16 0.36 -13.82
C MET A 337 40.68 1.82 -13.97
N LEU A 338 39.54 2.13 -13.35
CA LEU A 338 38.94 3.48 -13.34
C LEU A 338 39.86 4.56 -12.75
N ASP A 339 39.63 5.83 -13.10
CA ASP A 339 40.35 6.98 -12.46
C ASP A 339 40.02 6.99 -10.96
N GLU A 340 41.01 7.32 -10.14
CA GLU A 340 40.79 7.41 -8.70
C GLU A 340 39.51 8.18 -8.37
N GLU A 341 39.27 9.25 -9.11
CA GLU A 341 38.07 10.10 -8.95
C GLU A 341 36.72 9.35 -9.00
N VAL A 342 36.59 8.49 -10.01
CA VAL A 342 35.40 7.70 -10.22
C VAL A 342 35.27 6.62 -9.15
N GLN A 343 36.36 5.92 -8.89
CA GLN A 343 36.46 5.00 -7.78
C GLN A 343 35.92 5.55 -6.46
N ARG A 344 36.20 6.83 -6.21
CA ARG A 344 35.74 7.58 -5.03
C ARG A 344 34.26 8.02 -5.13
N SER A 345 33.80 8.36 -6.34
CA SER A 345 32.36 8.53 -6.59
C SER A 345 31.61 7.29 -6.14
N PHE A 346 32.13 6.12 -6.53
CA PHE A 346 31.57 4.83 -6.12
C PHE A 346 31.61 4.65 -4.61
N GLU A 347 32.78 4.94 -4.02
CA GLU A 347 32.96 4.85 -2.57
C GLU A 347 31.94 5.70 -1.80
N SER A 348 31.74 6.94 -2.25
CA SER A 348 30.82 7.88 -1.62
C SER A 348 29.41 7.33 -1.57
N ALA A 349 28.93 6.86 -2.73
CA ALA A 349 27.57 6.38 -2.86
C ALA A 349 27.30 5.27 -1.85
N LEU A 350 28.28 4.40 -1.68
CA LEU A 350 28.25 3.23 -0.79
C LEU A 350 28.43 3.56 0.71
N SER A 351 28.79 4.82 1.01
CA SER A 351 29.00 5.24 2.39
C SER A 351 27.71 5.54 3.12
N SER A 352 26.77 6.19 2.44
CA SER A 352 25.51 6.63 3.07
C SER A 352 24.43 5.56 2.94
N LYS A 353 24.88 4.31 2.86
CA LYS A 353 24.00 3.17 2.67
C LYS A 353 24.16 2.20 3.82
N SER A 354 23.09 2.09 4.59
CA SER A 354 23.13 1.40 5.86
C SER A 354 22.96 -0.11 5.66
N ASP A 355 21.82 -0.52 5.10
CA ASP A 355 21.52 -1.95 4.93
C ASP A 355 21.52 -2.45 3.47
N LYS A 356 21.77 -3.75 3.32
CA LYS A 356 21.87 -4.42 2.02
C LYS A 356 20.70 -4.18 1.06
N SER A 357 19.51 -3.97 1.62
CA SER A 357 18.32 -3.71 0.81
C SER A 357 18.29 -2.31 0.17
N GLU A 358 19.25 -1.46 0.55
CA GLU A 358 19.45 -0.15 -0.09
C GLU A 358 20.53 -0.27 -1.16
N ILE A 359 21.14 -1.45 -1.25
CA ILE A 359 22.20 -1.73 -2.23
C ILE A 359 21.66 -2.61 -3.36
N PHE A 360 21.02 -3.72 -3.01
CA PHE A 360 20.34 -4.57 -3.96
C PHE A 360 18.86 -4.26 -3.97
N LEU A 361 18.19 -4.69 -5.04
CA LEU A 361 16.78 -4.51 -5.20
C LEU A 361 16.03 -5.83 -4.89
N PRO A 362 15.28 -5.85 -3.78
CA PRO A 362 14.38 -6.95 -3.42
C PRO A 362 13.36 -7.29 -4.51
N LEU A 363 13.18 -8.57 -4.75
CA LEU A 363 12.14 -9.02 -5.67
C LEU A 363 10.77 -8.42 -5.34
N ASP A 364 10.34 -8.48 -4.08
CA ASP A 364 8.97 -8.06 -3.72
C ASP A 364 7.99 -8.76 -4.63
N ASP A 365 6.97 -8.01 -5.08
CA ASP A 365 5.90 -8.49 -5.90
C ASP A 365 6.23 -8.48 -7.38
N ILE A 366 6.53 -9.68 -7.88
CA ILE A 366 6.75 -9.91 -9.29
C ILE A 366 5.49 -10.49 -9.86
N LYS A 367 5.05 -9.93 -10.98
CA LYS A 367 3.81 -10.36 -11.56
C LYS A 367 4.04 -11.13 -12.83
N VAL A 368 3.12 -12.01 -13.13
CA VAL A 368 3.36 -12.87 -14.25
C VAL A 368 1.97 -13.34 -14.58
N SER A 369 1.78 -13.70 -15.85
CA SER A 369 0.56 -14.27 -16.30
C SER A 369 0.61 -15.79 -16.23
N PRO A 370 -0.55 -16.45 -15.96
CA PRO A 370 -0.61 -17.93 -16.00
C PRO A 370 -0.18 -18.50 -17.34
N LEU A 371 -0.11 -17.62 -18.34
CA LEU A 371 0.14 -18.03 -19.69
C LEU A 371 1.59 -18.12 -19.99
N GLU A 372 2.46 -17.68 -19.08
CA GLU A 372 3.87 -17.52 -19.40
C GLU A 372 4.86 -18.08 -18.40
N VAL A 373 6.09 -18.25 -18.88
CA VAL A 373 7.30 -18.35 -18.05
C VAL A 373 8.24 -17.23 -18.49
N LYS A 374 8.58 -16.33 -17.56
CA LYS A 374 9.57 -15.29 -17.82
C LYS A 374 10.97 -15.89 -17.84
N ILE A 375 11.85 -15.34 -18.67
CA ILE A 375 13.16 -15.90 -18.84
C ILE A 375 14.14 -14.74 -18.99
N ALA A 376 15.36 -14.98 -18.56
CA ALA A 376 16.45 -14.01 -18.74
C ALA A 376 16.99 -14.03 -20.16
N PHE A 377 17.51 -12.89 -20.57
CA PHE A 377 18.15 -12.74 -21.87
C PHE A 377 19.61 -12.43 -21.71
N ALA A 378 20.43 -13.13 -22.46
CA ALA A 378 21.82 -12.76 -22.59
C ALA A 378 22.16 -12.65 -24.08
N ASN A 379 22.76 -11.52 -24.45
CA ASN A 379 23.29 -11.34 -25.78
C ASN A 379 22.17 -11.53 -26.79
N ASN A 380 21.02 -10.90 -26.56
CA ASN A 380 19.89 -10.94 -27.51
C ASN A 380 19.08 -12.25 -27.59
N SER A 381 19.49 -13.26 -26.83
CA SER A 381 18.88 -14.59 -26.78
C SER A 381 18.44 -14.96 -25.37
N VAL A 382 17.37 -15.74 -25.27
CA VAL A 382 16.90 -16.27 -24.01
C VAL A 382 17.94 -17.14 -23.33
N ILE A 383 17.97 -17.08 -22.01
CA ILE A 383 18.84 -17.93 -21.22
C ILE A 383 18.14 -18.25 -19.91
N ASN A 384 18.16 -19.53 -19.54
CA ASN A 384 17.27 -20.03 -18.53
C ASN A 384 17.93 -20.09 -17.16
N GLN A 385 18.95 -19.25 -17.01
CA GLN A 385 19.65 -19.08 -15.74
C GLN A 385 18.79 -18.38 -14.70
N ALA A 386 17.64 -17.86 -15.15
CA ALA A 386 16.70 -17.16 -14.29
C ALA A 386 15.30 -17.29 -14.87
N LEU A 387 14.34 -17.72 -14.06
CA LEU A 387 12.97 -17.99 -14.59
C LEU A 387 11.90 -17.56 -13.62
N ILE A 388 10.74 -17.21 -14.16
CA ILE A 388 9.59 -16.91 -13.29
C ILE A 388 8.33 -17.58 -13.82
N SER A 389 7.58 -18.21 -12.94
CA SER A 389 6.42 -18.98 -13.30
C SER A 389 5.49 -19.14 -12.12
N LEU A 390 4.21 -18.91 -12.38
CA LEU A 390 3.18 -19.33 -11.47
C LEU A 390 3.19 -20.86 -11.34
N LYS A 391 2.74 -21.33 -10.19
CA LYS A 391 2.48 -22.73 -10.01
C LYS A 391 1.49 -23.15 -11.08
N ASP A 392 1.80 -24.23 -11.79
CA ASP A 392 0.83 -24.90 -12.68
C ASP A 392 0.38 -23.93 -13.79
N SER A 393 1.32 -23.11 -14.26
CA SER A 393 1.08 -22.17 -15.33
C SER A 393 1.05 -22.96 -16.60
N TYR A 394 0.36 -22.39 -17.61
CA TYR A 394 0.21 -23.02 -18.91
C TYR A 394 1.57 -23.15 -19.64
N CYS A 395 2.41 -22.13 -19.54
CA CYS A 395 3.69 -22.18 -20.17
C CYS A 395 4.67 -23.12 -19.49
N SER A 396 4.56 -23.43 -18.21
CA SER A 396 5.48 -24.45 -17.66
C SER A 396 5.19 -25.85 -18.24
N ASP A 397 3.92 -26.18 -18.48
CA ASP A 397 3.49 -27.43 -19.16
C ASP A 397 3.96 -27.50 -20.64
N LEU A 398 3.97 -26.37 -21.33
CA LEU A 398 4.52 -26.31 -22.68
C LEU A 398 6.02 -26.61 -22.63
N VAL A 399 6.72 -26.03 -21.65
CA VAL A 399 8.13 -26.30 -21.49
C VAL A 399 8.36 -27.77 -21.20
N ILE A 400 7.70 -28.30 -20.18
CA ILE A 400 7.84 -29.70 -19.79
C ILE A 400 7.49 -30.64 -20.97
N ASN A 401 6.43 -30.32 -21.71
CA ASN A 401 6.08 -31.12 -22.88
C ASN A 401 7.18 -31.15 -23.93
N GLN A 402 7.75 -29.98 -24.18
CA GLN A 402 8.92 -29.80 -25.04
C GLN A 402 10.07 -30.67 -24.62
N ILE A 403 10.35 -30.70 -23.32
CA ILE A 403 11.48 -31.51 -22.83
C ILE A 403 11.19 -33.00 -23.06
N LYS A 404 9.95 -33.41 -22.83
CA LYS A 404 9.53 -34.80 -22.95
C LYS A 404 9.55 -35.26 -24.41
N ASN A 405 9.10 -34.40 -25.31
CA ASN A 405 8.99 -34.74 -26.71
C ASN A 405 10.38 -34.83 -27.35
N ARG A 406 11.28 -33.94 -26.94
CA ARG A 406 12.67 -33.96 -27.39
C ARG A 406 13.40 -35.21 -26.92
N TYR A 407 13.29 -35.54 -25.64
CA TYR A 407 13.99 -36.69 -25.06
C TYR A 407 13.44 -38.02 -25.61
N LYS A 408 12.13 -38.07 -25.88
CA LYS A 408 11.54 -39.26 -26.47
C LYS A 408 12.26 -39.58 -27.78
N ILE A 409 12.42 -38.55 -28.59
CA ILE A 409 13.12 -38.71 -29.84
C ILE A 409 14.58 -39.12 -29.63
N LEU A 410 15.24 -38.45 -28.69
CA LEU A 410 16.62 -38.77 -28.37
C LEU A 410 16.65 -40.22 -27.95
N ASN A 411 15.89 -40.58 -26.91
CA ASN A 411 15.98 -41.91 -26.30
C ASN A 411 15.58 -43.06 -27.23
N ASP A 412 14.44 -42.90 -27.91
CA ASP A 412 13.93 -43.84 -28.89
C ASP A 412 14.98 -44.21 -29.93
N ASN A 413 15.92 -43.30 -30.21
CA ASN A 413 16.95 -43.52 -31.20
C ASN A 413 18.32 -43.83 -30.65
N LEU A 414 18.60 -43.35 -29.45
CA LEU A 414 19.90 -43.56 -28.85
C LEU A 414 20.02 -44.88 -28.09
N ASN A 415 18.96 -45.28 -27.37
CA ASN A 415 18.97 -46.56 -26.65
C ASN A 415 19.21 -47.71 -27.63
N PRO A 416 18.43 -47.81 -28.72
CA PRO A 416 18.71 -48.82 -29.75
C PRO A 416 20.13 -48.77 -30.31
N SER A 417 20.73 -47.58 -30.31
CA SER A 417 22.08 -47.39 -30.83
C SER A 417 23.15 -47.83 -29.85
N ILE A 418 22.91 -47.58 -28.58
CA ILE A 418 23.83 -48.01 -27.54
C ILE A 418 23.87 -49.54 -27.54
N ASN A 419 22.69 -50.17 -27.58
CA ASN A 419 22.54 -51.63 -27.54
C ASN A 419 23.35 -52.33 -28.61
N GLU A 420 23.25 -51.85 -29.85
CA GLU A 420 24.03 -52.36 -30.98
C GLU A 420 25.23 -51.49 -31.30
N GLY A 421 26.42 -51.92 -30.90
CA GLY A 421 27.60 -51.15 -31.16
C GLY A 421 28.69 -51.57 -30.22
N THR A 422 29.72 -52.17 -30.79
CA THR A 422 30.89 -52.60 -30.05
C THR A 422 31.59 -51.46 -29.29
N ASP A 423 31.43 -50.22 -29.75
CA ASP A 423 32.20 -49.08 -29.21
C ASP A 423 31.53 -47.71 -29.41
N PHE A 424 32.19 -46.65 -28.94
CA PHE A 424 31.71 -45.28 -29.10
C PHE A 424 31.44 -44.90 -30.55
N ASN A 425 32.45 -45.10 -31.40
CA ASN A 425 32.37 -44.61 -32.77
C ASN A 425 31.30 -45.36 -33.53
N THR A 426 31.12 -46.64 -33.19
CA THR A 426 30.16 -47.52 -33.84
C THR A 426 28.76 -47.08 -33.47
N THR A 427 28.60 -46.72 -32.20
CA THR A 427 27.31 -46.33 -31.62
C THR A 427 26.85 -44.97 -32.16
N MET A 428 27.77 -44.02 -32.14
CA MET A 428 27.60 -42.71 -32.74
C MET A 428 27.14 -42.78 -34.19
N LYS A 429 27.73 -43.69 -34.97
CA LYS A 429 27.36 -43.82 -36.37
C LYS A 429 25.93 -44.32 -36.48
N ILE A 430 25.65 -45.46 -35.83
CA ILE A 430 24.29 -45.99 -35.68
C ILE A 430 23.29 -44.86 -35.31
N PHE A 431 23.63 -44.09 -34.26
CA PHE A 431 22.80 -42.98 -33.79
C PHE A 431 22.62 -41.84 -34.85
N SER A 432 23.71 -41.36 -35.44
CA SER A 432 23.56 -40.36 -36.50
C SER A 432 22.72 -40.88 -37.67
N ASP A 433 23.02 -42.11 -38.12
CA ASP A 433 22.27 -42.73 -39.22
C ASP A 433 20.81 -42.91 -38.85
N LYS A 434 20.55 -43.28 -37.60
CA LYS A 434 19.19 -43.25 -37.08
C LYS A 434 18.54 -41.84 -37.11
N LEU A 435 19.25 -40.85 -36.60
CA LEU A 435 18.73 -39.49 -36.60
C LEU A 435 18.47 -38.99 -38.03
N ALA A 436 19.35 -39.32 -38.95
CA ALA A 436 19.22 -38.89 -40.34
C ALA A 436 17.92 -39.38 -40.99
N SER A 437 17.55 -40.62 -40.69
CA SER A 437 16.48 -41.29 -41.42
C SER A 437 15.06 -40.80 -41.09
N ILE A 438 14.91 -40.07 -39.98
CA ILE A 438 13.61 -39.48 -39.63
C ILE A 438 13.67 -37.94 -39.64
N SER A 439 14.75 -37.40 -40.18
CA SER A 439 14.95 -35.97 -40.14
C SER A 439 14.28 -35.29 -41.32
N ASN A 440 13.85 -34.05 -41.08
CA ASN A 440 13.13 -33.25 -42.06
C ASN A 440 13.35 -31.76 -41.79
N GLU A 441 12.93 -30.91 -42.72
CA GLU A 441 13.06 -29.47 -42.60
C GLU A 441 12.72 -28.98 -41.18
N ASP A 442 11.62 -29.46 -40.64
CA ASP A 442 11.22 -29.01 -39.33
C ASP A 442 12.25 -29.33 -38.24
N ASN A 443 12.61 -30.59 -38.10
CA ASN A 443 13.44 -31.00 -36.98
C ASN A 443 14.93 -31.18 -37.30
N MET A 444 15.35 -30.74 -38.49
CA MET A 444 16.72 -31.01 -38.98
C MET A 444 17.76 -30.46 -38.03
N MET A 445 17.56 -29.21 -37.60
CA MET A 445 18.52 -28.52 -36.76
C MET A 445 18.64 -29.23 -35.44
N PHE A 446 17.48 -29.58 -34.89
CA PHE A 446 17.37 -30.30 -33.63
C PHE A 446 18.20 -31.57 -33.69
N MET A 447 18.00 -32.34 -34.76
CA MET A 447 18.73 -33.60 -34.97
C MET A 447 20.22 -33.35 -35.02
N ILE A 448 20.62 -32.35 -35.79
CA ILE A 448 22.02 -31.98 -35.83
C ILE A 448 22.52 -31.74 -34.40
N LYS A 449 21.79 -30.92 -33.64
CA LYS A 449 22.33 -30.49 -32.34
C LYS A 449 22.41 -31.54 -31.21
N ILE A 450 21.51 -32.50 -31.23
CA ILE A 450 21.53 -33.63 -30.30
C ILE A 450 22.36 -34.83 -30.82
N THR A 451 22.87 -34.77 -32.06
CA THR A 451 23.71 -35.87 -32.56
C THR A 451 24.91 -36.08 -31.61
N ASN A 452 25.44 -35.01 -31.04
CA ASN A 452 26.62 -35.18 -30.17
C ASN A 452 26.31 -35.37 -28.66
N TYR A 453 25.06 -35.67 -28.31
CA TYR A 453 24.67 -36.00 -26.94
C TYR A 453 25.78 -36.71 -26.06
N LEU A 454 26.25 -37.88 -26.54
CA LEU A 454 27.23 -38.68 -25.78
C LEU A 454 28.56 -37.97 -25.45
N LYS A 455 28.84 -36.84 -26.08
CA LYS A 455 30.06 -36.10 -25.75
C LYS A 455 29.82 -34.93 -24.79
N VAL A 456 28.59 -34.69 -24.37
CA VAL A 456 28.34 -33.53 -23.49
C VAL A 456 29.10 -33.67 -22.17
N GLY A 457 29.89 -32.63 -21.85
CA GLY A 457 30.69 -32.58 -20.63
C GLY A 457 32.09 -33.11 -20.84
N PHE A 458 32.28 -33.83 -21.94
CA PHE A 458 33.45 -34.60 -22.24
C PHE A 458 34.24 -34.07 -23.41
N ALA A 459 33.70 -33.04 -24.08
CA ALA A 459 34.41 -32.38 -25.18
C ALA A 459 33.82 -30.98 -25.37
N PRO A 460 34.56 -30.10 -26.05
CA PRO A 460 34.05 -28.74 -26.07
C PRO A 460 33.10 -28.48 -27.24
N ASP A 461 32.29 -27.43 -27.11
CA ASP A 461 31.43 -26.93 -28.17
C ASP A 461 30.19 -27.77 -28.41
N VAL A 462 29.91 -28.73 -27.55
CA VAL A 462 28.70 -29.55 -27.69
C VAL A 462 27.48 -28.72 -27.27
N ARG A 463 26.37 -28.87 -28.00
CA ARG A 463 25.17 -28.04 -27.82
C ARG A 463 23.90 -28.86 -27.60
N SER A 464 24.06 -30.17 -27.43
CA SER A 464 22.94 -31.05 -27.24
C SER A 464 22.04 -30.53 -26.12
N THR A 465 22.68 -30.12 -25.04
CA THR A 465 21.98 -29.75 -23.81
C THR A 465 21.00 -28.61 -24.00
N ILE A 466 21.48 -27.56 -24.68
CA ILE A 466 20.67 -26.41 -25.09
C ILE A 466 19.36 -26.79 -25.79
N ASN A 467 19.39 -27.87 -26.55
CA ASN A 467 18.26 -28.25 -27.40
C ASN A 467 17.38 -29.33 -26.79
N LEU A 468 17.75 -29.84 -25.63
CA LEU A 468 16.90 -30.78 -24.91
C LEU A 468 16.26 -30.23 -23.65
N SER A 469 16.98 -29.41 -22.91
CA SER A 469 16.47 -29.00 -21.61
C SER A 469 16.78 -27.52 -21.32
N GLY A 470 17.46 -26.86 -22.25
CA GLY A 470 17.92 -25.50 -22.00
C GLY A 470 17.10 -24.52 -22.80
N PRO A 471 17.72 -23.40 -23.21
CA PRO A 471 17.11 -22.30 -23.94
C PRO A 471 16.19 -22.67 -25.11
N GLY A 472 16.44 -23.81 -25.79
CA GLY A 472 15.64 -24.16 -26.98
C GLY A 472 14.21 -24.61 -26.66
N VAL A 473 14.06 -25.27 -25.51
CA VAL A 473 12.76 -25.78 -25.08
C VAL A 473 11.81 -24.62 -24.73
N TYR A 474 12.37 -23.50 -24.28
CA TYR A 474 11.63 -22.31 -23.90
C TYR A 474 11.13 -21.50 -25.10
N THR A 475 11.99 -21.28 -26.11
CA THR A 475 11.58 -20.65 -27.36
C THR A 475 10.62 -21.56 -28.13
N GLY A 476 10.91 -22.87 -28.11
CA GLY A 476 9.94 -23.90 -28.52
C GLY A 476 8.61 -23.72 -27.79
N ALA A 477 8.65 -23.50 -26.48
CA ALA A 477 7.40 -23.31 -25.70
C ALA A 477 6.71 -22.01 -26.04
N TYR A 478 7.49 -20.94 -26.20
CA TYR A 478 6.92 -19.64 -26.53
C TYR A 478 6.27 -19.58 -27.94
N GLN A 479 6.87 -20.31 -28.87
CA GLN A 479 6.30 -20.43 -30.20
C GLN A 479 5.05 -21.30 -30.19
N ASP A 480 5.12 -22.45 -29.52
CA ASP A 480 3.90 -23.21 -29.23
C ASP A 480 2.81 -22.28 -28.73
N LEU A 481 3.12 -21.46 -27.73
CA LEU A 481 2.13 -20.55 -27.15
C LEU A 481 1.56 -19.59 -28.19
N LEU A 482 2.45 -18.87 -28.86
CA LEU A 482 1.96 -17.81 -29.72
C LEU A 482 1.34 -18.32 -31.00
N MET A 483 1.81 -19.49 -31.44
CA MET A 483 1.40 -20.06 -32.74
C MET A 483 0.45 -21.22 -32.56
N PHE A 484 -0.04 -21.37 -31.33
CA PHE A 484 -1.04 -22.38 -30.95
C PHE A 484 -0.61 -23.74 -31.45
N LYS A 485 0.65 -24.11 -31.18
CA LYS A 485 1.15 -25.47 -31.54
C LYS A 485 1.57 -26.18 -30.30
N ASP A 486 2.01 -27.41 -30.49
CA ASP A 486 2.45 -28.23 -29.39
C ASP A 486 3.76 -28.94 -29.76
N ASN A 487 4.39 -28.50 -30.85
CA ASN A 487 5.54 -29.22 -31.40
C ASN A 487 6.68 -28.39 -31.96
N SER A 488 6.68 -27.08 -31.71
CA SER A 488 7.69 -26.20 -32.27
C SER A 488 9.10 -26.71 -32.04
N THR A 489 9.82 -26.93 -33.12
CA THR A 489 11.22 -27.27 -33.04
C THR A 489 12.02 -26.36 -33.98
N ASN A 490 11.38 -25.98 -35.11
CA ASN A 490 11.92 -24.97 -36.03
C ASN A 490 11.44 -23.56 -35.63
N ILE A 491 12.32 -22.77 -35.01
CA ILE A 491 11.84 -21.50 -34.42
C ILE A 491 11.95 -20.28 -35.31
N HIS A 492 10.81 -19.63 -35.57
CA HIS A 492 10.81 -18.39 -36.35
C HIS A 492 10.52 -17.16 -35.49
N LEU A 493 10.54 -17.32 -34.17
CA LEU A 493 10.43 -16.18 -33.26
C LEU A 493 11.68 -15.30 -33.25
N LEU A 494 11.44 -14.00 -33.24
CA LEU A 494 12.48 -12.96 -33.23
C LEU A 494 12.71 -12.44 -31.82
N GLU A 495 13.81 -11.72 -31.60
CA GLU A 495 14.10 -11.20 -30.25
C GLU A 495 12.95 -10.35 -29.68
N PRO A 496 12.47 -9.34 -30.41
CA PRO A 496 11.43 -8.48 -29.83
C PRO A 496 10.04 -9.12 -29.62
N GLU A 497 9.84 -10.32 -30.13
CA GLU A 497 8.62 -11.06 -29.82
C GLU A 497 8.90 -11.81 -28.54
N LEU A 498 10.10 -12.35 -28.46
CA LEU A 498 10.52 -13.11 -27.33
C LEU A 498 10.75 -12.22 -26.13
N ARG A 499 10.87 -10.90 -26.35
CA ARG A 499 11.09 -9.95 -25.26
C ARG A 499 9.85 -9.83 -24.39
N ASN A 500 8.70 -10.21 -24.97
CA ASN A 500 7.45 -10.28 -24.21
C ASN A 500 7.53 -11.17 -22.96
N PHE A 501 8.54 -12.03 -22.88
CA PHE A 501 8.68 -12.99 -21.81
C PHE A 501 9.92 -12.77 -20.96
N GLU A 502 10.53 -11.61 -21.11
CA GLU A 502 11.73 -11.31 -20.38
C GLU A 502 11.49 -11.06 -18.91
N PHE A 503 12.34 -11.73 -18.13
CA PHE A 503 12.51 -11.57 -16.70
C PHE A 503 12.85 -10.09 -16.46
N PRO A 504 12.12 -9.43 -15.54
CA PRO A 504 12.28 -7.98 -15.32
C PRO A 504 13.74 -7.55 -15.08
N LYS A 505 14.24 -6.65 -15.91
CA LYS A 505 15.67 -6.33 -16.00
C LYS A 505 16.32 -5.86 -14.69
N THR A 506 15.62 -5.00 -13.97
CA THR A 506 16.17 -4.38 -12.76
C THR A 506 16.32 -5.36 -11.60
N LYS A 507 15.73 -6.54 -11.71
CA LYS A 507 15.69 -7.49 -10.58
C LYS A 507 16.67 -8.67 -10.67
N ILE A 508 17.66 -8.54 -11.54
CA ILE A 508 18.75 -9.50 -11.60
C ILE A 508 20.02 -8.80 -12.07
N SER A 509 21.16 -9.27 -11.56
CA SER A 509 22.47 -8.87 -12.05
C SER A 509 23.11 -10.12 -12.57
N GLN A 510 23.18 -10.24 -13.90
CA GLN A 510 23.72 -11.46 -14.50
C GLN A 510 25.24 -11.43 -14.64
N LEU A 511 25.85 -10.25 -14.53
CA LEU A 511 27.22 -10.02 -14.93
C LEU A 511 28.14 -10.06 -13.71
N THR A 512 27.96 -11.14 -12.98
CA THR A 512 28.74 -11.47 -11.80
C THR A 512 30.01 -12.21 -12.21
N GLU A 513 30.98 -12.23 -11.28
CA GLU A 513 32.26 -12.88 -11.46
C GLU A 513 32.06 -14.37 -11.78
N GLN A 514 31.29 -15.08 -10.96
CA GLN A 514 31.05 -16.51 -11.19
C GLN A 514 30.39 -16.77 -12.52
N GLU A 515 29.42 -15.95 -12.91
CA GLU A 515 28.74 -16.16 -14.19
C GLU A 515 29.80 -16.14 -15.28
N ILE A 516 30.52 -15.01 -15.38
CA ILE A 516 31.53 -14.77 -16.40
C ILE A 516 32.59 -15.87 -16.41
N THR A 517 32.95 -16.34 -15.23
CA THR A 517 33.79 -17.54 -15.11
C THR A 517 33.14 -18.75 -15.77
N SER A 518 31.82 -18.87 -15.68
CA SER A 518 31.10 -20.04 -16.21
C SER A 518 30.78 -19.90 -17.70
N LEU A 519 31.01 -18.73 -18.25
CA LEU A 519 30.89 -18.55 -19.69
C LEU A 519 32.17 -19.01 -20.41
N TRP A 520 33.20 -19.41 -19.65
CA TRP A 520 34.39 -20.10 -20.20
C TRP A 520 34.48 -21.56 -19.73
N SER A 521 33.49 -22.38 -20.10
CA SER A 521 33.51 -23.81 -19.76
C SER A 521 34.44 -24.61 -20.67
N ALA A 525 34.53 -20.90 -27.90
CA ALA A 525 35.99 -20.96 -27.80
C ALA A 525 36.50 -22.35 -27.38
N ARG A 526 37.81 -22.47 -27.18
CA ARG A 526 38.45 -23.77 -26.98
C ARG A 526 39.67 -23.76 -26.07
N ALA A 527 39.76 -24.83 -25.26
CA ALA A 527 40.90 -25.08 -24.41
C ALA A 527 41.87 -26.10 -25.03
N LYS A 528 42.89 -25.58 -25.71
CA LYS A 528 44.09 -26.35 -26.03
C LYS A 528 44.85 -26.51 -24.72
N SER A 529 44.64 -25.55 -23.83
CA SER A 529 45.37 -25.38 -22.58
C SER A 529 45.19 -26.50 -21.58
N GLN A 530 44.11 -27.27 -21.73
CA GLN A 530 43.86 -28.42 -20.87
C GLN A 530 44.68 -29.63 -21.28
N PHE A 531 44.65 -29.99 -22.56
CA PHE A 531 45.48 -31.07 -23.11
C PHE A 531 46.97 -30.76 -22.95
N GLU A 532 47.27 -29.51 -22.62
CA GLU A 532 48.64 -29.12 -22.30
C GLU A 532 48.88 -29.19 -20.79
N GLU A 533 47.84 -28.92 -20.00
CA GLU A 533 47.91 -29.02 -18.55
C GLU A 533 47.91 -30.49 -18.11
N TYR A 534 47.18 -31.33 -18.83
CA TYR A 534 47.20 -32.78 -18.59
C TYR A 534 48.53 -33.34 -19.05
N LYS A 535 49.09 -32.77 -20.12
CA LYS A 535 50.45 -33.05 -20.59
C LYS A 535 51.43 -32.71 -19.49
N LYS A 536 51.25 -31.52 -18.92
CA LYS A 536 52.11 -30.97 -17.86
C LYS A 536 52.11 -31.84 -16.59
N GLY A 537 50.95 -32.39 -16.23
CA GLY A 537 50.81 -33.29 -15.08
C GLY A 537 51.60 -34.58 -15.19
N TYR A 538 52.49 -34.64 -16.17
CA TYR A 538 53.31 -35.83 -16.45
C TYR A 538 54.82 -35.56 -16.46
N PHE A 539 55.20 -34.29 -16.37
CA PHE A 539 56.59 -33.91 -16.05
C PHE A 539 56.64 -33.01 -14.80
N GLU A 540 55.46 -32.64 -14.29
CA GLU A 540 55.35 -31.84 -13.08
C GLU A 540 54.80 -32.71 -11.93
N GLY A 541 55.68 -33.55 -11.35
CA GLY A 541 55.29 -34.45 -10.27
C GLY A 541 56.41 -35.19 -9.54
N ALA A 542 56.16 -36.48 -9.28
CA ALA A 542 57.05 -37.32 -8.45
C ALA A 542 58.39 -37.68 -9.15
N LEU B 3 -4.14 26.22 47.85
CA LEU B 3 -3.45 25.51 48.94
C LEU B 3 -3.62 26.36 50.20
N VAL B 4 -2.53 26.98 50.64
CA VAL B 4 -2.44 27.70 51.88
C VAL B 4 -1.28 28.60 51.55
N ASN B 5 -1.39 29.89 51.81
CA ASN B 5 -0.25 30.76 51.60
C ASN B 5 0.70 30.57 52.78
N LYS B 6 1.91 31.12 52.68
CA LYS B 6 2.86 31.00 53.78
C LYS B 6 2.36 31.55 55.13
N ALA B 7 1.62 32.66 55.12
CA ALA B 7 1.13 33.28 56.35
C ALA B 7 0.14 32.37 57.09
N GLN B 8 -0.71 31.70 56.33
CA GLN B 8 -1.63 30.67 56.86
C GLN B 8 -0.86 29.47 57.40
N LEU B 9 0.25 29.14 56.76
CA LEU B 9 1.09 28.04 57.23
C LEU B 9 1.74 28.37 58.58
N GLN B 10 2.42 29.51 58.65
CA GLN B 10 2.94 30.06 59.92
C GLN B 10 1.96 30.03 61.11
N LYS B 11 0.66 30.24 60.84
CA LYS B 11 -0.36 30.16 61.90
C LYS B 11 -0.78 28.76 62.24
N MET B 12 -0.76 27.88 61.24
CA MET B 12 -0.97 26.47 61.43
C MET B 12 0.11 25.90 62.33
N ALA B 13 1.37 26.20 61.99
CA ALA B 13 2.53 25.60 62.63
C ALA B 13 3.09 26.50 63.71
N TYR B 14 2.33 27.54 64.05
CA TYR B 14 2.71 28.48 65.08
C TYR B 14 2.96 27.73 66.35
N VAL B 15 4.17 27.92 66.89
CA VAL B 15 4.59 27.44 68.21
C VAL B 15 5.23 28.58 69.00
N LYS B 16 4.57 28.96 70.09
CA LYS B 16 4.95 30.09 70.94
C LYS B 16 6.43 30.18 71.29
N PHE B 17 7.05 31.30 70.93
CA PHE B 17 8.45 31.62 71.26
C PHE B 17 9.51 30.73 70.57
N ARG B 18 9.08 29.69 69.85
CA ARG B 18 10.03 28.78 69.19
C ARG B 18 10.71 29.47 67.99
N ILE B 19 12.02 29.32 67.91
CA ILE B 19 12.78 29.85 66.80
C ILE B 19 12.38 29.19 65.47
N GLN B 20 12.34 30.03 64.46
CA GLN B 20 12.16 29.63 63.10
C GLN B 20 13.44 28.97 62.61
N GLU B 21 13.37 27.66 62.45
CA GLU B 21 14.52 26.87 62.07
C GLU B 21 14.77 27.11 60.57
N ASP B 22 16.03 27.03 60.14
CA ASP B 22 16.36 27.11 58.71
C ASP B 22 15.47 26.18 57.88
N GLU B 23 15.21 24.99 58.40
CA GLU B 23 14.44 23.99 57.66
C GLU B 23 13.00 24.42 57.54
N TYR B 24 12.57 25.20 58.52
CA TYR B 24 11.20 25.69 58.58
C TYR B 24 11.04 26.92 57.68
N VAL B 25 12.06 27.77 57.68
CA VAL B 25 12.07 28.94 56.84
C VAL B 25 12.11 28.50 55.37
N ALA B 26 12.91 27.48 55.07
CA ALA B 26 13.05 26.98 53.70
C ALA B 26 11.70 26.56 53.18
N ILE B 27 10.91 25.88 54.01
CA ILE B 27 9.55 25.45 53.67
C ILE B 27 8.72 26.64 53.30
N LEU B 28 8.81 27.66 54.15
CA LEU B 28 7.99 28.85 53.99
C LEU B 28 8.38 29.60 52.73
N ASN B 29 9.70 29.74 52.48
CA ASN B 29 10.21 30.29 51.23
C ASN B 29 9.70 29.54 50.00
N ALA B 30 9.90 28.21 49.99
CA ALA B 30 9.43 27.36 48.90
C ALA B 30 7.93 27.56 48.67
N LEU B 31 7.13 27.53 49.74
CA LEU B 31 5.68 27.69 49.62
C LEU B 31 5.29 29.06 49.02
N GLU B 32 6.04 30.11 49.36
CA GLU B 32 5.81 31.46 48.83
C GLU B 32 6.09 31.55 47.31
N GLU B 33 7.27 31.11 46.90
CA GLU B 33 7.55 30.92 45.46
C GLU B 33 6.45 30.20 44.74
N TYR B 34 6.00 29.08 45.28
CA TYR B 34 4.84 28.39 44.72
C TYR B 34 3.67 29.33 44.37
N HIS B 35 3.33 30.24 45.28
CA HIS B 35 2.17 31.10 45.14
C HIS B 35 2.39 32.25 44.15
N ASN B 36 3.68 32.59 43.96
CA ASN B 36 4.20 33.45 42.89
C ASN B 36 4.49 32.70 41.57
N MET B 37 3.85 31.55 41.36
CA MET B 37 3.98 30.88 40.06
C MET B 37 2.64 30.69 39.35
N SER B 38 1.63 31.51 39.64
CA SER B 38 0.29 31.22 39.10
C SER B 38 0.32 31.06 37.58
N GLU B 39 1.30 31.70 36.94
CA GLU B 39 1.46 31.60 35.49
C GLU B 39 2.43 30.50 34.98
N SER B 40 3.01 29.70 35.88
CA SER B 40 3.91 28.61 35.46
C SER B 40 3.14 27.48 34.83
N SER B 41 3.83 26.63 34.08
CA SER B 41 3.19 25.43 33.56
C SER B 41 2.80 24.49 34.72
N VAL B 42 1.78 23.70 34.49
CA VAL B 42 1.24 22.81 35.52
C VAL B 42 2.29 21.86 36.09
N VAL B 43 3.09 21.24 35.20
CA VAL B 43 4.16 20.34 35.63
C VAL B 43 5.16 21.11 36.49
N GLU B 44 5.54 22.34 36.15
CA GLU B 44 6.42 23.14 37.06
C GLU B 44 5.80 23.44 38.42
N LYS B 45 4.50 23.71 38.44
CA LYS B 45 3.77 23.84 39.70
C LYS B 45 3.85 22.54 40.45
N TYR B 46 3.70 21.40 39.75
CA TYR B 46 3.78 20.13 40.43
C TYR B 46 5.16 19.85 41.01
N LEU B 47 6.21 20.23 40.27
CA LEU B 47 7.58 19.96 40.67
C LEU B 47 7.90 20.78 41.88
N LYS B 48 7.38 21.98 41.88
CA LYS B 48 7.47 22.86 43.03
C LYS B 48 6.86 22.21 44.27
N LEU B 49 5.64 21.69 44.15
CA LEU B 49 4.97 21.06 45.31
C LEU B 49 5.79 19.94 45.84
N LYS B 50 6.29 19.11 44.93
CA LYS B 50 7.11 17.94 45.26
C LYS B 50 8.29 18.39 46.14
N ASP B 51 8.95 19.49 45.79
CA ASP B 51 10.07 19.96 46.60
C ASP B 51 9.64 20.48 47.97
N ILE B 52 8.53 21.19 48.06
CA ILE B 52 7.94 21.60 49.35
C ILE B 52 7.66 20.36 50.24
N ASN B 53 7.14 19.31 49.64
CA ASN B 53 6.90 18.10 50.36
C ASN B 53 8.20 17.47 50.90
N ASN B 54 9.21 17.38 50.06
CA ASN B 54 10.56 16.95 50.44
C ASN B 54 11.23 17.87 51.49
N LEU B 55 10.95 19.16 51.41
CA LEU B 55 11.37 20.11 52.44
C LEU B 55 10.64 19.90 53.78
N THR B 56 9.38 19.46 53.74
CA THR B 56 8.61 19.26 54.98
C THR B 56 9.03 17.96 55.66
N ASP B 57 9.35 16.95 54.84
CA ASP B 57 9.82 15.69 55.31
C ASP B 57 11.22 15.89 55.92
N ASN B 58 11.99 16.78 55.30
CA ASN B 58 13.27 17.22 55.85
C ASN B 58 13.13 17.75 57.26
N TYR B 59 12.21 18.71 57.46
CA TYR B 59 11.97 19.27 58.77
C TYR B 59 11.51 18.19 59.79
N LEU B 60 10.50 17.40 59.41
CA LEU B 60 9.92 16.39 60.27
C LEU B 60 10.94 15.40 60.77
N ASN B 61 11.90 15.05 59.90
CA ASN B 61 12.99 14.18 60.32
C ASN B 61 14.16 14.88 61.06
N THR B 62 14.17 16.21 61.07
CA THR B 62 15.22 16.95 61.80
C THR B 62 14.79 17.42 63.19
N TYR B 63 13.50 17.33 63.47
CA TYR B 63 12.88 17.81 64.71
C TYR B 63 11.71 16.90 65.00
N LYS B 64 12.02 15.66 65.37
CA LYS B 64 10.99 14.67 65.45
C LYS B 64 9.99 14.94 66.55
N LYS B 65 10.41 15.69 67.58
CA LYS B 65 9.59 15.93 68.78
C LYS B 65 9.02 17.36 68.83
N SER B 66 9.16 18.06 67.71
CA SER B 66 8.72 19.44 67.52
C SER B 66 7.19 19.64 67.60
N GLY B 67 6.77 20.75 68.17
CA GLY B 67 5.35 21.07 68.22
C GLY B 67 4.75 21.42 66.88
N ARG B 68 5.62 21.62 65.87
CA ARG B 68 5.19 21.99 64.51
C ARG B 68 4.72 20.79 63.69
N ASN B 69 5.05 19.58 64.13
CA ASN B 69 4.81 18.36 63.33
C ASN B 69 3.36 18.03 63.04
N LYS B 70 2.46 18.25 64.01
CA LYS B 70 1.03 18.00 63.75
C LYS B 70 0.55 18.79 62.57
N ALA B 71 0.88 20.08 62.57
CA ALA B 71 0.51 21.00 61.51
C ALA B 71 1.30 20.78 60.23
N LEU B 72 2.51 20.26 60.29
CA LEU B 72 3.24 20.01 59.04
C LEU B 72 2.77 18.77 58.31
N LYS B 73 2.29 17.80 59.06
CA LYS B 73 1.73 16.61 58.42
C LYS B 73 0.34 16.90 57.84
N LYS B 74 -0.37 17.85 58.46
CA LYS B 74 -1.63 18.39 57.87
C LYS B 74 -1.36 19.11 56.55
N PHE B 75 -0.38 20.01 56.58
CA PHE B 75 0.10 20.66 55.36
C PHE B 75 0.51 19.67 54.25
N LYS B 76 1.29 18.64 54.57
CA LYS B 76 1.55 17.60 53.58
C LYS B 76 0.27 17.05 52.96
N GLU B 77 -0.80 16.91 53.74
CA GLU B 77 -2.09 16.51 53.16
C GLU B 77 -2.66 17.59 52.22
N TYR B 78 -2.44 18.86 52.57
CA TYR B 78 -2.90 19.95 51.72
C TYR B 78 -2.12 19.94 50.42
N LEU B 79 -0.83 19.64 50.45
CA LEU B 79 -0.06 19.49 49.20
C LEU B 79 -0.67 18.43 48.28
N THR B 80 -1.13 17.30 48.83
CA THR B 80 -1.65 16.20 47.99
C THR B 80 -3.03 16.57 47.41
N MET B 81 -3.86 17.18 48.25
CA MET B 81 -5.09 17.79 47.78
C MET B 81 -4.82 18.76 46.64
N GLU B 82 -3.85 19.66 46.84
CA GLU B 82 -3.48 20.65 45.83
C GLU B 82 -3.09 20.02 44.48
N VAL B 83 -2.43 18.87 44.50
CA VAL B 83 -2.17 18.18 43.22
C VAL B 83 -3.44 17.95 42.42
N LEU B 84 -4.49 17.47 43.09
CA LEU B 84 -5.80 17.19 42.47
C LEU B 84 -6.39 18.45 41.88
N GLU B 85 -6.20 19.58 42.57
CA GLU B 85 -6.75 20.84 42.11
C GLU B 85 -5.97 21.34 40.90
N LEU B 86 -4.64 21.23 40.96
CA LEU B 86 -3.81 21.40 39.75
C LEU B 86 -4.32 20.57 38.54
N LYS B 87 -4.41 19.26 38.73
CA LYS B 87 -4.96 18.36 37.72
C LYS B 87 -6.33 18.91 37.22
N ASN B 88 -7.29 19.08 38.10
CA ASN B 88 -8.63 19.57 37.73
C ASN B 88 -8.63 20.92 37.00
N ASN B 89 -7.61 21.73 37.22
CA ASN B 89 -7.52 23.04 36.60
C ASN B 89 -6.62 23.13 35.34
N SER B 90 -6.00 22.02 34.99
CA SER B 90 -5.10 21.96 33.85
C SER B 90 -5.65 21.08 32.74
N LEU B 91 -6.96 20.80 32.78
CA LEU B 91 -7.61 20.01 31.74
C LEU B 91 -7.58 20.70 30.38
N THR B 92 -7.22 19.91 29.35
CA THR B 92 -7.26 20.31 27.93
C THR B 92 -7.52 19.09 27.05
N PRO B 93 -8.18 19.28 25.89
CA PRO B 93 -8.41 18.14 25.02
C PRO B 93 -7.15 17.43 24.54
N VAL B 94 -7.23 16.11 24.59
CA VAL B 94 -6.19 15.19 24.17
C VAL B 94 -5.97 15.29 22.65
N GLU B 95 -4.76 14.94 22.21
CA GLU B 95 -4.48 14.67 20.81
C GLU B 95 -5.52 13.67 20.35
N LYS B 96 -6.09 13.90 19.18
CA LYS B 96 -7.18 13.03 18.70
C LYS B 96 -6.67 11.76 17.99
N ASN B 97 -5.94 10.95 18.75
CA ASN B 97 -5.51 9.63 18.26
C ASN B 97 -6.23 8.55 19.04
N LEU B 98 -6.61 7.51 18.31
CA LEU B 98 -7.16 6.29 18.90
C LEU B 98 -6.18 5.14 18.65
N HIS B 99 -5.61 4.59 19.73
CA HIS B 99 -4.55 3.59 19.62
C HIS B 99 -5.14 2.24 19.92
N PHE B 100 -4.97 1.30 19.00
CA PHE B 100 -5.11 -0.15 19.29
C PHE B 100 -3.76 -0.85 19.09
N ILE B 101 -3.61 -2.05 19.62
CA ILE B 101 -2.42 -2.82 19.42
C ILE B 101 -2.81 -4.24 19.11
N TRP B 102 -2.15 -4.83 18.11
CA TRP B 102 -2.22 -6.26 17.88
C TRP B 102 -0.90 -6.81 17.36
N ILE B 103 -0.23 -7.56 18.24
CA ILE B 103 1.08 -8.07 17.94
C ILE B 103 1.15 -9.59 18.13
N GLY B 104 2.09 -10.24 17.45
CA GLY B 104 2.39 -11.64 17.69
C GLY B 104 1.67 -12.59 16.80
N GLY B 105 0.73 -12.08 16.02
CA GLY B 105 -0.10 -12.91 15.16
C GLY B 105 -1.02 -12.15 14.26
N GLN B 106 -1.88 -12.88 13.56
CA GLN B 106 -2.82 -12.24 12.67
C GLN B 106 -3.99 -11.66 13.44
N ILE B 107 -4.39 -10.46 13.03
CA ILE B 107 -5.51 -9.76 13.63
C ILE B 107 -6.80 -10.46 13.19
N ASN B 108 -7.56 -11.01 14.14
CA ASN B 108 -8.89 -11.58 13.88
C ASN B 108 -9.92 -10.54 13.42
N ASP B 109 -10.88 -10.97 12.61
CA ASP B 109 -11.91 -10.08 12.11
C ASP B 109 -12.70 -9.45 13.24
N THR B 110 -12.85 -10.18 14.34
CA THR B 110 -13.54 -9.71 15.54
C THR B 110 -12.93 -8.39 16.06
N ALA B 111 -11.60 -8.31 16.04
CA ALA B 111 -10.90 -7.09 16.43
C ALA B 111 -11.25 -5.94 15.49
N ILE B 112 -11.36 -6.23 14.19
CA ILE B 112 -11.56 -5.20 13.16
C ILE B 112 -12.89 -4.55 13.37
N ASN B 113 -13.88 -5.41 13.60
CA ASN B 113 -15.26 -5.02 13.71
C ASN B 113 -15.53 -4.14 14.91
N TYR B 114 -14.87 -4.45 16.03
CA TYR B 114 -14.91 -3.63 17.23
C TYR B 114 -14.24 -2.28 17.03
N ILE B 115 -13.04 -2.30 16.43
CA ILE B 115 -12.33 -1.08 15.99
C ILE B 115 -13.13 -0.19 15.05
N ASN B 116 -13.79 -0.79 14.05
CA ASN B 116 -14.56 -0.02 13.11
C ASN B 116 -15.65 0.81 13.77
N GLN B 117 -16.22 0.31 14.85
CA GLN B 117 -17.26 1.09 15.55
C GLN B 117 -16.71 2.44 16.06
N TRP B 118 -15.58 2.37 16.73
CA TRP B 118 -14.85 3.55 17.15
C TRP B 118 -14.57 4.43 15.96
N LYS B 119 -14.01 3.84 14.90
CA LYS B 119 -13.69 4.52 13.64
C LYS B 119 -14.88 5.31 13.04
N ASP B 120 -16.06 4.69 12.96
CA ASP B 120 -17.18 5.35 12.31
C ASP B 120 -17.61 6.62 13.03
N VAL B 121 -17.75 6.57 14.34
CA VAL B 121 -18.32 7.72 15.04
C VAL B 121 -17.25 8.73 15.52
N ASN B 122 -15.98 8.47 15.23
CA ASN B 122 -14.94 9.41 15.62
C ASN B 122 -14.11 9.88 14.46
N SER B 123 -14.80 10.50 13.51
CA SER B 123 -14.25 10.87 12.21
C SER B 123 -13.15 11.90 12.32
N ASP B 124 -13.08 12.56 13.46
CA ASP B 124 -12.02 13.52 13.78
C ASP B 124 -10.83 12.92 14.48
N TYR B 125 -10.92 11.63 14.83
CA TYR B 125 -9.82 10.90 15.46
C TYR B 125 -9.02 10.08 14.43
N THR B 126 -7.71 10.04 14.62
CA THR B 126 -6.88 9.20 13.79
C THR B 126 -6.70 7.83 14.45
N VAL B 127 -7.24 6.81 13.80
CA VAL B 127 -7.17 5.45 14.30
C VAL B 127 -5.86 4.81 13.87
N LYS B 128 -5.12 4.25 14.83
CA LYS B 128 -3.80 3.63 14.62
C LYS B 128 -3.81 2.26 15.29
N VAL B 129 -3.61 1.20 14.52
CA VAL B 129 -3.57 -0.14 15.10
C VAL B 129 -2.13 -0.57 15.06
N PHE B 130 -1.44 -0.42 16.19
CA PHE B 130 -0.01 -0.73 16.23
C PHE B 130 0.23 -2.22 16.12
N TYR B 131 1.23 -2.58 15.36
CA TYR B 131 1.56 -3.98 15.07
C TYR B 131 3.08 -4.04 14.94
N ASP B 132 3.65 -5.24 15.05
CA ASP B 132 5.10 -5.43 14.99
C ASP B 132 5.43 -6.29 13.77
N SER B 133 5.89 -5.65 12.69
CA SER B 133 6.13 -6.36 11.43
C SER B 133 7.19 -7.44 11.55
N ASN B 134 7.98 -7.40 12.63
CA ASN B 134 9.04 -8.37 12.84
C ASN B 134 8.61 -9.56 13.64
N ALA B 135 7.37 -9.56 14.12
CA ALA B 135 6.91 -10.63 14.96
C ALA B 135 5.45 -10.89 14.65
N PHE B 136 5.21 -11.92 13.88
CA PHE B 136 3.88 -12.29 13.54
C PHE B 136 3.77 -13.76 13.94
N LEU B 137 4.93 -14.35 14.27
CA LEU B 137 5.06 -15.77 14.53
C LEU B 137 5.19 -16.12 16.02
N ILE B 138 5.00 -15.10 16.86
CA ILE B 138 5.08 -15.26 18.30
C ILE B 138 4.07 -16.28 18.82
N ASN B 139 2.82 -16.21 18.33
CA ASN B 139 1.78 -17.17 18.79
C ASN B 139 1.99 -18.58 18.20
N THR B 140 2.66 -18.61 17.05
CA THR B 140 2.99 -19.83 16.36
C THR B 140 4.12 -20.48 17.17
N LEU B 141 5.15 -19.70 17.51
CA LEU B 141 6.19 -20.20 18.39
C LEU B 141 5.61 -20.78 19.67
N LYS B 142 4.78 -19.97 20.34
CA LYS B 142 4.22 -20.33 21.64
C LYS B 142 3.32 -21.54 21.53
N LYS B 143 2.34 -21.49 20.64
CA LYS B 143 1.46 -22.64 20.43
C LYS B 143 2.27 -23.93 20.16
N THR B 144 3.36 -23.81 19.37
CA THR B 144 4.18 -24.98 19.05
C THR B 144 4.79 -25.63 20.29
N ILE B 145 5.55 -24.82 21.02
CA ILE B 145 6.28 -25.25 22.22
C ILE B 145 5.34 -25.82 23.29
N VAL B 146 4.15 -25.20 23.45
CA VAL B 146 3.18 -25.63 24.46
C VAL B 146 2.65 -27.02 24.15
N GLU B 147 2.17 -27.20 22.92
CA GLU B 147 1.62 -28.50 22.52
C GLU B 147 2.66 -29.60 22.57
N SER B 148 3.87 -29.33 22.07
CA SER B 148 5.01 -30.25 22.19
C SER B 148 5.23 -30.61 23.67
N ALA B 149 5.03 -29.64 24.56
CA ALA B 149 5.18 -29.92 26.00
C ALA B 149 4.00 -30.73 26.52
N THR B 150 2.82 -30.50 25.95
CA THR B 150 1.61 -31.24 26.30
C THR B 150 1.79 -32.70 25.89
N ASN B 151 2.18 -32.92 24.64
CA ASN B 151 2.42 -34.26 24.13
C ASN B 151 3.52 -34.96 24.92
N ASN B 152 4.67 -34.31 25.12
CA ASN B 152 5.78 -34.94 25.85
C ASN B 152 5.42 -35.30 27.29
N THR B 153 4.50 -34.52 27.87
CA THR B 153 3.92 -34.79 29.20
C THR B 153 3.01 -35.99 29.17
N LEU B 154 1.97 -35.95 28.34
CA LEU B 154 1.02 -37.06 28.30
C LEU B 154 1.67 -38.39 27.86
N GLU B 155 2.94 -38.33 27.43
CA GLU B 155 3.71 -39.56 27.15
C GLU B 155 4.26 -40.16 28.45
N SER B 156 4.56 -39.29 29.42
CA SER B 156 5.04 -39.72 30.73
C SER B 156 3.91 -40.30 31.58
N PHE B 157 2.70 -39.77 31.38
CA PHE B 157 1.50 -40.20 32.10
C PHE B 157 0.75 -41.27 31.31
N ARG B 158 1.41 -41.89 30.34
CA ARG B 158 0.72 -42.59 29.26
C ARG B 158 -0.45 -43.43 29.81
N GLU B 159 -0.14 -44.27 30.79
CA GLU B 159 -1.04 -45.34 31.21
C GLU B 159 -1.83 -45.03 32.50
N ASN B 160 -1.55 -43.88 33.10
CA ASN B 160 -1.96 -43.62 34.49
C ASN B 160 -3.00 -42.49 34.67
N LEU B 161 -4.01 -42.47 33.79
CA LEU B 161 -4.89 -41.31 33.63
C LEU B 161 -6.04 -41.13 34.64
N ASN B 162 -6.84 -42.18 34.83
CA ASN B 162 -8.05 -42.10 35.68
C ASN B 162 -7.85 -42.41 37.18
N ASP B 163 -6.69 -42.99 37.53
CA ASP B 163 -6.23 -43.14 38.91
C ASP B 163 -4.84 -42.46 39.06
N PRO B 164 -4.46 -42.04 40.28
CA PRO B 164 -5.25 -41.73 41.47
C PRO B 164 -5.55 -40.23 41.54
N GLU B 165 -4.50 -39.41 41.58
CA GLU B 165 -4.60 -37.95 41.53
C GLU B 165 -3.50 -37.30 40.67
N PHE B 166 -3.28 -37.87 39.47
CA PHE B 166 -2.45 -37.22 38.45
C PHE B 166 -3.30 -36.16 37.74
N ASP B 167 -4.10 -35.46 38.56
CA ASP B 167 -5.08 -34.52 38.05
C ASP B 167 -4.46 -33.25 37.46
N TYR B 168 -5.30 -32.25 37.22
CA TYR B 168 -4.87 -31.02 36.62
C TYR B 168 -3.71 -30.36 37.38
N ASN B 169 -3.56 -30.71 38.65
CA ASN B 169 -2.49 -30.15 39.47
C ASN B 169 -1.09 -30.63 39.05
N LYS B 170 -1.00 -31.88 38.59
CA LYS B 170 0.28 -32.54 38.36
C LYS B 170 0.73 -32.42 36.90
N PHE B 171 -0.25 -32.47 36.02
CA PHE B 171 -0.05 -32.33 34.58
C PHE B 171 0.64 -30.99 34.37
N TYR B 172 0.00 -29.92 34.81
CA TYR B 172 0.54 -28.58 34.69
C TYR B 172 1.91 -28.43 35.33
N ARG B 173 2.15 -29.08 36.47
CA ARG B 173 3.47 -29.10 37.10
C ARG B 173 4.50 -29.71 36.15
N LYS B 174 4.17 -30.87 35.59
CA LYS B 174 5.11 -31.61 34.76
C LYS B 174 5.22 -31.05 33.34
N ARG B 175 4.14 -30.53 32.81
CA ARG B 175 4.14 -29.82 31.54
C ARG B 175 4.96 -28.52 31.62
N MET B 176 4.81 -27.78 32.72
CA MET B 176 5.48 -26.50 32.90
C MET B 176 7.00 -26.67 32.90
N GLU B 177 7.46 -27.69 33.61
CA GLU B 177 8.87 -28.13 33.62
C GLU B 177 9.42 -28.37 32.22
N ILE B 178 8.58 -28.97 31.37
CA ILE B 178 8.95 -29.27 30.00
C ILE B 178 8.97 -27.95 29.21
N ILE B 179 7.89 -27.17 29.31
CA ILE B 179 7.79 -25.83 28.69
C ILE B 179 9.07 -25.02 28.91
N TYR B 180 9.40 -24.76 30.17
CA TYR B 180 10.64 -24.08 30.52
C TYR B 180 11.92 -24.59 29.80
N ASP B 181 12.18 -25.91 29.84
CA ASP B 181 13.29 -26.51 29.07
C ASP B 181 13.28 -26.05 27.63
N LYS B 182 12.13 -26.18 26.97
CA LYS B 182 11.96 -25.86 25.56
C LYS B 182 12.01 -24.38 25.26
N GLN B 183 11.45 -23.57 26.18
CA GLN B 183 11.48 -22.11 26.08
C GLN B 183 12.87 -21.58 26.28
N LYS B 184 13.59 -22.11 27.27
CA LYS B 184 15.00 -21.79 27.42
C LYS B 184 15.82 -22.22 26.17
N HIS B 185 15.43 -23.33 25.52
CA HIS B 185 16.13 -23.78 24.28
C HIS B 185 15.98 -22.78 23.16
N PHE B 186 14.84 -22.10 23.12
CA PHE B 186 14.62 -21.16 22.04
C PHE B 186 15.31 -19.86 22.36
N ILE B 187 15.10 -19.36 23.58
CA ILE B 187 15.73 -18.10 24.00
C ILE B 187 17.25 -18.22 23.81
N ASP B 188 17.85 -19.30 24.33
CA ASP B 188 19.30 -19.56 24.16
C ASP B 188 19.76 -19.43 22.74
N TYR B 189 18.96 -19.99 21.84
CA TYR B 189 19.23 -19.88 20.40
C TYR B 189 19.07 -18.41 19.95
N TYR B 190 17.87 -17.86 20.16
CA TYR B 190 17.60 -16.46 19.79
C TYR B 190 18.74 -15.52 20.17
N LYS B 191 19.29 -15.74 21.37
CA LYS B 191 20.33 -14.92 21.95
C LYS B 191 21.62 -15.09 21.15
N SER B 192 22.04 -16.34 20.96
CA SER B 192 23.19 -16.67 20.13
C SER B 192 23.11 -16.02 18.74
N GLN B 193 21.94 -16.13 18.11
CA GLN B 193 21.69 -15.54 16.79
C GLN B 193 21.82 -14.02 16.76
N ILE B 194 21.21 -13.37 17.74
CA ILE B 194 21.29 -11.93 17.90
C ILE B 194 22.73 -11.49 18.25
N GLU B 195 23.47 -12.35 18.95
CA GLU B 195 24.87 -12.06 19.26
C GLU B 195 25.67 -11.99 17.96
N GLU B 196 25.40 -12.93 17.06
CA GLU B 196 26.05 -12.96 15.75
C GLU B 196 25.53 -11.88 14.79
N ASN B 197 24.21 -11.77 14.65
CA ASN B 197 23.63 -10.75 13.77
C ASN B 197 22.55 -9.87 14.41
N PRO B 198 22.97 -8.75 15.04
CA PRO B 198 22.02 -7.80 15.60
C PRO B 198 21.11 -7.17 14.54
N GLU B 199 21.31 -7.56 13.29
CA GLU B 199 20.41 -7.11 12.20
C GLU B 199 19.25 -8.10 11.97
N PHE B 200 19.53 -9.39 12.13
CA PHE B 200 18.50 -10.44 12.18
C PHE B 200 17.19 -9.96 12.81
N ILE B 201 16.12 -10.25 12.09
CA ILE B 201 14.78 -9.89 12.49
C ILE B 201 14.13 -11.08 13.18
N ILE B 202 13.41 -10.81 14.26
CA ILE B 202 12.77 -11.83 15.09
C ILE B 202 12.11 -12.97 14.29
N ASP B 203 11.26 -12.65 13.33
CA ASP B 203 10.52 -13.68 12.55
C ASP B 203 11.45 -14.63 11.76
N ASN B 204 12.61 -14.12 11.34
CA ASN B 204 13.60 -14.93 10.63
C ASN B 204 14.10 -15.99 11.58
N ILE B 205 14.41 -15.58 12.80
CA ILE B 205 14.95 -16.46 13.81
C ILE B 205 13.96 -17.55 14.15
N ILE B 206 12.70 -17.16 14.34
CA ILE B 206 11.62 -18.06 14.75
C ILE B 206 11.35 -19.09 13.67
N LYS B 207 11.19 -18.62 12.44
CA LYS B 207 10.82 -19.54 11.39
C LYS B 207 11.97 -20.50 11.09
N THR B 208 13.20 -20.04 11.22
CA THR B 208 14.37 -20.93 11.11
C THR B 208 14.33 -22.00 12.23
N TYR B 209 14.04 -21.55 13.45
CA TYR B 209 13.89 -22.42 14.62
C TYR B 209 12.79 -23.51 14.49
N LEU B 210 11.61 -23.11 14.02
CA LEU B 210 10.46 -23.97 13.91
C LEU B 210 10.65 -25.01 12.85
N SER B 211 11.38 -24.65 11.79
CA SER B 211 11.63 -25.54 10.65
C SER B 211 12.71 -26.56 10.95
N ASN B 212 13.71 -26.19 11.75
CA ASN B 212 14.76 -27.08 12.19
C ASN B 212 14.32 -27.93 13.38
N GLU B 213 13.79 -27.28 14.42
CA GLU B 213 13.49 -28.03 15.63
C GLU B 213 12.11 -28.66 15.69
N TYR B 214 11.11 -28.03 15.09
CA TYR B 214 9.74 -28.58 15.12
C TYR B 214 9.24 -28.95 13.74
N SER B 215 10.13 -28.82 12.75
CA SER B 215 9.91 -29.32 11.39
C SER B 215 8.69 -28.69 10.77
N LYS B 216 8.53 -27.40 11.00
CA LYS B 216 7.45 -26.65 10.39
C LYS B 216 7.83 -26.28 8.96
N ASP B 217 6.82 -25.93 8.16
CA ASP B 217 6.99 -25.56 6.75
C ASP B 217 7.34 -24.08 6.61
N LEU B 218 8.42 -23.75 5.89
CA LEU B 218 8.83 -22.33 5.75
C LEU B 218 7.81 -21.49 4.99
N GLU B 219 7.48 -21.97 3.78
CA GLU B 219 6.39 -21.46 2.94
C GLU B 219 5.18 -21.00 3.74
N ALA B 220 4.60 -21.92 4.51
CA ALA B 220 3.38 -21.65 5.25
C ALA B 220 3.59 -20.49 6.23
N LEU B 221 4.80 -20.41 6.78
CA LEU B 221 5.16 -19.39 7.76
C LEU B 221 5.23 -18.04 7.09
N ASN B 222 6.06 -17.95 6.07
CA ASN B 222 6.06 -16.77 5.23
C ASN B 222 4.67 -16.41 4.74
N LYS B 223 3.85 -17.39 4.33
CA LYS B 223 2.48 -17.09 3.86
C LYS B 223 1.68 -16.38 4.95
N TYR B 224 1.73 -16.92 6.16
CA TYR B 224 1.02 -16.35 7.31
C TYR B 224 1.47 -14.91 7.59
N ILE B 225 2.77 -14.68 7.51
CA ILE B 225 3.35 -13.36 7.68
C ILE B 225 2.79 -12.41 6.65
N GLU B 226 2.86 -12.80 5.39
CA GLU B 226 2.40 -11.95 4.29
C GLU B 226 0.91 -11.63 4.41
N GLU B 227 0.12 -12.64 4.76
CA GLU B 227 -1.32 -12.48 4.98
C GLU B 227 -1.58 -11.54 6.17
N SER B 228 -1.02 -11.89 7.33
CA SER B 228 -1.13 -11.04 8.52
C SER B 228 -0.77 -9.60 8.16
N LEU B 229 0.33 -9.42 7.44
CA LEU B 229 0.87 -8.10 7.17
C LEU B 229 -0.06 -7.29 6.27
N ASN B 230 -0.56 -7.95 5.24
CA ASN B 230 -1.44 -7.33 4.25
C ASN B 230 -2.79 -6.93 4.86
N LYS B 231 -3.20 -7.67 5.89
CA LYS B 231 -4.49 -7.48 6.57
C LYS B 231 -4.54 -6.26 7.51
N ILE B 232 -3.47 -6.07 8.27
CA ILE B 232 -3.38 -5.01 9.24
C ILE B 232 -3.11 -3.64 8.53
N THR B 233 -2.26 -3.68 7.51
CA THR B 233 -1.92 -2.60 6.57
C THR B 233 -3.19 -2.05 5.93
N ALA B 234 -4.10 -2.95 5.56
CA ALA B 234 -5.42 -2.58 5.04
C ALA B 234 -6.38 -2.05 6.11
N ASN B 235 -5.94 -2.08 7.37
CA ASN B 235 -6.80 -1.76 8.48
C ASN B 235 -6.17 -0.79 9.45
N ASN B 236 -5.54 0.25 8.92
CA ASN B 236 -4.85 1.28 9.70
C ASN B 236 -3.65 0.82 10.51
N GLY B 237 -3.14 -0.36 10.19
CA GLY B 237 -1.89 -0.87 10.75
C GLY B 237 -0.79 0.17 10.72
N ASN B 238 -0.15 0.34 11.86
CA ASN B 238 1.00 1.22 11.99
C ASN B 238 2.15 0.41 12.58
N ASP B 239 3.23 0.30 11.84
CA ASP B 239 4.34 -0.51 12.22
C ASP B 239 5.26 0.20 13.20
N ILE B 240 5.41 -0.40 14.38
CA ILE B 240 6.28 0.15 15.40
C ILE B 240 7.77 0.12 15.00
N ARG B 241 8.15 -0.77 14.09
CA ARG B 241 9.50 -0.81 13.51
C ARG B 241 9.78 0.30 12.48
N ASN B 242 8.83 1.23 12.29
CA ASN B 242 9.00 2.46 11.51
C ASN B 242 8.57 3.72 12.21
N LEU B 243 8.74 3.75 13.53
CA LEU B 243 8.42 4.92 14.31
C LEU B 243 9.69 5.28 15.09
N GLU B 244 10.12 6.55 14.94
CA GLU B 244 11.54 6.98 15.07
C GLU B 244 12.14 7.05 16.48
N LYS B 245 11.70 8.05 17.27
CA LYS B 245 12.16 8.25 18.67
C LYS B 245 11.13 7.76 19.69
N PHE B 246 10.06 7.16 19.17
CA PHE B 246 9.10 6.40 19.97
C PHE B 246 9.84 5.46 20.92
N ALA B 247 11.05 5.06 20.51
CA ALA B 247 11.81 4.01 21.15
C ALA B 247 12.68 4.46 22.33
N ASP B 248 12.16 4.34 23.56
CA ASP B 248 13.03 4.48 24.73
C ASP B 248 13.81 3.16 24.89
N GLU B 249 15.14 3.25 25.01
CA GLU B 249 16.03 2.14 24.75
C GLU B 249 15.84 1.03 25.77
N ASP B 250 15.60 1.41 27.02
CA ASP B 250 15.36 0.43 28.07
C ASP B 250 13.99 -0.17 27.92
N LEU B 251 13.03 0.65 27.49
CA LEU B 251 11.66 0.18 27.29
C LEU B 251 11.55 -0.82 26.16
N VAL B 252 12.25 -0.54 25.06
CA VAL B 252 12.36 -1.43 23.92
C VAL B 252 12.89 -2.79 24.32
N ARG B 253 13.87 -2.79 25.21
CA ARG B 253 14.54 -4.02 25.70
C ARG B 253 13.49 -4.85 26.43
N LEU B 254 12.64 -4.16 27.16
CA LEU B 254 11.58 -4.80 27.92
C LEU B 254 10.46 -5.33 27.03
N TYR B 255 10.03 -4.52 26.07
CA TYR B 255 8.99 -4.91 25.14
C TYR B 255 9.40 -6.17 24.38
N ASN B 256 10.63 -6.18 23.88
CA ASN B 256 11.18 -7.31 23.16
C ASN B 256 11.30 -8.55 24.02
N GLN B 257 11.51 -8.38 25.32
CA GLN B 257 11.64 -9.50 26.25
C GLN B 257 10.33 -10.28 26.40
N GLU B 258 9.25 -9.54 26.60
CA GLU B 258 7.93 -10.11 26.77
C GLU B 258 7.46 -10.67 25.46
N LEU B 259 7.77 -9.93 24.39
CA LEU B 259 7.51 -10.38 23.01
C LEU B 259 8.24 -11.69 22.64
N VAL B 260 9.58 -11.68 22.59
CA VAL B 260 10.33 -12.81 22.01
C VAL B 260 10.85 -13.87 22.97
N GLU B 261 11.07 -13.49 24.23
CA GLU B 261 11.53 -14.47 25.23
C GLU B 261 10.36 -15.11 25.95
N ARG B 262 9.36 -14.29 26.31
CA ARG B 262 8.25 -14.73 27.16
C ARG B 262 6.95 -15.02 26.41
N TRP B 263 6.81 -14.49 25.20
CA TRP B 263 5.62 -14.77 24.39
C TRP B 263 4.36 -14.24 25.07
N ASN B 264 4.55 -13.19 25.89
CA ASN B 264 3.45 -12.58 26.61
C ASN B 264 3.22 -11.27 25.90
N LEU B 265 2.20 -11.36 25.04
CA LEU B 265 1.75 -10.31 24.15
C LEU B 265 0.85 -9.34 24.89
N ALA B 266 0.14 -9.84 25.89
CA ALA B 266 -0.61 -8.93 26.76
C ALA B 266 0.44 -8.04 27.46
N ALA B 267 1.58 -8.62 27.89
CA ALA B 267 2.62 -7.86 28.59
C ALA B 267 3.40 -6.98 27.63
N ALA B 268 3.62 -7.48 26.40
CA ALA B 268 4.26 -6.67 25.40
C ALA B 268 3.36 -5.47 25.09
N SER B 269 2.08 -5.75 24.86
CA SER B 269 1.11 -4.71 24.56
C SER B 269 0.97 -3.70 25.71
N ASP B 270 1.11 -4.15 26.94
CA ASP B 270 1.20 -3.28 28.11
C ASP B 270 2.34 -2.28 28.06
N ILE B 271 3.54 -2.73 27.74
CA ILE B 271 4.69 -1.85 27.66
C ILE B 271 4.51 -0.91 26.48
N LEU B 272 4.15 -1.48 25.33
CA LEU B 272 3.86 -0.73 24.09
C LEU B 272 2.83 0.42 24.23
N ARG B 273 1.66 0.15 24.81
CA ARG B 273 0.58 1.16 24.85
C ARG B 273 0.97 2.44 25.61
N ILE B 274 1.76 2.30 26.67
CA ILE B 274 2.03 3.49 27.44
C ILE B 274 3.15 4.25 26.76
N SER B 275 4.03 3.52 26.08
CA SER B 275 5.06 4.14 25.25
C SER B 275 4.46 5.01 24.16
N MET B 276 3.54 4.44 23.37
CA MET B 276 2.85 5.19 22.33
C MET B 276 1.98 6.35 22.87
N LEU B 277 1.36 6.18 24.02
CA LEU B 277 0.58 7.29 24.54
C LEU B 277 1.48 8.49 24.84
N LYS B 278 2.67 8.19 25.36
CA LYS B 278 3.65 9.19 25.74
C LYS B 278 4.18 9.91 24.53
N GLU B 279 4.45 9.16 23.49
CA GLU B 279 4.99 9.69 22.25
C GLU B 279 3.94 10.49 21.42
N ASP B 280 2.76 9.89 21.21
CA ASP B 280 1.73 10.49 20.37
C ASP B 280 0.58 11.25 21.08
N GLY B 281 0.28 10.88 22.33
CA GLY B 281 -0.96 11.23 22.96
C GLY B 281 -2.18 10.51 22.38
N GLY B 282 -3.25 10.45 23.15
CA GLY B 282 -4.52 9.98 22.64
C GLY B 282 -5.26 9.10 23.61
N VAL B 283 -6.06 8.21 23.04
CA VAL B 283 -6.89 7.28 23.78
C VAL B 283 -6.42 5.89 23.39
N TYR B 284 -5.98 5.10 24.37
CA TYR B 284 -5.65 3.71 24.05
C TYR B 284 -6.79 2.80 24.41
N LEU B 285 -7.13 1.87 23.50
CA LEU B 285 -8.17 0.88 23.76
C LEU B 285 -7.77 -0.54 23.39
N ASP B 286 -8.07 -1.49 24.29
CA ASP B 286 -8.04 -2.90 23.93
C ASP B 286 -9.11 -3.13 22.85
N VAL B 287 -8.84 -4.08 21.96
CA VAL B 287 -9.68 -4.30 20.82
C VAL B 287 -11.04 -4.91 21.17
N ASP B 288 -11.23 -5.37 22.40
CA ASP B 288 -12.52 -5.89 22.85
C ASP B 288 -13.36 -4.82 23.56
N MET B 289 -13.00 -3.55 23.34
CA MET B 289 -13.75 -2.39 23.87
C MET B 289 -14.58 -1.75 22.76
N LEU B 290 -15.78 -1.32 23.15
CA LEU B 290 -16.73 -0.68 22.25
C LEU B 290 -17.06 0.77 22.72
N PRO B 291 -17.52 1.64 21.80
CA PRO B 291 -17.94 2.99 22.18
C PRO B 291 -19.09 3.04 23.19
N GLY B 292 -19.13 4.10 23.99
CA GLY B 292 -20.25 4.30 24.88
C GLY B 292 -21.53 4.44 24.09
N ILE B 293 -22.66 4.15 24.71
CA ILE B 293 -23.96 4.32 24.09
C ILE B 293 -24.51 5.69 24.47
N GLN B 294 -25.06 6.41 23.48
CA GLN B 294 -25.69 7.71 23.72
C GLN B 294 -26.56 7.65 24.97
N PRO B 295 -26.27 8.53 25.96
CA PRO B 295 -27.06 8.63 27.19
C PRO B 295 -28.56 8.60 26.94
N ASP B 296 -29.01 9.37 25.94
CA ASP B 296 -30.42 9.59 25.64
C ASP B 296 -31.14 8.41 24.92
N LEU B 297 -30.39 7.53 24.26
CA LEU B 297 -31.00 6.48 23.41
C LEU B 297 -31.95 5.52 24.16
N PHE B 298 -31.48 4.97 25.28
CA PHE B 298 -32.24 4.02 26.08
C PHE B 298 -32.72 4.54 27.43
N LYS B 299 -32.66 5.85 27.64
CA LYS B 299 -33.01 6.49 28.92
C LYS B 299 -34.49 6.27 29.31
N SER B 300 -35.23 5.66 28.40
CA SER B 300 -36.68 5.52 28.51
C SER B 300 -37.06 4.06 28.72
N ILE B 301 -36.07 3.17 28.71
CA ILE B 301 -36.34 1.79 29.05
C ILE B 301 -35.89 1.59 30.51
N ASN B 302 -36.86 1.37 31.39
CA ASN B 302 -36.60 1.01 32.79
C ASN B 302 -36.06 -0.42 32.75
N LYS B 303 -34.91 -0.63 33.36
CA LYS B 303 -34.39 -1.96 33.64
C LYS B 303 -35.33 -2.75 34.57
N PRO B 304 -35.68 -4.00 34.20
CA PRO B 304 -36.38 -4.93 35.12
C PRO B 304 -35.61 -5.13 36.41
N ASP B 305 -36.25 -5.02 37.57
CA ASP B 305 -35.56 -5.12 38.88
C ASP B 305 -34.69 -6.35 39.00
N SER B 306 -35.19 -7.46 38.50
CA SER B 306 -34.51 -8.73 38.54
C SER B 306 -33.07 -8.63 37.99
N ILE B 307 -32.92 -7.84 36.93
CA ILE B 307 -31.68 -7.78 36.17
C ILE B 307 -30.65 -6.83 36.79
N THR B 308 -29.40 -7.29 36.93
CA THR B 308 -28.33 -6.48 37.54
C THR B 308 -27.84 -5.43 36.56
N ASN B 309 -27.14 -4.41 37.09
CA ASN B 309 -26.63 -3.31 36.26
C ASN B 309 -25.70 -3.82 35.19
N THR B 310 -24.80 -4.72 35.59
CA THR B 310 -23.83 -5.33 34.70
C THR B 310 -24.54 -5.98 33.52
N SER B 311 -25.63 -6.71 33.80
CA SER B 311 -26.36 -7.40 32.74
C SER B 311 -27.09 -6.49 31.78
N TRP B 312 -27.72 -5.45 32.32
CA TRP B 312 -28.40 -4.47 31.50
C TRP B 312 -27.45 -3.84 30.49
N GLU B 313 -26.31 -3.36 30.97
CA GLU B 313 -25.32 -2.78 30.07
C GLU B 313 -24.93 -3.79 29.00
N MET B 314 -24.77 -5.04 29.41
CA MET B 314 -24.42 -6.13 28.51
C MET B 314 -25.56 -6.36 27.50
N ILE B 315 -26.82 -6.35 27.93
CA ILE B 315 -27.91 -6.52 26.94
C ILE B 315 -28.14 -5.34 25.98
N LYS B 316 -27.86 -4.12 26.41
CA LYS B 316 -28.00 -2.94 25.53
C LYS B 316 -27.05 -2.95 24.33
N LEU B 317 -25.91 -3.63 24.43
CA LEU B 317 -25.04 -3.81 23.26
C LEU B 317 -25.65 -4.86 22.36
N GLU B 318 -26.11 -5.96 22.95
CA GLU B 318 -26.77 -7.05 22.24
C GLU B 318 -28.01 -6.60 21.46
N ALA B 319 -28.74 -5.62 22.02
CA ALA B 319 -29.87 -4.98 21.35
C ALA B 319 -29.39 -4.27 20.11
N ILE B 320 -28.40 -3.40 20.28
CA ILE B 320 -27.78 -2.69 19.17
C ILE B 320 -27.40 -3.68 18.07
N MET B 321 -26.63 -4.72 18.42
CA MET B 321 -26.13 -5.65 17.43
C MET B 321 -27.23 -6.50 16.81
N LYS B 322 -28.36 -6.57 17.52
CA LYS B 322 -29.53 -7.30 17.05
C LYS B 322 -30.21 -6.57 15.90
N TYR B 323 -30.48 -5.28 16.08
CA TYR B 323 -31.32 -4.56 15.13
C TYR B 323 -30.57 -3.79 14.06
N LYS B 324 -29.39 -3.31 14.42
CA LYS B 324 -28.55 -2.56 13.49
C LYS B 324 -27.50 -3.46 12.82
N GLU B 325 -27.18 -4.58 13.48
CA GLU B 325 -26.31 -5.61 12.88
C GLU B 325 -24.89 -5.12 12.58
N TYR B 326 -24.40 -4.12 13.32
CA TYR B 326 -23.07 -3.57 13.09
C TYR B 326 -21.96 -4.60 13.11
N ILE B 327 -22.07 -5.55 14.06
CA ILE B 327 -21.04 -6.58 14.26
C ILE B 327 -21.64 -7.95 14.01
N PRO B 328 -21.19 -8.62 12.93
CA PRO B 328 -21.70 -9.92 12.50
C PRO B 328 -21.43 -11.04 13.52
N GLY B 329 -22.47 -11.76 13.91
CA GLY B 329 -22.30 -12.89 14.82
C GLY B 329 -22.28 -12.52 16.29
N TYR B 330 -22.52 -11.24 16.59
CA TYR B 330 -22.53 -10.76 17.97
C TYR B 330 -23.69 -11.44 18.68
N THR B 331 -23.41 -11.95 19.87
CA THR B 331 -24.38 -12.73 20.59
C THR B 331 -25.67 -11.94 20.83
N SER B 332 -26.76 -12.68 21.05
CA SER B 332 -28.05 -12.12 21.43
C SER B 332 -28.61 -12.93 22.60
N LYS B 333 -27.79 -13.85 23.14
CA LYS B 333 -28.24 -14.76 24.20
C LYS B 333 -29.09 -14.02 25.22
N ASN B 334 -28.48 -13.06 25.91
CA ASN B 334 -29.14 -12.43 27.05
C ASN B 334 -30.31 -11.53 26.63
N PHE B 335 -30.12 -10.76 25.56
CA PHE B 335 -31.22 -9.99 24.98
C PHE B 335 -32.43 -10.90 24.77
N ASP B 336 -32.18 -12.11 24.28
CA ASP B 336 -33.23 -13.05 23.90
C ASP B 336 -33.99 -13.65 25.09
N MET B 337 -33.46 -13.45 26.31
CA MET B 337 -34.17 -13.90 27.56
C MET B 337 -35.11 -12.84 28.06
N LEU B 338 -35.01 -11.62 27.53
CA LEU B 338 -35.89 -10.53 27.98
C LEU B 338 -37.32 -10.85 27.67
N ASP B 339 -38.24 -10.15 28.36
CA ASP B 339 -39.65 -10.16 27.99
C ASP B 339 -39.78 -9.65 26.57
N GLU B 340 -40.77 -10.16 25.84
CA GLU B 340 -40.97 -9.72 24.47
C GLU B 340 -41.39 -8.26 24.48
N GLU B 341 -42.14 -7.88 25.52
CA GLU B 341 -42.53 -6.50 25.73
C GLU B 341 -41.31 -5.60 25.86
N VAL B 342 -40.29 -6.09 26.55
CA VAL B 342 -39.01 -5.39 26.67
C VAL B 342 -38.23 -5.48 25.36
N GLN B 343 -38.10 -6.68 24.81
CA GLN B 343 -37.37 -6.91 23.58
C GLN B 343 -37.84 -5.96 22.47
N ARG B 344 -39.06 -5.47 22.65
CA ARG B 344 -39.73 -4.58 21.69
C ARG B 344 -39.55 -3.09 22.01
N SER B 345 -39.31 -2.76 23.27
CA SER B 345 -38.92 -1.40 23.64
C SER B 345 -37.55 -1.04 23.07
N PHE B 346 -36.72 -2.05 22.85
CA PHE B 346 -35.37 -1.82 22.32
C PHE B 346 -35.44 -1.52 20.84
N GLU B 347 -36.08 -2.42 20.08
CA GLU B 347 -36.30 -2.26 18.65
C GLU B 347 -36.89 -0.89 18.34
N SER B 348 -37.98 -0.57 19.04
CA SER B 348 -38.67 0.70 18.93
C SER B 348 -37.69 1.89 18.99
N ALA B 349 -36.87 1.90 20.05
CA ALA B 349 -35.92 2.99 20.31
C ALA B 349 -34.82 3.05 19.28
N LEU B 350 -34.50 1.89 18.71
CA LEU B 350 -33.48 1.77 17.67
C LEU B 350 -34.01 2.07 16.25
N SER B 351 -35.31 1.87 16.03
CA SER B 351 -35.95 2.09 14.73
C SER B 351 -35.91 3.54 14.20
N SER B 352 -35.99 4.52 15.10
CA SER B 352 -36.01 5.92 14.67
C SER B 352 -34.60 6.46 14.33
N LYS B 353 -33.59 5.75 14.81
CA LYS B 353 -32.21 6.23 14.76
C LYS B 353 -31.50 5.83 13.47
N SER B 354 -31.27 6.84 12.61
CA SER B 354 -30.65 6.65 11.30
C SER B 354 -29.13 6.43 11.36
N ASP B 355 -28.39 7.39 11.93
CA ASP B 355 -26.90 7.38 11.91
C ASP B 355 -26.31 6.68 13.11
N LYS B 356 -25.26 5.90 12.89
CA LYS B 356 -24.50 5.24 13.97
C LYS B 356 -24.07 6.18 15.10
N SER B 357 -23.85 7.44 14.76
CA SER B 357 -23.45 8.42 15.76
C SER B 357 -24.62 8.94 16.64
N GLU B 358 -25.80 8.34 16.50
CA GLU B 358 -26.93 8.62 17.40
C GLU B 358 -27.10 7.40 18.31
N ILE B 359 -26.29 6.39 18.06
CA ILE B 359 -26.33 5.15 18.83
C ILE B 359 -25.13 5.13 19.77
N PHE B 360 -23.95 5.22 19.15
CA PHE B 360 -22.72 5.35 19.90
C PHE B 360 -22.37 6.80 20.11
N LEU B 361 -21.70 7.06 21.23
CA LEU B 361 -21.31 8.40 21.61
C LEU B 361 -19.90 8.71 21.17
N PRO B 362 -19.74 9.67 20.24
CA PRO B 362 -18.44 10.15 19.77
C PRO B 362 -17.61 10.64 20.95
N LEU B 363 -16.29 10.44 20.88
CA LEU B 363 -15.38 10.92 21.93
C LEU B 363 -15.37 12.46 22.02
N ASP B 364 -15.55 13.14 20.88
CA ASP B 364 -15.44 14.59 20.80
C ASP B 364 -14.11 15.04 21.44
N ASP B 365 -14.13 16.17 22.17
CA ASP B 365 -12.98 16.57 22.98
C ASP B 365 -13.06 15.88 24.33
N ILE B 366 -12.08 15.03 24.63
CA ILE B 366 -11.97 14.55 25.98
C ILE B 366 -10.88 15.37 26.66
N LYS B 367 -11.17 15.76 27.89
CA LYS B 367 -10.30 16.60 28.69
C LYS B 367 -9.41 15.73 29.59
N VAL B 368 -8.15 16.12 29.68
CA VAL B 368 -7.20 15.49 30.56
C VAL B 368 -6.17 16.56 30.96
N SER B 369 -5.58 16.38 32.11
CA SER B 369 -4.48 17.18 32.58
C SER B 369 -3.11 16.56 32.20
N PRO B 370 -2.10 17.42 31.94
CA PRO B 370 -0.69 17.05 31.72
C PRO B 370 -0.12 16.16 32.82
N LEU B 371 -0.81 16.17 33.96
CA LEU B 371 -0.34 15.49 35.14
C LEU B 371 -0.80 14.04 35.18
N GLU B 372 -1.79 13.69 34.36
CA GLU B 372 -2.46 12.41 34.51
C GLU B 372 -2.47 11.50 33.31
N VAL B 373 -2.92 10.28 33.58
CA VAL B 373 -3.27 9.32 32.57
C VAL B 373 -4.59 8.78 33.10
N LYS B 374 -5.67 8.97 32.37
CA LYS B 374 -6.96 8.46 32.85
C LYS B 374 -6.99 6.98 32.56
N ILE B 375 -7.75 6.23 33.34
CA ILE B 375 -7.72 4.80 33.30
C ILE B 375 -9.12 4.24 33.54
N ALA B 376 -9.44 3.11 32.90
CA ALA B 376 -10.73 2.40 33.18
C ALA B 376 -10.77 1.70 34.54
N PHE B 377 -12.00 1.52 35.02
CA PHE B 377 -12.23 0.71 36.21
C PHE B 377 -13.13 -0.43 35.87
N ALA B 378 -12.84 -1.57 36.48
CA ALA B 378 -13.73 -2.69 36.47
C ALA B 378 -13.75 -3.15 37.89
N ASN B 379 -14.96 -3.39 38.42
CA ASN B 379 -15.16 -3.96 39.75
C ASN B 379 -14.32 -3.20 40.76
N ASN B 380 -14.42 -1.87 40.68
CA ASN B 380 -13.79 -0.92 41.60
C ASN B 380 -12.27 -0.91 41.80
N SER B 381 -11.55 -1.50 40.85
CA SER B 381 -10.12 -1.26 40.70
C SER B 381 -9.75 -0.92 39.25
N VAL B 382 -8.66 -0.16 39.09
CA VAL B 382 -8.17 0.27 37.79
C VAL B 382 -7.96 -0.92 36.87
N ILE B 383 -8.18 -0.72 35.59
CA ILE B 383 -8.01 -1.74 34.59
C ILE B 383 -7.44 -1.01 33.35
N ASN B 384 -6.26 -1.45 32.86
CA ASN B 384 -5.54 -0.68 31.83
C ASN B 384 -6.01 -0.96 30.40
N GLN B 385 -7.19 -1.54 30.30
CA GLN B 385 -7.78 -1.82 29.00
C GLN B 385 -8.29 -0.57 28.25
N ALA B 386 -8.29 0.57 28.92
CA ALA B 386 -8.64 1.82 28.29
C ALA B 386 -7.91 2.91 29.04
N LEU B 387 -7.21 3.76 28.28
CA LEU B 387 -6.26 4.76 28.81
C LEU B 387 -6.37 6.08 28.04
N ILE B 388 -6.04 7.19 28.70
CA ILE B 388 -6.06 8.49 28.05
C ILE B 388 -4.92 9.33 28.54
N SER B 389 -4.09 9.84 27.62
CA SER B 389 -2.95 10.65 27.99
C SER B 389 -2.65 11.74 26.98
N LEU B 390 -2.36 12.95 27.43
CA LEU B 390 -1.72 13.94 26.56
C LEU B 390 -0.36 13.38 26.15
N LYS B 391 0.15 13.78 24.99
CA LYS B 391 1.57 13.50 24.64
C LYS B 391 2.46 14.04 25.77
N ASP B 392 3.49 13.27 26.17
CA ASP B 392 4.44 13.68 27.21
C ASP B 392 3.82 14.06 28.55
N SER B 393 2.71 13.45 28.93
CA SER B 393 2.15 13.73 30.23
C SER B 393 3.21 13.34 31.30
N TYR B 394 3.13 13.97 32.47
CA TYR B 394 3.94 13.65 33.65
C TYR B 394 3.66 12.24 34.11
N CYS B 395 2.39 11.85 34.02
CA CYS B 395 1.97 10.55 34.50
C CYS B 395 2.36 9.35 33.62
N SER B 396 2.47 9.51 32.30
CA SER B 396 3.06 8.43 31.43
C SER B 396 4.54 8.13 31.75
N ASP B 397 5.29 9.15 32.12
CA ASP B 397 6.66 8.98 32.61
C ASP B 397 6.75 8.29 33.97
N LEU B 398 5.90 8.70 34.92
CA LEU B 398 5.73 7.96 36.18
C LEU B 398 5.40 6.47 35.94
N VAL B 399 4.42 6.21 35.05
CA VAL B 399 4.06 4.84 34.66
C VAL B 399 5.26 4.07 34.00
N ILE B 400 5.92 4.69 33.01
CA ILE B 400 7.07 4.11 32.36
C ILE B 400 8.19 3.89 33.41
N ASN B 401 8.37 4.83 34.33
CA ASN B 401 9.40 4.62 35.35
C ASN B 401 9.07 3.48 36.33
N GLN B 402 7.80 3.31 36.72
CA GLN B 402 7.41 2.09 37.47
C GLN B 402 7.82 0.82 36.75
N ILE B 403 7.52 0.77 35.46
CA ILE B 403 7.82 -0.41 34.65
C ILE B 403 9.30 -0.79 34.71
N LYS B 404 10.14 0.20 34.43
CA LYS B 404 11.58 0.02 34.39
C LYS B 404 12.10 -0.41 35.75
N ASN B 405 11.58 0.23 36.79
CA ASN B 405 11.96 -0.10 38.16
C ASN B 405 11.57 -1.50 38.57
N ARG B 406 10.30 -1.85 38.37
CA ARG B 406 9.83 -3.22 38.62
C ARG B 406 10.56 -4.30 37.79
N TYR B 407 10.89 -3.95 36.54
CA TYR B 407 11.62 -4.83 35.64
C TYR B 407 13.10 -4.98 36.02
N LYS B 408 13.72 -3.91 36.52
CA LYS B 408 15.10 -3.98 36.93
C LYS B 408 15.26 -4.95 38.09
N ILE B 409 14.32 -4.92 39.02
CA ILE B 409 14.33 -5.85 40.14
C ILE B 409 14.16 -7.27 39.66
N LEU B 410 13.16 -7.47 38.80
CA LEU B 410 12.84 -8.78 38.27
C LEU B 410 14.04 -9.31 37.51
N ASN B 411 14.49 -8.51 36.54
CA ASN B 411 15.57 -8.91 35.67
C ASN B 411 16.83 -9.18 36.44
N ASP B 412 17.22 -8.28 37.35
CA ASP B 412 18.48 -8.41 38.08
C ASP B 412 18.60 -9.72 38.88
N ASN B 413 17.49 -10.20 39.42
CA ASN B 413 17.45 -11.45 40.18
C ASN B 413 17.06 -12.62 39.32
N LEU B 414 16.32 -12.39 38.24
CA LEU B 414 15.89 -13.51 37.45
C LEU B 414 16.97 -14.03 36.48
N ASN B 415 17.79 -13.12 35.94
CA ASN B 415 18.79 -13.49 34.96
C ASN B 415 19.89 -14.41 35.53
N PRO B 416 20.53 -14.01 36.66
CA PRO B 416 21.39 -14.92 37.42
C PRO B 416 20.73 -16.25 37.80
N SER B 417 19.49 -16.21 38.28
CA SER B 417 18.78 -17.43 38.59
C SER B 417 18.75 -18.39 37.39
N ILE B 418 18.35 -17.89 36.22
CA ILE B 418 18.16 -18.72 35.04
C ILE B 418 19.48 -19.38 34.62
N ASN B 419 20.57 -18.62 34.70
CA ASN B 419 21.92 -19.09 34.42
C ASN B 419 22.45 -20.14 35.42
N GLU B 420 21.91 -20.11 36.65
CA GLU B 420 22.16 -21.17 37.63
C GLU B 420 20.88 -21.97 37.83
N GLY B 421 20.47 -22.73 36.83
CA GLY B 421 19.32 -23.58 37.01
C GLY B 421 19.51 -24.66 35.99
N THR B 422 19.55 -25.90 36.47
CA THR B 422 19.59 -27.06 35.59
C THR B 422 18.23 -27.27 34.89
N ASP B 423 17.13 -26.97 35.59
CA ASP B 423 15.77 -27.10 35.07
C ASP B 423 14.83 -26.05 35.69
N PHE B 424 13.52 -26.22 35.51
CA PHE B 424 12.54 -25.24 36.01
C PHE B 424 12.69 -25.04 37.51
N ASN B 425 12.67 -26.14 38.25
CA ASN B 425 12.62 -26.14 39.71
C ASN B 425 13.78 -25.50 40.45
N THR B 426 15.00 -25.92 40.19
CA THR B 426 16.14 -25.22 40.76
C THR B 426 16.08 -23.71 40.44
N THR B 427 15.78 -23.37 39.19
CA THR B 427 15.72 -21.95 38.77
C THR B 427 14.69 -21.19 39.60
N MET B 428 13.54 -21.83 39.79
CA MET B 428 12.48 -21.27 40.60
C MET B 428 12.88 -20.99 42.04
N LYS B 429 13.66 -21.88 42.65
CA LYS B 429 14.04 -21.79 44.07
C LYS B 429 15.17 -20.79 44.31
N ILE B 430 16.10 -20.76 43.36
CA ILE B 430 17.16 -19.76 43.35
C ILE B 430 16.53 -18.38 43.15
N PHE B 431 15.62 -18.29 42.20
CA PHE B 431 14.90 -17.04 41.96
C PHE B 431 14.19 -16.61 43.24
N SER B 432 13.50 -17.55 43.86
CA SER B 432 12.74 -17.25 45.06
C SER B 432 13.63 -16.89 46.26
N ASP B 433 14.73 -17.62 46.46
CA ASP B 433 15.64 -17.25 47.55
C ASP B 433 16.19 -15.84 47.36
N LYS B 434 16.54 -15.47 46.13
CA LYS B 434 17.07 -14.13 45.86
C LYS B 434 16.06 -13.01 46.18
N LEU B 435 14.79 -13.25 45.84
CA LEU B 435 13.75 -12.27 46.09
C LEU B 435 13.56 -12.13 47.58
N ALA B 436 13.48 -13.26 48.27
CA ALA B 436 13.31 -13.29 49.71
C ALA B 436 14.37 -12.43 50.40
N SER B 437 15.60 -12.54 49.91
CA SER B 437 16.81 -11.90 50.47
C SER B 437 16.81 -10.39 50.46
N ILE B 438 16.21 -9.79 49.44
CA ILE B 438 16.16 -8.34 49.36
C ILE B 438 14.72 -7.85 49.64
N SER B 439 13.92 -8.71 50.26
CA SER B 439 12.54 -8.38 50.52
C SER B 439 12.37 -7.68 51.86
N ASN B 440 11.37 -6.81 51.95
CA ASN B 440 11.04 -6.07 53.16
C ASN B 440 9.58 -5.63 53.15
N GLU B 441 9.15 -4.92 54.20
CA GLU B 441 7.73 -4.59 54.38
C GLU B 441 7.22 -3.73 53.20
N ASP B 442 8.11 -2.93 52.64
CA ASP B 442 7.74 -2.07 51.53
C ASP B 442 7.53 -2.82 50.21
N ASN B 443 8.33 -3.86 49.94
CA ASN B 443 8.25 -4.55 48.64
C ASN B 443 7.75 -5.99 48.64
N MET B 444 7.23 -6.46 49.78
CA MET B 444 7.00 -7.90 49.96
C MET B 444 5.92 -8.45 49.00
N MET B 445 4.81 -7.73 48.89
CA MET B 445 3.71 -8.16 48.00
C MET B 445 4.20 -8.26 46.57
N PHE B 446 4.84 -7.21 46.09
CA PHE B 446 5.49 -7.18 44.76
C PHE B 446 6.38 -8.41 44.53
N MET B 447 7.35 -8.62 45.41
CA MET B 447 8.23 -9.79 45.34
C MET B 447 7.44 -11.09 45.25
N ILE B 448 6.42 -11.21 46.09
CA ILE B 448 5.56 -12.37 46.04
C ILE B 448 4.87 -12.49 44.71
N LYS B 449 4.39 -11.39 44.20
CA LYS B 449 3.57 -11.46 43.00
C LYS B 449 4.39 -11.73 41.73
N ILE B 450 5.67 -11.38 41.75
CA ILE B 450 6.53 -11.69 40.62
C ILE B 450 7.28 -13.01 40.74
N THR B 451 7.19 -13.67 41.90
CA THR B 451 7.89 -14.93 42.13
C THR B 451 7.53 -15.95 41.04
N ASN B 452 6.32 -15.88 40.52
CA ASN B 452 5.90 -16.83 39.46
C ASN B 452 5.96 -16.35 38.01
N TYR B 453 6.74 -15.31 37.73
CA TYR B 453 6.97 -14.83 36.36
C TYR B 453 7.16 -15.95 35.30
N LEU B 454 8.00 -16.93 35.60
CA LEU B 454 8.21 -18.01 34.64
C LEU B 454 6.97 -18.86 34.30
N LYS B 455 5.94 -18.83 35.11
CA LYS B 455 4.73 -19.58 34.77
C LYS B 455 3.69 -18.77 33.97
N VAL B 456 3.86 -17.45 33.94
CA VAL B 456 2.91 -16.54 33.28
C VAL B 456 2.41 -17.09 31.94
N GLY B 457 1.14 -17.46 31.91
CA GLY B 457 0.49 -17.77 30.65
C GLY B 457 0.68 -19.22 30.27
N PHE B 458 1.23 -19.97 31.21
CA PHE B 458 1.38 -21.40 31.06
C PHE B 458 0.66 -22.11 32.21
N ALA B 459 0.11 -21.31 33.13
CA ALA B 459 -0.67 -21.76 34.29
C ALA B 459 -1.55 -20.60 34.75
N PRO B 460 -2.81 -20.89 35.13
CA PRO B 460 -3.65 -19.78 35.58
C PRO B 460 -3.41 -19.40 37.06
N ASP B 461 -4.03 -18.29 37.48
CA ASP B 461 -3.85 -17.70 38.80
C ASP B 461 -2.54 -16.88 38.93
N VAL B 462 -1.61 -17.02 37.98
CA VAL B 462 -0.36 -16.23 37.96
C VAL B 462 -0.62 -14.74 37.78
N ARG B 463 -0.01 -13.91 38.63
CA ARG B 463 -0.32 -12.48 38.65
C ARG B 463 0.88 -11.53 38.50
N SER B 464 1.93 -12.00 37.84
CA SER B 464 3.16 -11.23 37.66
C SER B 464 2.97 -10.00 36.80
N THR B 465 2.06 -10.13 35.83
CA THR B 465 1.85 -9.15 34.77
C THR B 465 1.17 -7.90 35.27
N ILE B 466 0.15 -8.11 36.11
CA ILE B 466 -0.59 -7.04 36.77
C ILE B 466 0.40 -6.12 37.50
N ASN B 467 1.56 -6.67 37.81
CA ASN B 467 2.45 -6.08 38.81
C ASN B 467 3.71 -5.52 38.17
N LEU B 468 3.88 -5.83 36.89
CA LEU B 468 5.08 -5.45 36.16
C LEU B 468 4.76 -4.44 35.07
N SER B 469 3.60 -4.57 34.43
CA SER B 469 3.19 -3.73 33.31
C SER B 469 1.68 -3.37 33.28
N GLY B 470 0.89 -4.00 34.14
CA GLY B 470 -0.58 -3.82 34.18
C GLY B 470 -1.01 -2.86 35.29
N PRO B 471 -2.21 -3.08 35.86
CA PRO B 471 -2.84 -2.12 36.76
C PRO B 471 -2.02 -1.59 37.94
N GLY B 472 -1.18 -2.42 38.58
CA GLY B 472 -0.33 -2.00 39.70
C GLY B 472 0.74 -0.97 39.35
N VAL B 473 1.26 -1.04 38.12
CA VAL B 473 2.11 0.00 37.57
C VAL B 473 1.43 1.42 37.60
N TYR B 474 0.14 1.45 37.25
CA TYR B 474 -0.67 2.65 37.22
C TYR B 474 -1.07 3.19 38.60
N THR B 475 -1.63 2.32 39.47
CA THR B 475 -1.89 2.71 40.87
C THR B 475 -0.59 3.11 41.56
N GLY B 476 0.51 2.46 41.18
CA GLY B 476 1.84 2.82 41.66
C GLY B 476 2.24 4.21 41.20
N ALA B 477 1.87 4.56 39.98
CA ALA B 477 2.07 5.89 39.40
C ALA B 477 1.20 7.01 40.00
N TYR B 478 -0.08 6.74 40.23
CA TYR B 478 -0.98 7.69 40.93
C TYR B 478 -0.48 8.00 42.32
N GLN B 479 -0.10 6.98 43.08
CA GLN B 479 0.54 7.16 44.41
C GLN B 479 1.91 7.89 44.32
N ASP B 480 2.75 7.58 43.33
CA ASP B 480 3.89 8.44 43.09
C ASP B 480 3.45 9.90 43.00
N LEU B 481 2.51 10.21 42.10
CA LEU B 481 2.07 11.56 41.80
C LEU B 481 1.61 12.26 43.08
N LEU B 482 0.59 11.68 43.70
CA LEU B 482 -0.14 12.30 44.82
C LEU B 482 0.73 12.40 46.03
N MET B 483 1.65 11.44 46.18
CA MET B 483 2.44 11.44 47.39
C MET B 483 3.84 12.01 47.16
N PHE B 484 4.14 12.44 45.93
CA PHE B 484 5.43 13.07 45.61
C PHE B 484 6.56 12.07 45.79
N LYS B 485 6.30 10.87 45.25
CA LYS B 485 7.27 9.76 45.31
C LYS B 485 7.58 9.30 43.90
N ASP B 486 8.62 8.46 43.82
CA ASP B 486 9.08 7.89 42.56
C ASP B 486 9.27 6.38 42.67
N ASN B 487 8.72 5.79 43.73
CA ASN B 487 8.93 4.37 44.07
C ASN B 487 7.73 3.59 44.66
N SER B 488 6.52 4.15 44.58
CA SER B 488 5.37 3.51 45.20
C SER B 488 5.18 2.03 44.85
N THR B 489 5.34 1.21 45.85
CA THR B 489 5.32 -0.25 45.68
C THR B 489 4.45 -0.93 46.76
N ASN B 490 3.99 -0.16 47.74
CA ASN B 490 3.02 -0.60 48.76
C ASN B 490 1.85 0.38 48.75
N ILE B 491 0.74 -0.01 48.14
CA ILE B 491 -0.33 0.95 47.78
C ILE B 491 -1.44 1.15 48.84
N HIS B 492 -1.53 2.40 49.32
CA HIS B 492 -2.42 2.80 50.39
C HIS B 492 -3.59 3.66 49.85
N LEU B 493 -3.55 4.03 48.58
CA LEU B 493 -4.69 4.76 47.99
C LEU B 493 -5.94 3.91 47.89
N LEU B 494 -7.07 4.47 48.31
CA LEU B 494 -8.35 3.81 48.17
C LEU B 494 -9.11 4.27 46.93
N GLU B 495 -10.02 3.41 46.45
CA GLU B 495 -10.83 3.67 45.26
C GLU B 495 -11.27 5.13 45.03
N PRO B 496 -11.90 5.80 46.04
CA PRO B 496 -12.33 7.19 45.83
C PRO B 496 -11.19 8.17 45.44
N GLU B 497 -10.00 7.99 46.02
CA GLU B 497 -8.82 8.72 45.57
C GLU B 497 -8.42 8.31 44.14
N LEU B 498 -8.43 7.02 43.89
CA LEU B 498 -8.08 6.49 42.56
C LEU B 498 -9.09 6.93 41.45
N ARG B 499 -10.34 7.22 41.83
CA ARG B 499 -11.37 7.57 40.83
C ARG B 499 -11.25 8.98 40.30
N ASN B 500 -10.25 9.71 40.79
CA ASN B 500 -9.89 11.00 40.21
C ASN B 500 -9.25 10.87 38.84
N PHE B 501 -8.76 9.66 38.54
CA PHE B 501 -8.09 9.37 37.28
C PHE B 501 -8.93 8.47 36.35
N GLU B 502 -10.22 8.34 36.61
CA GLU B 502 -11.02 7.40 35.86
C GLU B 502 -11.44 7.84 34.45
N PHE B 503 -11.34 6.91 33.51
CA PHE B 503 -11.82 7.13 32.16
C PHE B 503 -13.28 7.62 32.23
N PRO B 504 -13.67 8.66 31.47
CA PRO B 504 -15.10 9.10 31.47
C PRO B 504 -16.09 7.96 31.16
N LYS B 505 -17.02 7.75 32.09
CA LYS B 505 -17.87 6.57 32.09
C LYS B 505 -18.79 6.43 30.88
N THR B 506 -19.34 7.56 30.42
CA THR B 506 -20.20 7.61 29.23
C THR B 506 -19.48 7.28 27.91
N LYS B 507 -18.18 7.54 27.84
CA LYS B 507 -17.44 7.41 26.59
C LYS B 507 -16.84 6.02 26.34
N ILE B 508 -17.19 5.02 27.15
CA ILE B 508 -16.80 3.63 26.90
C ILE B 508 -17.82 2.59 27.35
N SER B 509 -17.92 1.56 26.53
CA SER B 509 -18.66 0.35 26.84
C SER B 509 -17.72 -0.89 26.90
N GLN B 510 -17.58 -1.42 28.11
CA GLN B 510 -16.61 -2.44 28.43
C GLN B 510 -17.21 -3.82 28.43
N LEU B 511 -18.51 -3.89 28.70
CA LEU B 511 -19.18 -5.17 28.86
C LEU B 511 -19.63 -5.72 27.50
N THR B 512 -18.63 -5.89 26.64
CA THR B 512 -18.78 -6.44 25.31
C THR B 512 -18.62 -7.92 25.41
N GLU B 513 -19.19 -8.64 24.44
CA GLU B 513 -19.15 -10.10 24.38
C GLU B 513 -17.72 -10.60 24.48
N GLN B 514 -16.85 -10.04 23.64
CA GLN B 514 -15.45 -10.44 23.59
C GLN B 514 -14.70 -10.19 24.91
N GLU B 515 -15.04 -9.11 25.60
CA GLU B 515 -14.41 -8.85 26.90
C GLU B 515 -14.79 -9.92 27.89
N ILE B 516 -16.05 -10.29 27.93
CA ILE B 516 -16.52 -11.29 28.87
C ILE B 516 -15.87 -12.65 28.63
N THR B 517 -15.74 -13.04 27.38
CA THR B 517 -14.92 -14.21 26.97
C THR B 517 -13.49 -14.24 27.55
N SER B 518 -12.83 -13.07 27.59
CA SER B 518 -11.45 -12.94 28.11
C SER B 518 -11.41 -12.70 29.62
N LEU B 519 -12.48 -13.07 30.30
CA LEU B 519 -12.54 -13.02 31.77
C LEU B 519 -12.92 -14.38 32.34
N ALA B 525 -8.87 -17.82 38.81
CA ALA B 525 -9.51 -19.15 38.82
C ALA B 525 -9.03 -20.02 37.65
N ARG B 526 -9.58 -21.23 37.53
CA ARG B 526 -8.99 -22.23 36.65
C ARG B 526 -9.96 -23.17 35.92
N ALA B 527 -9.52 -23.54 34.71
CA ALA B 527 -10.05 -24.67 33.99
C ALA B 527 -9.30 -25.93 34.43
N LYS B 528 -10.03 -26.88 35.00
CA LYS B 528 -9.53 -28.25 35.14
C LYS B 528 -9.91 -28.97 33.84
N SER B 529 -10.71 -28.28 33.03
CA SER B 529 -11.29 -28.81 31.79
C SER B 529 -10.30 -28.89 30.63
N GLN B 530 -9.27 -28.04 30.65
CA GLN B 530 -8.16 -28.10 29.68
C GLN B 530 -7.51 -29.50 29.69
N PHE B 531 -7.13 -29.96 30.88
CA PHE B 531 -6.54 -31.30 31.09
C PHE B 531 -7.54 -32.40 30.81
N GLU B 532 -8.82 -32.10 31.05
CA GLU B 532 -9.91 -33.00 30.69
C GLU B 532 -10.04 -33.14 29.17
N GLU B 533 -9.76 -32.05 28.44
CA GLU B 533 -9.72 -32.09 26.97
C GLU B 533 -8.49 -32.84 26.45
N TYR B 534 -7.30 -32.49 26.95
CA TYR B 534 -6.08 -33.18 26.55
C TYR B 534 -6.17 -34.69 26.81
N LYS B 535 -6.94 -35.06 27.82
CA LYS B 535 -7.27 -36.46 28.13
C LYS B 535 -8.06 -37.11 26.98
N LYS B 536 -9.03 -36.36 26.45
CA LYS B 536 -9.81 -36.77 25.27
C LYS B 536 -8.90 -36.88 24.05
N GLY B 537 -8.21 -35.78 23.72
CA GLY B 537 -7.36 -35.69 22.53
C GLY B 537 -6.20 -36.67 22.48
N TYR B 538 -6.34 -37.76 23.24
CA TYR B 538 -5.33 -38.81 23.35
C TYR B 538 -6.02 -40.18 23.28
N PHE B 539 -7.34 -40.18 23.52
CA PHE B 539 -8.18 -41.35 23.36
C PHE B 539 -8.96 -41.30 22.03
N GLU B 540 -9.43 -40.10 21.68
CA GLU B 540 -10.21 -39.88 20.47
C GLU B 540 -9.33 -39.94 19.22
N MET C 1 -43.08 49.18 -19.43
CA MET C 1 -41.92 48.24 -19.24
C MET C 1 -42.28 46.74 -19.23
N ASN C 2 -43.52 46.42 -18.85
CA ASN C 2 -43.98 45.03 -18.83
C ASN C 2 -43.98 44.34 -20.21
N LEU C 3 -44.08 43.02 -20.26
CA LEU C 3 -44.16 42.36 -21.54
C LEU C 3 -45.49 42.80 -22.17
N VAL C 4 -45.45 42.98 -23.49
CA VAL C 4 -46.63 43.21 -24.30
C VAL C 4 -47.84 42.37 -23.82
N ASN C 5 -49.03 42.95 -23.83
CA ASN C 5 -50.25 42.19 -23.52
C ASN C 5 -50.83 41.47 -24.77
N LYS C 6 -51.80 40.58 -24.57
CA LYS C 6 -52.46 39.87 -25.67
C LYS C 6 -52.91 40.85 -26.74
N ALA C 7 -53.64 41.90 -26.32
CA ALA C 7 -54.10 42.95 -27.24
C ALA C 7 -52.95 43.56 -28.06
N GLN C 8 -51.75 43.66 -27.48
CA GLN C 8 -50.64 44.32 -28.16
C GLN C 8 -49.99 43.38 -29.18
N LEU C 9 -49.97 42.09 -28.88
CA LEU C 9 -49.33 41.17 -29.78
C LEU C 9 -50.25 40.93 -30.98
N GLN C 10 -51.56 40.97 -30.71
CA GLN C 10 -52.55 40.89 -31.78
C GLN C 10 -52.29 41.90 -32.87
N LYS C 11 -51.91 43.11 -32.46
CA LYS C 11 -51.62 44.25 -33.36
C LYS C 11 -50.20 44.24 -33.95
N MET C 12 -49.24 43.86 -33.14
CA MET C 12 -47.90 43.51 -33.61
C MET C 12 -47.97 42.46 -34.75
N ALA C 13 -48.62 41.33 -34.47
CA ALA C 13 -48.59 40.14 -35.36
C ALA C 13 -49.72 40.09 -36.37
N TYR C 14 -50.32 41.26 -36.59
CA TYR C 14 -51.51 41.41 -37.43
C TYR C 14 -51.25 41.28 -38.93
N VAL C 15 -52.04 40.39 -39.55
CA VAL C 15 -52.11 40.26 -41.00
C VAL C 15 -53.60 40.36 -41.38
N LYS C 16 -53.99 41.42 -42.08
CA LYS C 16 -55.40 41.70 -42.41
C LYS C 16 -56.04 40.61 -43.28
N PHE C 17 -57.18 40.11 -42.80
CA PHE C 17 -57.97 39.05 -43.45
C PHE C 17 -57.41 37.65 -43.24
N ARG C 18 -56.24 37.53 -42.60
CA ARG C 18 -55.63 36.23 -42.39
C ARG C 18 -56.36 35.46 -41.30
N ILE C 19 -56.66 34.19 -41.55
CA ILE C 19 -57.23 33.28 -40.56
C ILE C 19 -56.33 33.25 -39.31
N GLN C 20 -56.96 33.39 -38.14
CA GLN C 20 -56.28 33.19 -36.85
C GLN C 20 -56.07 31.70 -36.59
N GLU C 21 -54.83 31.27 -36.75
CA GLU C 21 -54.50 29.86 -36.71
C GLU C 21 -54.55 29.38 -35.26
N ASP C 22 -55.06 28.17 -35.05
CA ASP C 22 -54.98 27.51 -33.73
C ASP C 22 -53.62 27.78 -33.06
N GLU C 23 -52.57 27.61 -33.82
CA GLU C 23 -51.22 27.80 -33.32
C GLU C 23 -50.97 29.22 -32.82
N TYR C 24 -51.63 30.20 -33.44
CA TYR C 24 -51.47 31.60 -33.12
C TYR C 24 -52.29 31.96 -31.88
N VAL C 25 -53.51 31.44 -31.84
CA VAL C 25 -54.40 31.51 -30.68
C VAL C 25 -53.78 30.87 -29.42
N ALA C 26 -53.06 29.77 -29.61
CA ALA C 26 -52.28 29.20 -28.53
C ALA C 26 -51.38 30.25 -27.90
N ILE C 27 -50.48 30.85 -28.67
CA ILE C 27 -49.61 31.97 -28.21
C ILE C 27 -50.43 32.95 -27.41
N LEU C 28 -51.47 33.48 -28.05
CA LEU C 28 -52.24 34.57 -27.48
C LEU C 28 -52.84 34.18 -26.15
N ASN C 29 -53.42 32.99 -26.08
CA ASN C 29 -54.10 32.49 -24.89
C ASN C 29 -53.12 32.31 -23.77
N ALA C 30 -51.96 31.76 -24.11
CA ALA C 30 -50.82 31.69 -23.19
C ALA C 30 -50.31 33.04 -22.67
N LEU C 31 -50.19 34.06 -23.53
CA LEU C 31 -49.72 35.37 -23.06
C LEU C 31 -50.76 35.98 -22.13
N GLU C 32 -52.03 35.85 -22.48
CA GLU C 32 -53.09 36.29 -21.60
C GLU C 32 -52.86 35.69 -20.22
N GLU C 33 -52.86 34.36 -20.12
CA GLU C 33 -52.71 33.72 -18.82
C GLU C 33 -51.43 34.06 -18.09
N TYR C 34 -50.41 34.47 -18.84
CA TYR C 34 -49.20 34.99 -18.23
C TYR C 34 -49.44 36.28 -17.47
N HIS C 35 -50.24 37.19 -18.06
CA HIS C 35 -50.55 38.46 -17.43
C HIS C 35 -51.58 38.37 -16.30
N ASN C 36 -52.21 37.21 -16.13
CA ASN C 36 -53.06 36.95 -14.94
C ASN C 36 -52.31 36.18 -13.83
N MET C 37 -51.00 36.04 -13.99
CA MET C 37 -50.16 35.23 -13.10
C MET C 37 -49.32 36.05 -12.14
N SER C 38 -49.62 37.34 -12.01
CA SER C 38 -48.80 38.25 -11.17
C SER C 38 -48.56 37.82 -9.69
N GLU C 39 -49.40 36.92 -9.18
CA GLU C 39 -49.25 36.46 -7.79
C GLU C 39 -48.58 35.10 -7.70
N SER C 40 -47.97 34.65 -8.80
CA SER C 40 -47.21 33.40 -8.86
C SER C 40 -45.74 33.64 -8.54
N SER C 41 -45.03 32.56 -8.23
CA SER C 41 -43.59 32.62 -8.03
C SER C 41 -42.86 33.05 -9.31
N VAL C 42 -41.64 33.55 -9.16
CA VAL C 42 -40.84 33.92 -10.29
C VAL C 42 -40.48 32.74 -11.21
N VAL C 43 -40.19 31.55 -10.66
CA VAL C 43 -39.90 30.46 -11.56
C VAL C 43 -41.15 30.00 -12.29
N GLU C 44 -42.31 30.13 -11.67
CA GLU C 44 -43.57 29.75 -12.31
C GLU C 44 -43.89 30.75 -13.43
N LYS C 45 -43.59 32.02 -13.23
CA LYS C 45 -43.67 33.00 -14.32
C LYS C 45 -42.69 32.72 -15.45
N TYR C 46 -41.42 32.43 -15.10
CA TYR C 46 -40.46 32.00 -16.10
C TYR C 46 -40.92 30.82 -16.96
N LEU C 47 -41.49 29.80 -16.34
CA LEU C 47 -41.83 28.56 -17.05
C LEU C 47 -43.03 28.79 -17.94
N LYS C 48 -43.80 29.81 -17.59
CA LYS C 48 -44.88 30.30 -18.45
C LYS C 48 -44.30 30.97 -19.70
N LEU C 49 -43.38 31.94 -19.51
CA LEU C 49 -42.60 32.50 -20.65
C LEU C 49 -42.01 31.45 -21.57
N LYS C 50 -41.29 30.50 -20.97
CA LYS C 50 -40.69 29.36 -21.65
C LYS C 50 -41.73 28.58 -22.43
N ASP C 51 -42.92 28.41 -21.87
CA ASP C 51 -44.01 27.76 -22.61
C ASP C 51 -44.47 28.64 -23.76
N ILE C 52 -44.59 29.95 -23.52
CA ILE C 52 -45.03 30.89 -24.57
C ILE C 52 -44.01 30.93 -25.73
N ASN C 53 -42.73 30.75 -25.39
CA ASN C 53 -41.67 30.78 -26.39
C ASN C 53 -41.71 29.62 -27.34
N ASN C 54 -41.81 28.41 -26.78
CA ASN C 54 -41.94 27.16 -27.55
C ASN C 54 -43.20 27.12 -28.43
N LEU C 55 -44.27 27.76 -27.96
CA LEU C 55 -45.52 27.84 -28.74
C LEU C 55 -45.39 28.82 -29.88
N THR C 56 -44.55 29.82 -29.69
CA THR C 56 -44.27 30.78 -30.72
C THR C 56 -43.41 30.19 -31.81
N ASP C 57 -42.38 29.42 -31.46
CA ASP C 57 -41.66 28.81 -32.60
C ASP C 57 -42.34 27.57 -33.18
N ASN C 58 -43.19 26.91 -32.40
CA ASN C 58 -44.13 25.94 -32.99
C ASN C 58 -44.87 26.64 -34.13
N TYR C 59 -45.39 27.85 -33.85
CA TYR C 59 -46.02 28.62 -34.92
C TYR C 59 -45.05 28.85 -36.10
N LEU C 60 -43.89 29.44 -35.82
CA LEU C 60 -42.85 29.70 -36.81
C LEU C 60 -42.47 28.42 -37.60
N ASN C 61 -42.34 27.28 -36.91
CA ASN C 61 -42.02 26.02 -37.63
C ASN C 61 -43.16 25.55 -38.51
N THR C 62 -44.40 25.81 -38.12
CA THR C 62 -45.56 25.40 -38.94
C THR C 62 -45.74 26.24 -40.21
N TYR C 63 -45.74 27.56 -40.05
CA TYR C 63 -45.94 28.50 -41.15
C TYR C 63 -44.70 29.33 -41.45
N LYS C 64 -43.72 28.68 -42.08
CA LYS C 64 -42.42 29.28 -42.43
C LYS C 64 -42.47 30.56 -43.29
N LYS C 65 -43.57 30.74 -44.01
CA LYS C 65 -43.74 31.87 -44.94
C LYS C 65 -44.66 32.98 -44.42
N SER C 66 -45.25 32.77 -43.22
CA SER C 66 -46.27 33.70 -42.68
C SER C 66 -45.77 35.13 -42.55
N GLY C 67 -46.67 36.08 -42.79
CA GLY C 67 -46.42 37.52 -42.55
C GLY C 67 -46.63 37.93 -41.09
N ARG C 68 -46.82 36.95 -40.21
CA ARG C 68 -46.81 37.17 -38.76
C ARG C 68 -45.41 36.99 -38.22
N ASN C 69 -44.60 36.22 -38.93
CA ASN C 69 -43.30 35.77 -38.42
C ASN C 69 -42.34 36.83 -37.89
N LYS C 70 -42.25 37.98 -38.54
CA LYS C 70 -41.28 39.03 -38.12
C LYS C 70 -41.69 39.69 -36.82
N ALA C 71 -43.01 39.81 -36.65
CA ALA C 71 -43.62 40.29 -35.41
C ALA C 71 -43.46 39.26 -34.27
N LEU C 72 -43.51 37.98 -34.60
CA LEU C 72 -43.40 36.89 -33.59
C LEU C 72 -41.94 36.57 -33.20
N LYS C 73 -40.98 37.05 -33.98
CA LYS C 73 -39.58 36.96 -33.64
C LYS C 73 -39.15 38.14 -32.74
N LYS C 74 -39.59 39.35 -33.06
CA LYS C 74 -39.58 40.47 -32.13
C LYS C 74 -40.22 40.06 -30.81
N PHE C 75 -41.38 39.40 -30.83
CA PHE C 75 -42.01 38.87 -29.59
C PHE C 75 -41.09 37.98 -28.81
N LYS C 76 -40.44 37.03 -29.47
CA LYS C 76 -39.45 36.22 -28.77
C LYS C 76 -38.35 37.05 -28.07
N GLU C 77 -37.85 38.10 -28.72
CA GLU C 77 -36.91 39.03 -28.10
C GLU C 77 -37.51 39.68 -26.86
N TYR C 78 -38.79 40.06 -26.96
CA TYR C 78 -39.55 40.68 -25.89
C TYR C 78 -39.74 39.72 -24.72
N LEU C 79 -39.88 38.42 -25.03
CA LEU C 79 -39.99 37.41 -23.99
C LEU C 79 -38.72 37.33 -23.17
N THR C 80 -37.59 37.47 -23.86
CA THR C 80 -36.25 37.32 -23.30
C THR C 80 -35.92 38.51 -22.40
N MET C 81 -36.35 39.71 -22.80
CA MET C 81 -36.26 40.91 -21.99
C MET C 81 -37.15 40.82 -20.76
N GLU C 82 -38.19 40.01 -20.84
CA GLU C 82 -39.08 39.82 -19.68
C GLU C 82 -38.44 38.92 -18.62
N VAL C 83 -37.61 37.99 -19.07
CA VAL C 83 -36.74 37.17 -18.19
C VAL C 83 -35.86 38.03 -17.29
N LEU C 84 -35.19 39.02 -17.87
CA LEU C 84 -34.30 39.91 -17.13
C LEU C 84 -35.11 40.82 -16.19
N GLU C 85 -36.33 41.14 -16.62
CA GLU C 85 -37.25 41.96 -15.85
C GLU C 85 -37.74 41.10 -14.69
N LEU C 86 -38.05 39.84 -14.97
CA LEU C 86 -38.36 38.91 -13.86
C LEU C 86 -37.21 38.88 -12.85
N LYS C 87 -36.00 38.69 -13.34
CA LYS C 87 -34.80 38.49 -12.52
C LYS C 87 -34.49 39.68 -11.62
N ASN C 88 -34.56 40.88 -12.21
CA ASN C 88 -34.33 42.14 -11.49
C ASN C 88 -35.42 42.51 -10.47
N ASN C 89 -36.62 41.96 -10.62
CA ASN C 89 -37.72 42.27 -9.68
C ASN C 89 -38.06 41.13 -8.70
N SER C 90 -37.13 40.21 -8.51
CA SER C 90 -37.31 39.07 -7.64
C SER C 90 -36.09 38.89 -6.80
N LEU C 91 -35.43 40.00 -6.50
CA LEU C 91 -34.20 40.02 -5.70
C LEU C 91 -34.55 39.88 -4.23
N THR C 92 -33.88 38.93 -3.56
CA THR C 92 -33.92 38.75 -2.10
C THR C 92 -32.58 38.19 -1.62
N PRO C 93 -32.19 38.50 -0.36
CA PRO C 93 -30.89 38.13 0.20
C PRO C 93 -30.59 36.63 0.19
N VAL C 94 -29.39 36.24 -0.24
CA VAL C 94 -28.98 34.81 -0.14
C VAL C 94 -28.89 34.36 1.29
N GLU C 95 -28.96 33.03 1.46
CA GLU C 95 -28.67 32.40 2.74
C GLU C 95 -27.27 32.84 3.12
N LYS C 96 -27.05 33.06 4.41
CA LYS C 96 -25.77 33.63 4.83
C LYS C 96 -24.76 32.54 5.17
N ASN C 97 -24.32 31.85 4.12
CA ASN C 97 -23.32 30.78 4.21
C ASN C 97 -22.21 31.12 3.24
N LEU C 98 -20.98 30.92 3.69
CA LEU C 98 -19.84 31.20 2.88
C LEU C 98 -19.17 29.85 2.56
N HIS C 99 -18.91 29.55 1.30
CA HIS C 99 -18.38 28.24 0.96
C HIS C 99 -16.98 28.32 0.41
N PHE C 100 -16.09 27.47 0.95
CA PHE C 100 -14.75 27.25 0.36
C PHE C 100 -14.54 25.75 0.21
N ILE C 101 -13.64 25.36 -0.69
CA ILE C 101 -13.38 23.96 -0.97
C ILE C 101 -11.87 23.77 -1.12
N TRP C 102 -11.34 22.84 -0.33
CA TRP C 102 -10.00 22.37 -0.51
C TRP C 102 -9.98 20.86 -0.39
N ILE C 103 -9.72 20.21 -1.50
CA ILE C 103 -9.72 18.75 -1.54
C ILE C 103 -8.44 18.23 -2.17
N GLY C 104 -8.09 16.98 -1.85
CA GLY C 104 -6.99 16.31 -2.55
C GLY C 104 -5.66 16.43 -1.87
N GLY C 105 -5.64 17.08 -0.70
CA GLY C 105 -4.44 17.15 0.12
C GLY C 105 -4.54 18.26 1.14
N GLN C 106 -3.42 18.54 1.81
CA GLN C 106 -3.42 19.42 2.96
C GLN C 106 -3.66 20.84 2.51
N ILE C 107 -4.51 21.53 3.26
CA ILE C 107 -4.83 22.91 3.00
C ILE C 107 -3.55 23.66 3.34
N ASN C 108 -3.18 24.63 2.52
CA ASN C 108 -1.96 25.43 2.79
C ASN C 108 -2.32 26.59 3.71
N ASP C 109 -1.31 27.11 4.41
CA ASP C 109 -1.52 28.27 5.30
C ASP C 109 -1.95 29.49 4.52
N THR C 110 -1.57 29.58 3.25
CA THR C 110 -2.02 30.71 2.43
C THR C 110 -3.54 30.70 2.31
N ALA C 111 -4.10 29.60 1.82
CA ALA C 111 -5.54 29.40 1.75
C ALA C 111 -6.25 29.74 3.07
N ILE C 112 -5.66 29.31 4.18
CA ILE C 112 -6.25 29.43 5.50
C ILE C 112 -6.30 30.90 5.85
N ASN C 113 -5.21 31.57 5.51
CA ASN C 113 -5.02 32.96 5.84
C ASN C 113 -6.01 33.86 5.14
N TYR C 114 -6.32 33.52 3.88
CA TYR C 114 -7.27 34.26 3.06
C TYR C 114 -8.67 34.05 3.57
N ILE C 115 -9.03 32.78 3.83
CA ILE C 115 -10.35 32.44 4.41
C ILE C 115 -10.61 33.25 5.68
N ASN C 116 -9.59 33.33 6.52
CA ASN C 116 -9.71 34.01 7.78
C ASN C 116 -10.14 35.44 7.67
N GLN C 117 -9.85 36.10 6.53
CA GLN C 117 -10.20 37.50 6.33
C GLN C 117 -11.69 37.64 6.12
N TRP C 118 -12.27 36.72 5.35
CA TRP C 118 -13.72 36.59 5.19
C TRP C 118 -14.41 36.23 6.50
N LYS C 119 -13.88 35.24 7.22
CA LYS C 119 -14.43 34.87 8.52
C LYS C 119 -14.54 36.08 9.45
N ASP C 120 -13.41 36.78 9.58
CA ASP C 120 -13.27 37.93 10.48
C ASP C 120 -14.29 39.04 10.26
N VAL C 121 -14.60 39.34 9.00
CA VAL C 121 -15.48 40.50 8.69
C VAL C 121 -16.92 40.02 8.38
N ASN C 122 -17.16 38.72 8.53
CA ASN C 122 -18.48 38.16 8.27
C ASN C 122 -19.06 37.29 9.39
N SER C 123 -19.12 37.83 10.60
CA SER C 123 -19.77 37.18 11.76
C SER C 123 -21.10 36.55 11.43
N ASP C 124 -21.91 37.26 10.66
CA ASP C 124 -23.28 36.83 10.32
C ASP C 124 -23.40 35.75 9.24
N TYR C 125 -22.26 35.36 8.64
CA TYR C 125 -22.26 34.27 7.69
C TYR C 125 -21.63 33.08 8.39
N THR C 126 -22.06 31.88 8.02
CA THR C 126 -21.39 30.72 8.54
C THR C 126 -20.41 30.20 7.49
N VAL C 127 -19.16 30.05 7.90
CA VAL C 127 -18.12 29.81 6.93
C VAL C 127 -17.80 28.33 6.94
N LYS C 128 -18.06 27.67 5.83
CA LYS C 128 -17.75 26.25 5.70
C LYS C 128 -16.57 26.09 4.77
N VAL C 129 -15.57 25.32 5.18
CA VAL C 129 -14.45 25.00 4.28
C VAL C 129 -14.52 23.50 4.02
N PHE C 130 -15.06 23.13 2.87
CA PHE C 130 -15.31 21.74 2.59
C PHE C 130 -14.06 20.98 2.25
N TYR C 131 -13.92 19.78 2.81
CA TYR C 131 -12.87 18.83 2.44
C TYR C 131 -13.47 17.43 2.36
N ASP C 132 -12.69 16.54 1.78
CA ASP C 132 -13.11 15.21 1.58
C ASP C 132 -12.11 14.34 2.36
N SER C 133 -12.55 13.84 3.52
CA SER C 133 -11.63 13.14 4.45
C SER C 133 -11.12 11.78 3.95
N ASN C 134 -11.73 11.29 2.87
CA ASN C 134 -11.30 10.05 2.27
C ASN C 134 -10.24 10.27 1.21
N ALA C 135 -10.01 11.53 0.85
CA ALA C 135 -9.21 11.81 -0.35
C ALA C 135 -8.15 12.89 -0.14
N PHE C 136 -7.43 12.80 0.96
CA PHE C 136 -6.26 13.64 1.21
C PHE C 136 -5.05 13.24 0.40
N LEU C 137 -5.09 12.07 -0.26
CA LEU C 137 -3.91 11.60 -1.01
C LEU C 137 -3.92 11.76 -2.55
N ILE C 138 -4.93 12.44 -3.08
CA ILE C 138 -5.08 12.64 -4.52
C ILE C 138 -3.84 13.31 -5.13
N ASN C 139 -3.38 14.38 -4.53
CA ASN C 139 -2.20 15.08 -5.04
C ASN C 139 -0.91 14.28 -4.94
N THR C 140 -0.72 13.57 -3.84
CA THR C 140 0.44 12.69 -3.68
C THR C 140 0.44 11.63 -4.80
N LEU C 141 -0.73 11.02 -5.03
CA LEU C 141 -0.89 10.02 -6.09
C LEU C 141 -0.46 10.58 -7.41
N LYS C 142 -1.07 11.69 -7.80
CA LYS C 142 -0.72 12.39 -9.05
C LYS C 142 0.74 12.78 -9.19
N LYS C 143 1.28 13.51 -8.22
CA LYS C 143 2.71 13.91 -8.28
C LYS C 143 3.65 12.72 -8.38
N THR C 144 3.22 11.53 -7.95
CA THR C 144 4.10 10.35 -7.94
C THR C 144 4.12 9.74 -9.32
N ILE C 145 2.93 9.56 -9.88
CA ILE C 145 2.73 9.06 -11.21
C ILE C 145 3.44 10.02 -12.19
N VAL C 146 3.21 11.31 -12.05
CA VAL C 146 3.81 12.27 -12.96
C VAL C 146 5.33 12.30 -12.82
N GLU C 147 5.85 12.24 -11.61
CA GLU C 147 7.30 12.20 -11.44
C GLU C 147 7.94 10.94 -12.01
N SER C 148 7.38 9.79 -11.65
CA SER C 148 7.77 8.52 -12.26
C SER C 148 7.74 8.62 -13.77
N ALA C 149 6.67 9.22 -14.31
CA ALA C 149 6.54 9.42 -15.77
C ALA C 149 7.60 10.35 -16.33
N THR C 150 7.83 11.49 -15.69
CA THR C 150 8.90 12.41 -16.08
C THR C 150 10.24 11.68 -16.23
N ASN C 151 10.65 10.97 -15.18
CA ASN C 151 11.93 10.25 -15.14
C ASN C 151 12.10 9.17 -16.21
N ASN C 152 11.06 8.34 -16.38
CA ASN C 152 11.01 7.34 -17.44
C ASN C 152 11.27 7.92 -18.82
N THR C 153 10.73 9.11 -19.09
CA THR C 153 10.98 9.75 -20.39
C THR C 153 12.32 10.50 -20.43
N LEU C 154 12.73 11.14 -19.33
CA LEU C 154 14.07 11.74 -19.28
C LEU C 154 15.19 10.70 -19.48
N GLU C 155 14.92 9.45 -19.12
CA GLU C 155 15.91 8.41 -19.26
C GLU C 155 15.77 7.69 -20.60
N SER C 156 14.82 8.14 -21.42
CA SER C 156 14.79 7.74 -22.82
C SER C 156 15.39 8.88 -23.67
N PHE C 157 15.24 10.10 -23.16
CA PHE C 157 15.93 11.28 -23.66
C PHE C 157 17.31 11.39 -22.95
N ARG C 158 18.19 10.40 -23.09
CA ARG C 158 19.43 10.44 -22.31
C ARG C 158 20.70 10.65 -23.14
N GLU C 159 20.84 9.88 -24.21
CA GLU C 159 21.98 10.04 -25.11
C GLU C 159 21.73 11.20 -26.06
N ASN C 160 20.59 11.87 -25.87
CA ASN C 160 20.08 12.93 -26.75
C ASN C 160 19.60 14.20 -26.03
N LEU C 161 20.32 14.63 -25.00
CA LEU C 161 19.95 15.83 -24.22
C LEU C 161 20.29 17.18 -24.87
N ASN C 162 21.42 17.26 -25.56
CA ASN C 162 21.83 18.53 -26.19
C ASN C 162 21.37 18.67 -27.64
N ASP C 163 21.17 17.52 -28.30
CA ASP C 163 20.80 17.47 -29.71
C ASP C 163 19.94 16.22 -29.96
N PRO C 164 19.01 16.25 -30.95
CA PRO C 164 18.49 17.33 -31.79
C PRO C 164 17.06 17.78 -31.39
N GLU C 165 16.03 17.20 -32.02
CA GLU C 165 14.63 17.46 -31.65
C GLU C 165 14.04 16.38 -30.72
N PHE C 166 14.86 15.94 -29.78
CA PHE C 166 14.40 15.30 -28.57
C PHE C 166 14.27 16.45 -27.55
N ASP C 167 13.16 17.19 -27.59
CA ASP C 167 12.99 18.35 -26.71
C ASP C 167 11.61 18.46 -26.03
N TYR C 168 11.28 19.67 -25.58
CA TYR C 168 10.09 19.98 -24.76
C TYR C 168 8.72 19.68 -25.36
N ASN C 169 8.66 19.49 -26.68
CA ASN C 169 7.40 19.17 -27.33
C ASN C 169 7.23 17.65 -27.45
N LYS C 170 8.33 16.96 -27.78
CA LYS C 170 8.41 15.49 -27.83
C LYS C 170 8.35 14.92 -26.42
N PHE C 171 8.76 15.73 -25.45
CA PHE C 171 8.81 15.33 -24.06
C PHE C 171 7.40 15.04 -23.53
N TYR C 172 6.53 16.04 -23.64
CA TYR C 172 5.18 15.93 -23.15
C TYR C 172 4.33 14.92 -23.92
N ARG C 173 4.65 14.69 -25.19
CA ARG C 173 3.98 13.61 -25.94
C ARG C 173 4.35 12.26 -25.35
N LYS C 174 5.64 12.01 -25.19
CA LYS C 174 6.10 10.71 -24.71
C LYS C 174 5.83 10.51 -23.22
N ARG C 175 6.11 11.53 -22.40
CA ARG C 175 5.58 11.54 -21.03
C ARG C 175 4.10 11.17 -21.01
N MET C 176 3.31 11.83 -21.86
CA MET C 176 1.86 11.63 -21.82
C MET C 176 1.49 10.17 -22.02
N GLU C 177 2.22 9.47 -22.88
CA GLU C 177 2.02 8.05 -23.13
C GLU C 177 2.30 7.23 -21.86
N ILE C 178 3.33 7.63 -21.12
CA ILE C 178 3.65 6.94 -19.87
C ILE C 178 2.56 7.19 -18.80
N ILE C 179 2.19 8.46 -18.61
CA ILE C 179 1.14 8.84 -17.64
C ILE C 179 -0.11 8.01 -17.89
N TYR C 180 -0.61 8.01 -19.11
CA TYR C 180 -1.80 7.22 -19.40
C TYR C 180 -1.73 5.79 -18.87
N ASP C 181 -0.67 5.07 -19.20
CA ASP C 181 -0.50 3.67 -18.78
C ASP C 181 -0.56 3.52 -17.26
N LYS C 182 0.25 4.31 -16.58
CA LYS C 182 0.29 4.33 -15.10
C LYS C 182 -1.06 4.77 -14.49
N GLN C 183 -1.61 5.89 -14.97
CA GLN C 183 -2.89 6.31 -14.46
C GLN C 183 -3.93 5.21 -14.64
N LYS C 184 -3.97 4.58 -15.82
CA LYS C 184 -4.95 3.51 -16.13
C LYS C 184 -4.68 2.23 -15.32
N HIS C 185 -3.40 1.93 -15.08
CA HIS C 185 -3.04 0.91 -14.10
C HIS C 185 -3.62 1.23 -12.72
N PHE C 186 -3.48 2.46 -12.25
CA PHE C 186 -4.16 2.83 -10.99
C PHE C 186 -5.69 2.73 -11.11
N ILE C 187 -6.29 3.38 -12.09
CA ILE C 187 -7.75 3.30 -12.22
C ILE C 187 -8.28 1.87 -12.19
N ASP C 188 -7.52 0.91 -12.73
CA ASP C 188 -7.96 -0.48 -12.77
C ASP C 188 -7.92 -1.17 -11.40
N TYR C 189 -6.85 -0.91 -10.67
CA TYR C 189 -6.73 -1.35 -9.31
C TYR C 189 -7.86 -0.79 -8.45
N TYR C 190 -8.03 0.52 -8.52
CA TYR C 190 -9.13 1.17 -7.85
C TYR C 190 -10.47 0.53 -8.13
N LYS C 191 -10.82 0.35 -9.40
CA LYS C 191 -12.08 -0.27 -9.76
C LYS C 191 -12.20 -1.69 -9.19
N SER C 192 -11.13 -2.47 -9.20
CA SER C 192 -11.32 -3.83 -8.68
C SER C 192 -11.46 -3.82 -7.14
N GLN C 193 -10.75 -2.92 -6.47
CA GLN C 193 -10.92 -2.72 -5.03
C GLN C 193 -12.35 -2.33 -4.65
N ILE C 194 -13.01 -1.52 -5.45
CA ILE C 194 -14.36 -1.13 -5.06
C ILE C 194 -15.45 -2.20 -5.28
N GLU C 195 -15.23 -3.13 -6.21
CA GLU C 195 -16.21 -4.19 -6.45
C GLU C 195 -16.05 -5.28 -5.40
N GLU C 196 -14.83 -5.38 -4.86
CA GLU C 196 -14.46 -6.39 -3.87
C GLU C 196 -14.94 -5.93 -2.50
N ASN C 197 -14.37 -4.83 -1.99
CA ASN C 197 -14.91 -4.17 -0.80
C ASN C 197 -15.21 -2.68 -1.01
N PRO C 198 -16.51 -2.33 -1.08
CA PRO C 198 -17.05 -0.98 -1.27
C PRO C 198 -17.01 -0.04 -0.03
N GLU C 199 -16.53 -0.56 1.10
CA GLU C 199 -16.37 0.19 2.36
C GLU C 199 -14.99 0.89 2.38
N PHE C 200 -13.98 0.23 1.79
CA PHE C 200 -12.66 0.82 1.61
C PHE C 200 -12.78 2.24 1.09
N ILE C 201 -12.12 3.13 1.80
CA ILE C 201 -12.11 4.49 1.42
C ILE C 201 -10.99 4.74 0.39
N ILE C 202 -11.15 5.80 -0.39
CA ILE C 202 -10.21 6.18 -1.43
C ILE C 202 -8.76 6.19 -0.92
N ASP C 203 -8.49 6.91 0.17
CA ASP C 203 -7.12 7.03 0.67
C ASP C 203 -6.50 5.64 0.99
N ASN C 204 -7.29 4.69 1.47
CA ASN C 204 -6.73 3.40 1.85
C ASN C 204 -6.29 2.66 0.60
N ILE C 205 -7.05 2.79 -0.49
CA ILE C 205 -6.65 2.37 -1.85
C ILE C 205 -5.38 3.07 -2.30
N ILE C 206 -5.32 4.38 -2.12
CA ILE C 206 -4.21 5.12 -2.70
C ILE C 206 -2.93 4.63 -2.05
N LYS C 207 -2.91 4.61 -0.74
CA LYS C 207 -1.66 4.35 -0.04
C LYS C 207 -1.13 2.91 -0.22
N THR C 208 -2.03 1.94 -0.33
CA THR C 208 -1.69 0.55 -0.61
C THR C 208 -1.06 0.50 -1.99
N TYR C 209 -1.67 1.25 -2.91
CA TYR C 209 -1.15 1.34 -4.26
C TYR C 209 0.25 1.98 -4.29
N LEU C 210 0.42 3.09 -3.60
CA LEU C 210 1.68 3.84 -3.59
C LEU C 210 2.80 3.07 -2.89
N SER C 211 2.43 2.35 -1.84
CA SER C 211 3.34 1.46 -1.12
C SER C 211 3.70 0.27 -1.98
N ASN C 212 2.69 -0.34 -2.61
CA ASN C 212 2.86 -1.59 -3.32
C ASN C 212 3.57 -1.41 -4.66
N GLU C 213 3.39 -0.24 -5.26
CA GLU C 213 3.89 0.02 -6.59
C GLU C 213 5.05 1.01 -6.66
N TYR C 214 5.02 2.06 -5.83
CA TYR C 214 6.08 3.06 -5.84
C TYR C 214 6.95 3.07 -4.58
N SER C 215 6.83 2.04 -3.76
CA SER C 215 7.63 1.87 -2.54
C SER C 215 7.59 3.12 -1.65
N LYS C 216 6.43 3.76 -1.66
CA LYS C 216 6.16 4.85 -0.73
C LYS C 216 6.03 4.30 0.69
N ASP C 217 6.25 5.14 1.67
CA ASP C 217 6.26 4.70 3.05
C ASP C 217 4.86 4.87 3.66
N LEU C 218 4.23 3.75 4.02
CA LEU C 218 2.87 3.76 4.59
C LEU C 218 2.78 4.64 5.81
N GLU C 219 3.69 4.41 6.77
CA GLU C 219 3.71 5.21 7.99
C GLU C 219 3.68 6.68 7.62
N ALA C 220 4.50 7.07 6.63
CA ALA C 220 4.68 8.45 6.20
C ALA C 220 3.39 8.99 5.60
N LEU C 221 2.78 8.17 4.73
CA LEU C 221 1.47 8.45 4.14
C LEU C 221 0.41 8.66 5.21
N ASN C 222 0.30 7.74 6.18
CA ASN C 222 -0.66 7.91 7.27
C ASN C 222 -0.43 9.22 8.03
N LYS C 223 0.85 9.56 8.23
CA LYS C 223 1.18 10.79 8.95
C LYS C 223 0.63 11.95 8.20
N TYR C 224 0.87 12.00 6.88
CA TYR C 224 0.35 13.11 6.06
C TYR C 224 -1.18 13.26 6.19
N ILE C 225 -1.87 12.12 6.25
CA ILE C 225 -3.34 12.15 6.34
C ILE C 225 -3.78 12.74 7.68
N GLU C 226 -3.07 12.34 8.74
CA GLU C 226 -3.34 12.80 10.09
C GLU C 226 -3.09 14.29 10.22
N GLU C 227 -2.01 14.80 9.65
CA GLU C 227 -1.66 16.23 9.77
C GLU C 227 -2.63 17.10 8.93
N SER C 228 -3.12 16.53 7.83
CA SER C 228 -4.08 17.17 6.99
C SER C 228 -5.43 17.21 7.71
N LEU C 229 -5.85 16.05 8.22
CA LEU C 229 -7.10 15.92 8.96
C LEU C 229 -7.14 16.91 10.13
N ASN C 230 -6.07 16.92 10.91
CA ASN C 230 -5.95 17.83 12.04
C ASN C 230 -5.94 19.30 11.67
N LYS C 231 -5.32 19.67 10.54
CA LYS C 231 -5.26 21.06 10.15
C LYS C 231 -6.61 21.61 9.71
N ILE C 232 -7.35 20.89 8.87
CA ILE C 232 -8.69 21.34 8.47
C ILE C 232 -9.67 21.36 9.64
N THR C 233 -9.62 20.30 10.44
CA THR C 233 -10.35 20.19 11.71
C THR C 233 -10.15 21.39 12.65
N ALA C 234 -8.89 21.78 12.84
CA ALA C 234 -8.52 22.96 13.64
C ALA C 234 -9.10 24.25 13.06
N ASN C 235 -9.45 24.25 11.78
CA ASN C 235 -10.03 25.44 11.17
C ASN C 235 -11.52 25.31 10.94
N ASN C 236 -12.12 24.40 11.71
CA ASN C 236 -13.53 24.04 11.60
C ASN C 236 -14.02 23.76 10.13
N GLY C 237 -13.27 22.94 9.41
CA GLY C 237 -13.70 22.50 8.09
C GLY C 237 -14.93 21.62 8.09
N ASN C 238 -15.40 21.30 6.91
CA ASN C 238 -16.65 20.55 6.82
C ASN C 238 -16.42 19.39 5.86
N ASP C 239 -16.49 18.18 6.41
CA ASP C 239 -16.27 16.94 5.69
C ASP C 239 -17.48 16.65 4.83
N ILE C 240 -17.29 16.47 3.53
CA ILE C 240 -18.41 16.14 2.68
C ILE C 240 -18.82 14.68 2.92
N ARG C 241 -18.01 13.97 3.69
CA ARG C 241 -18.25 12.56 3.97
C ARG C 241 -19.30 12.35 5.08
N ASN C 242 -19.87 13.47 5.55
CA ASN C 242 -21.14 13.46 6.28
C ASN C 242 -22.42 13.70 5.41
N LEU C 243 -22.56 14.88 4.81
CA LEU C 243 -23.87 15.35 4.33
C LEU C 243 -24.51 14.78 3.00
N GLU C 244 -25.78 14.35 3.10
CA GLU C 244 -26.47 13.44 2.15
C GLU C 244 -27.45 13.99 1.03
N LYS C 245 -27.50 15.31 0.80
CA LYS C 245 -28.46 15.89 -0.20
C LYS C 245 -27.83 16.33 -1.53
N PHE C 246 -26.72 17.08 -1.45
CA PHE C 246 -25.78 17.24 -2.58
C PHE C 246 -25.50 15.86 -3.21
N ALA C 247 -25.87 14.82 -2.47
CA ALA C 247 -25.66 13.46 -2.90
C ALA C 247 -26.71 13.01 -3.94
N ASP C 248 -26.96 13.86 -4.94
CA ASP C 248 -27.60 13.37 -6.15
C ASP C 248 -26.53 12.64 -6.96
N GLU C 249 -26.87 11.41 -7.32
CA GLU C 249 -25.86 10.40 -7.53
C GLU C 249 -25.12 10.43 -8.85
N ASP C 250 -25.56 11.22 -9.81
CA ASP C 250 -24.72 11.35 -10.98
C ASP C 250 -23.63 12.40 -10.80
N LEU C 251 -23.98 13.50 -10.15
CA LEU C 251 -22.96 14.46 -9.75
C LEU C 251 -21.93 13.77 -8.89
N VAL C 252 -22.36 12.85 -8.03
CA VAL C 252 -21.42 12.13 -7.14
C VAL C 252 -20.42 11.29 -7.95
N ARG C 253 -20.95 10.53 -8.90
CA ARG C 253 -20.14 9.74 -9.80
C ARG C 253 -19.13 10.66 -10.49
N LEU C 254 -19.61 11.79 -11.01
CA LEU C 254 -18.76 12.72 -11.76
C LEU C 254 -17.70 13.35 -10.87
N TYR C 255 -18.08 13.79 -9.67
CA TYR C 255 -17.10 14.20 -8.66
C TYR C 255 -16.03 13.11 -8.39
N ASN C 256 -16.48 11.87 -8.30
CA ASN C 256 -15.57 10.80 -7.99
C ASN C 256 -14.67 10.47 -9.17
N GLN C 257 -15.21 10.60 -10.38
CA GLN C 257 -14.42 10.48 -11.61
C GLN C 257 -13.28 11.51 -11.66
N GLU C 258 -13.63 12.77 -11.46
CA GLU C 258 -12.62 13.81 -11.49
C GLU C 258 -11.58 13.68 -10.37
N LEU C 259 -12.07 13.27 -9.19
CA LEU C 259 -11.29 13.18 -7.99
C LEU C 259 -10.25 12.04 -8.11
N VAL C 260 -10.73 10.83 -8.35
CA VAL C 260 -9.94 9.62 -8.19
C VAL C 260 -9.39 9.07 -9.48
N GLU C 261 -10.12 9.29 -10.58
CA GLU C 261 -9.66 8.88 -11.88
C GLU C 261 -8.84 9.96 -12.54
N ARG C 262 -9.35 11.19 -12.58
CA ARG C 262 -8.65 12.21 -13.39
C ARG C 262 -7.70 13.06 -12.58
N TRP C 263 -7.73 12.85 -11.27
CA TRP C 263 -6.98 13.64 -10.28
C TRP C 263 -7.06 15.14 -10.54
N ASN C 264 -8.10 15.58 -11.21
CA ASN C 264 -8.25 17.00 -11.49
C ASN C 264 -9.12 17.60 -10.38
N LEU C 265 -8.47 18.15 -9.36
CA LEU C 265 -9.17 18.66 -8.17
C LEU C 265 -9.93 19.96 -8.42
N ALA C 266 -9.55 20.70 -9.44
CA ALA C 266 -10.28 21.93 -9.86
C ALA C 266 -11.64 21.56 -10.36
N ALA C 267 -11.69 20.48 -11.13
CA ALA C 267 -12.90 20.05 -11.77
C ALA C 267 -13.73 19.37 -10.71
N ALA C 268 -13.10 18.58 -9.85
CA ALA C 268 -13.86 17.98 -8.75
C ALA C 268 -14.53 19.11 -7.90
N SER C 269 -13.75 20.13 -7.54
CA SER C 269 -14.22 21.34 -6.87
C SER C 269 -15.25 22.13 -7.67
N ASP C 270 -15.08 22.21 -8.99
CA ASP C 270 -16.09 22.85 -9.87
C ASP C 270 -17.42 22.18 -9.67
N ILE C 271 -17.39 20.86 -9.57
CA ILE C 271 -18.62 20.09 -9.47
C ILE C 271 -19.22 20.24 -8.05
N LEU C 272 -18.37 20.33 -7.06
CA LEU C 272 -18.88 20.21 -5.69
C LEU C 272 -19.51 21.54 -5.28
N ARG C 273 -19.00 22.60 -5.89
CA ARG C 273 -19.33 23.95 -5.50
C ARG C 273 -20.77 24.26 -5.88
N ILE C 274 -21.21 23.82 -7.08
CA ILE C 274 -22.59 24.13 -7.53
C ILE C 274 -23.58 23.21 -6.81
N SER C 275 -23.10 22.03 -6.41
CA SER C 275 -23.92 21.15 -5.66
C SER C 275 -24.14 21.69 -4.25
N MET C 276 -23.07 22.18 -3.64
CA MET C 276 -23.19 22.70 -2.29
C MET C 276 -24.07 23.93 -2.27
N LEU C 277 -23.90 24.83 -3.26
CA LEU C 277 -24.73 26.05 -3.39
C LEU C 277 -26.20 25.77 -3.68
N LYS C 278 -26.47 24.74 -4.49
CA LYS C 278 -27.87 24.34 -4.69
C LYS C 278 -28.53 23.91 -3.39
N GLU C 279 -27.84 23.05 -2.64
CA GLU C 279 -28.44 22.50 -1.40
C GLU C 279 -28.40 23.39 -0.15
N ASP C 280 -27.44 24.29 -0.06
CA ASP C 280 -27.33 25.19 1.10
C ASP C 280 -27.72 26.66 0.73
N GLY C 281 -27.43 27.08 -0.47
CA GLY C 281 -27.50 28.51 -0.73
C GLY C 281 -26.27 29.20 -0.16
N GLY C 282 -25.85 30.29 -0.79
CA GLY C 282 -24.81 31.10 -0.20
C GLY C 282 -23.87 31.66 -1.24
N VAL C 283 -22.69 32.05 -0.77
CA VAL C 283 -21.61 32.58 -1.58
C VAL C 283 -20.53 31.50 -1.64
N TYR C 284 -20.09 31.14 -2.87
CA TYR C 284 -18.88 30.29 -3.06
C TYR C 284 -17.70 31.13 -3.44
N LEU C 285 -16.55 30.87 -2.79
CA LEU C 285 -15.31 31.53 -3.09
C LEU C 285 -14.11 30.57 -3.24
N ASP C 286 -13.34 30.76 -4.29
CA ASP C 286 -11.99 30.17 -4.34
C ASP C 286 -11.18 30.67 -3.18
N VAL C 287 -10.29 29.80 -2.69
CA VAL C 287 -9.48 30.14 -1.54
C VAL C 287 -8.55 31.29 -1.81
N ASP C 288 -8.40 31.69 -3.08
CA ASP C 288 -7.47 32.78 -3.45
C ASP C 288 -8.14 34.14 -3.62
N MET C 289 -9.42 34.22 -3.26
CA MET C 289 -10.14 35.50 -3.31
C MET C 289 -10.09 36.18 -1.94
N LEU C 290 -10.06 37.50 -1.92
CA LEU C 290 -10.11 38.25 -0.67
C LEU C 290 -11.35 39.21 -0.65
N PRO C 291 -11.80 39.66 0.54
CA PRO C 291 -12.97 40.59 0.59
C PRO C 291 -12.71 41.87 -0.20
N GLY C 292 -13.75 42.49 -0.73
CA GLY C 292 -13.57 43.79 -1.36
C GLY C 292 -13.05 44.78 -0.32
N ILE C 293 -12.45 45.86 -0.76
CA ILE C 293 -11.92 46.84 0.17
C ILE C 293 -13.06 47.85 0.41
N GLN C 294 -13.14 48.41 1.61
CA GLN C 294 -14.09 49.50 1.86
C GLN C 294 -13.89 50.62 0.82
N PRO C 295 -14.94 50.93 0.05
CA PRO C 295 -14.88 51.91 -1.03
C PRO C 295 -14.26 53.26 -0.66
N ASP C 296 -14.43 53.67 0.60
CA ASP C 296 -13.91 54.96 1.07
C ASP C 296 -12.56 54.94 1.76
N LEU C 297 -12.08 53.76 2.11
CA LEU C 297 -10.79 53.63 2.77
C LEU C 297 -9.66 54.31 1.99
N PHE C 298 -9.65 54.20 0.65
CA PHE C 298 -8.57 54.78 -0.14
C PHE C 298 -9.05 55.78 -1.18
N LYS C 299 -10.26 56.32 -0.97
CA LYS C 299 -10.90 57.19 -1.94
C LYS C 299 -10.18 58.55 -2.07
N SER C 300 -9.36 58.88 -1.08
CA SER C 300 -8.68 60.16 -1.05
C SER C 300 -7.36 60.15 -1.85
N ILE C 301 -6.79 58.97 -2.01
CA ILE C 301 -5.52 58.75 -2.72
C ILE C 301 -5.80 58.56 -4.20
N ASN C 302 -5.48 59.58 -4.98
CA ASN C 302 -5.70 59.50 -6.42
C ASN C 302 -4.60 58.69 -7.09
N LYS C 303 -5.03 57.78 -7.98
CA LYS C 303 -4.12 56.93 -8.74
C LYS C 303 -3.18 57.78 -9.62
N PRO C 304 -1.86 57.56 -9.49
CA PRO C 304 -0.94 58.10 -10.50
C PRO C 304 -1.33 57.66 -11.93
N ASP C 305 -1.29 58.61 -12.87
CA ASP C 305 -1.80 58.39 -14.24
C ASP C 305 -1.22 57.17 -14.99
N SER C 306 0.05 56.87 -14.75
CA SER C 306 0.74 55.81 -15.47
C SER C 306 0.37 54.40 -14.98
N ILE C 307 -0.27 54.32 -13.81
CA ILE C 307 -0.62 53.04 -13.22
C ILE C 307 -1.98 52.53 -13.71
N THR C 308 -2.03 51.28 -14.16
CA THR C 308 -3.27 50.72 -14.66
C THR C 308 -4.21 50.52 -13.51
N ASN C 309 -5.52 50.49 -13.77
CA ASN C 309 -6.51 50.26 -12.71
C ASN C 309 -6.35 48.92 -12.02
N THR C 310 -5.99 47.91 -12.81
CA THR C 310 -5.72 46.56 -12.32
C THR C 310 -4.52 46.53 -11.35
N SER C 311 -3.43 47.22 -11.69
CA SER C 311 -2.28 47.30 -10.81
C SER C 311 -2.63 48.09 -9.56
N TRP C 312 -3.44 49.12 -9.71
CA TRP C 312 -3.84 49.97 -8.58
C TRP C 312 -4.65 49.14 -7.58
N GLU C 313 -5.48 48.24 -8.10
CA GLU C 313 -6.27 47.34 -7.26
C GLU C 313 -5.35 46.42 -6.48
N MET C 314 -4.42 45.79 -7.20
CA MET C 314 -3.35 44.98 -6.58
C MET C 314 -2.60 45.69 -5.45
N ILE C 315 -2.14 46.92 -5.68
CA ILE C 315 -1.39 47.60 -4.64
C ILE C 315 -2.21 48.08 -3.45
N LYS C 316 -3.52 48.24 -3.64
CA LYS C 316 -4.39 48.55 -2.50
C LYS C 316 -4.39 47.41 -1.46
N LEU C 317 -4.45 46.17 -1.95
CA LEU C 317 -4.29 45.00 -1.11
C LEU C 317 -2.92 44.88 -0.45
N GLU C 318 -1.87 45.27 -1.18
CA GLU C 318 -0.50 45.17 -0.67
C GLU C 318 -0.25 46.23 0.39
N ALA C 319 -0.96 47.34 0.25
CA ALA C 319 -0.95 48.40 1.23
C ALA C 319 -1.53 47.90 2.55
N ILE C 320 -2.72 47.33 2.47
CA ILE C 320 -3.36 46.73 3.66
C ILE C 320 -2.44 45.73 4.36
N MET C 321 -1.78 44.87 3.59
CA MET C 321 -0.97 43.82 4.18
C MET C 321 0.36 44.34 4.69
N LYS C 322 0.83 45.41 4.09
CA LYS C 322 2.07 46.05 4.53
C LYS C 322 1.88 46.61 5.95
N TYR C 323 0.82 47.37 6.16
CA TYR C 323 0.66 48.13 7.41
C TYR C 323 -0.23 47.49 8.47
N LYS C 324 -0.99 46.47 8.10
CA LYS C 324 -1.79 45.73 9.07
C LYS C 324 -1.27 44.31 9.28
N GLU C 325 -0.54 43.80 8.28
CA GLU C 325 0.07 42.47 8.29
C GLU C 325 -0.95 41.36 8.62
N TYR C 326 -2.16 41.52 8.08
CA TYR C 326 -3.23 40.55 8.24
C TYR C 326 -2.80 39.17 7.72
N ILE C 327 -2.06 39.18 6.60
CA ILE C 327 -1.55 37.96 5.97
C ILE C 327 -0.03 37.99 5.95
N PRO C 328 0.62 37.15 6.78
CA PRO C 328 2.09 37.11 6.76
C PRO C 328 2.63 36.59 5.43
N GLY C 329 3.65 37.26 4.91
CA GLY C 329 4.34 36.81 3.71
C GLY C 329 3.81 37.46 2.45
N TYR C 330 2.74 38.23 2.58
CA TYR C 330 2.12 38.90 1.45
C TYR C 330 3.03 39.87 0.75
N THR C 331 3.17 39.71 -0.57
CA THR C 331 4.09 40.56 -1.34
C THR C 331 3.79 42.05 -1.11
N SER C 332 4.83 42.87 -1.16
CA SER C 332 4.66 44.32 -1.29
C SER C 332 5.44 44.81 -2.50
N LYS C 333 5.71 43.90 -3.44
CA LYS C 333 6.55 44.17 -4.62
C LYS C 333 6.10 45.38 -5.41
N ASN C 334 4.79 45.49 -5.60
CA ASN C 334 4.23 46.58 -6.36
C ASN C 334 4.06 47.82 -5.50
N PHE C 335 3.69 47.65 -4.22
CA PHE C 335 3.64 48.77 -3.28
C PHE C 335 5.00 49.46 -3.12
N ASP C 336 6.06 48.67 -3.04
CA ASP C 336 7.40 49.20 -2.77
C ASP C 336 7.90 50.09 -3.87
N MET C 337 7.20 50.07 -4.99
CA MET C 337 7.57 50.85 -6.18
C MET C 337 6.93 52.22 -6.30
N LEU C 338 5.88 52.48 -5.51
CA LEU C 338 5.24 53.80 -5.47
C LEU C 338 6.17 54.91 -4.96
N ASP C 339 5.74 56.15 -5.17
CA ASP C 339 6.43 57.34 -4.65
C ASP C 339 6.30 57.35 -3.12
N GLU C 340 7.40 57.68 -2.44
CA GLU C 340 7.39 57.89 -0.98
C GLU C 340 6.11 58.60 -0.54
N GLU C 341 5.80 59.72 -1.19
CA GLU C 341 4.62 60.52 -0.85
C GLU C 341 3.30 59.77 -0.99
N VAL C 342 3.22 58.83 -1.94
CA VAL C 342 2.02 58.01 -2.09
C VAL C 342 2.00 56.79 -1.16
N GLN C 343 3.16 56.18 -0.93
CA GLN C 343 3.24 55.12 0.07
C GLN C 343 2.78 55.59 1.43
N ARG C 344 3.31 56.75 1.87
CA ARG C 344 2.85 57.49 3.06
C ARG C 344 1.37 57.90 3.01
N SER C 345 0.81 58.17 1.83
CA SER C 345 -0.65 58.36 1.73
C SER C 345 -1.41 57.12 2.23
N PHE C 346 -0.98 55.95 1.76
CA PHE C 346 -1.52 54.67 2.19
C PHE C 346 -1.33 54.40 3.67
N GLU C 347 -0.11 54.61 4.17
CA GLU C 347 0.18 54.39 5.59
C GLU C 347 -0.80 55.21 6.46
N SER C 348 -1.06 56.45 6.06
CA SER C 348 -1.93 57.35 6.80
C SER C 348 -3.42 56.96 6.74
N ALA C 349 -3.86 56.47 5.58
CA ALA C 349 -5.22 56.00 5.42
C ALA C 349 -5.42 54.81 6.37
N LEU C 350 -4.40 53.97 6.42
CA LEU C 350 -4.25 52.84 7.34
C LEU C 350 -3.67 53.23 8.73
N SER C 351 -3.89 54.48 9.17
CA SER C 351 -3.49 54.91 10.51
C SER C 351 -4.68 54.87 11.43
N SER C 352 -5.77 55.47 10.98
CA SER C 352 -6.92 55.74 11.84
C SER C 352 -7.95 54.61 11.85
N LYS C 353 -7.56 53.41 11.44
CA LYS C 353 -8.51 52.32 11.29
C LYS C 353 -7.98 51.07 11.95
N SER C 354 -8.54 50.73 13.11
CA SER C 354 -8.09 49.53 13.81
C SER C 354 -9.02 48.31 13.73
N ASP C 355 -10.22 48.48 13.16
CA ASP C 355 -11.20 47.37 13.05
C ASP C 355 -11.25 46.83 11.61
N LYS C 356 -11.04 45.53 11.45
CA LYS C 356 -11.01 44.90 10.12
C LYS C 356 -12.22 45.20 9.20
N SER C 357 -13.38 45.42 9.78
CA SER C 357 -14.56 45.81 9.01
C SER C 357 -14.51 47.21 8.40
N GLU C 358 -13.58 48.06 8.89
CA GLU C 358 -13.41 49.42 8.38
C GLU C 358 -12.42 49.35 7.23
N ILE C 359 -11.84 48.18 7.03
CA ILE C 359 -10.82 47.97 5.98
C ILE C 359 -11.41 47.16 4.83
N PHE C 360 -11.99 46.01 5.18
CA PHE C 360 -12.55 45.13 4.20
C PHE C 360 -14.06 45.36 4.23
N LEU C 361 -14.76 45.01 3.15
CA LEU C 361 -16.21 45.20 3.07
C LEU C 361 -16.97 43.90 3.37
N PRO C 362 -17.70 43.90 4.50
CA PRO C 362 -18.55 42.76 4.84
C PRO C 362 -19.59 42.49 3.79
N LEU C 363 -19.90 41.22 3.57
CA LEU C 363 -20.93 40.87 2.59
C LEU C 363 -22.32 41.44 2.94
N ASP C 364 -22.68 41.42 4.21
CA ASP C 364 -24.05 41.68 4.65
C ASP C 364 -25.09 41.04 3.74
N ASP C 365 -26.03 41.84 3.25
CA ASP C 365 -27.14 41.34 2.45
C ASP C 365 -26.77 41.42 0.98
N ILE C 366 -26.74 40.24 0.36
CA ILE C 366 -26.58 40.15 -1.06
C ILE C 366 -27.88 39.63 -1.62
N LYS C 367 -28.67 40.50 -2.22
CA LYS C 367 -29.90 40.09 -2.91
C LYS C 367 -29.62 39.35 -4.24
N VAL C 368 -30.33 38.27 -4.49
CA VAL C 368 -30.17 37.50 -5.72
C VAL C 368 -31.59 37.04 -6.16
N SER C 369 -31.76 36.80 -7.45
CA SER C 369 -32.99 36.22 -7.96
C SER C 369 -32.94 34.67 -7.91
N PRO C 370 -34.10 33.98 -7.72
CA PRO C 370 -34.21 32.50 -7.83
C PRO C 370 -33.85 31.96 -9.22
N LEU C 371 -33.86 32.86 -10.20
CA LEU C 371 -33.54 32.52 -11.56
C LEU C 371 -32.04 32.56 -11.87
N GLU C 372 -31.22 33.00 -10.93
CA GLU C 372 -29.84 33.22 -11.32
C GLU C 372 -28.79 32.59 -10.41
N VAL C 373 -27.58 32.49 -10.95
CA VAL C 373 -26.39 32.27 -10.18
C VAL C 373 -25.43 33.41 -10.57
N LYS C 374 -25.09 34.28 -9.62
CA LYS C 374 -24.17 35.40 -9.92
C LYS C 374 -22.71 34.92 -10.00
N ILE C 375 -21.91 35.57 -10.83
CA ILE C 375 -20.61 35.02 -11.15
C ILE C 375 -19.58 36.12 -11.34
N ALA C 376 -18.35 35.83 -10.94
CA ALA C 376 -17.23 36.74 -11.16
C ALA C 376 -16.86 36.84 -12.65
N PHE C 377 -16.30 37.98 -13.01
CA PHE C 377 -15.79 38.27 -14.34
C PHE C 377 -14.30 38.55 -14.30
N ALA C 378 -13.57 37.82 -15.12
CA ALA C 378 -12.16 38.05 -15.29
C ALA C 378 -12.06 38.52 -16.72
N ASN C 379 -11.73 39.82 -16.84
CA ASN C 379 -11.35 40.44 -18.08
C ASN C 379 -12.33 40.15 -19.20
N ASN C 380 -13.57 40.57 -18.97
CA ASN C 380 -14.64 40.53 -19.98
C ASN C 380 -15.38 39.22 -20.09
N SER C 381 -14.99 38.25 -19.27
CA SER C 381 -15.51 36.88 -19.32
C SER C 381 -15.92 36.39 -17.95
N VAL C 382 -16.94 35.53 -17.87
CA VAL C 382 -17.29 34.89 -16.61
C VAL C 382 -16.18 33.96 -16.14
N ILE C 383 -16.04 33.84 -14.83
CA ILE C 383 -15.14 32.89 -14.21
C ILE C 383 -15.79 32.42 -12.91
N ASN C 384 -15.84 31.10 -12.72
CA ASN C 384 -16.60 30.52 -11.62
C ASN C 384 -15.81 30.51 -10.30
N GLN C 385 -14.87 31.45 -10.17
CA GLN C 385 -14.13 31.65 -8.93
C GLN C 385 -14.91 32.25 -7.72
N ALA C 386 -16.06 32.86 -8.02
CA ALA C 386 -16.95 33.41 -7.01
C ALA C 386 -18.32 33.25 -7.62
N LEU C 387 -19.25 32.76 -6.83
CA LEU C 387 -20.62 32.44 -7.20
C LEU C 387 -21.53 32.84 -6.05
N ILE C 388 -22.73 33.32 -6.37
CA ILE C 388 -23.80 33.55 -5.36
C ILE C 388 -25.07 32.85 -5.85
N SER C 389 -25.78 32.17 -4.96
CA SER C 389 -26.96 31.43 -5.36
C SER C 389 -27.84 31.16 -4.16
N LEU C 390 -29.15 31.38 -4.32
CA LEU C 390 -30.17 30.89 -3.40
C LEU C 390 -30.13 29.38 -3.29
N LYS C 391 -30.52 28.85 -2.14
CA LYS C 391 -30.75 27.42 -2.03
C LYS C 391 -31.88 27.07 -3.01
N ASP C 392 -31.60 26.04 -3.82
CA ASP C 392 -32.50 25.50 -4.86
C ASP C 392 -32.94 26.45 -5.98
N SER C 393 -32.04 27.34 -6.40
CA SER C 393 -32.32 28.30 -7.46
C SER C 393 -32.47 27.58 -8.80
N TYR C 394 -33.22 28.18 -9.70
CA TYR C 394 -33.49 27.62 -11.03
C TYR C 394 -32.22 27.52 -11.82
N CYS C 395 -31.41 28.56 -11.71
CA CYS C 395 -30.19 28.60 -12.49
C CYS C 395 -29.17 27.55 -12.06
N SER C 396 -29.03 27.30 -10.76
CA SER C 396 -28.14 26.23 -10.28
C SER C 396 -28.53 24.83 -10.77
N ASP C 397 -29.80 24.62 -11.14
CA ASP C 397 -30.24 23.36 -11.81
C ASP C 397 -29.82 23.31 -13.27
N LEU C 398 -29.85 24.49 -13.89
CA LEU C 398 -29.44 24.69 -15.25
C LEU C 398 -27.94 24.46 -15.36
N VAL C 399 -27.15 24.98 -14.40
CA VAL C 399 -25.70 24.75 -14.43
C VAL C 399 -25.49 23.26 -14.27
N ILE C 400 -26.21 22.68 -13.32
CA ILE C 400 -26.07 21.26 -13.00
C ILE C 400 -26.48 20.31 -14.13
N ASN C 401 -27.55 20.64 -14.85
CA ASN C 401 -27.90 19.95 -16.06
C ASN C 401 -26.84 20.13 -17.17
N GLN C 402 -26.15 21.26 -17.19
CA GLN C 402 -25.06 21.40 -18.19
C GLN C 402 -23.93 20.40 -17.91
N ILE C 403 -23.44 20.43 -16.69
CA ILE C 403 -22.37 19.55 -16.29
C ILE C 403 -22.67 18.08 -16.71
N LYS C 404 -23.93 17.70 -16.51
CA LYS C 404 -24.44 16.35 -16.62
C LYS C 404 -24.54 15.94 -18.10
N ASN C 405 -25.05 16.85 -18.94
CA ASN C 405 -25.24 16.63 -20.37
C ASN C 405 -23.91 16.64 -21.08
N ARG C 406 -23.01 17.50 -20.62
CA ARG C 406 -21.66 17.59 -21.22
C ARG C 406 -20.84 16.35 -20.85
N TYR C 407 -20.92 15.92 -19.60
CA TYR C 407 -20.22 14.70 -19.19
C TYR C 407 -20.82 13.41 -19.71
N LYS C 408 -22.12 13.41 -20.04
CA LYS C 408 -22.70 12.24 -20.68
C LYS C 408 -22.01 12.05 -22.03
N ILE C 409 -21.97 13.12 -22.79
CA ILE C 409 -21.34 13.12 -24.12
C ILE C 409 -19.93 12.56 -23.99
N LEU C 410 -19.09 13.22 -23.20
CA LEU C 410 -17.71 12.79 -22.99
C LEU C 410 -17.62 11.32 -22.64
N ASN C 411 -18.42 10.90 -21.64
CA ASN C 411 -18.27 9.56 -21.05
C ASN C 411 -18.76 8.43 -22.02
N ASP C 412 -19.95 8.60 -22.62
CA ASP C 412 -20.46 7.66 -23.64
C ASP C 412 -19.48 7.36 -24.77
N ASN C 413 -18.53 8.27 -24.99
CA ASN C 413 -17.55 8.11 -26.08
C ASN C 413 -16.13 7.73 -25.65
N LEU C 414 -15.74 8.17 -24.47
CA LEU C 414 -14.42 7.90 -23.99
C LEU C 414 -14.34 6.55 -23.34
N ASN C 415 -15.38 6.20 -22.56
CA ASN C 415 -15.34 4.91 -21.85
C ASN C 415 -15.10 3.73 -22.81
N PRO C 416 -15.94 3.59 -23.86
CA PRO C 416 -15.70 2.55 -24.89
C PRO C 416 -14.32 2.64 -25.56
N SER C 417 -13.86 3.89 -25.80
CA SER C 417 -12.54 4.12 -26.39
C SER C 417 -11.47 3.57 -25.49
N ILE C 418 -11.55 3.94 -24.21
CA ILE C 418 -10.61 3.42 -23.20
C ILE C 418 -10.55 1.87 -23.25
N ASN C 419 -11.70 1.21 -23.38
CA ASN C 419 -11.81 -0.24 -23.45
C ASN C 419 -11.17 -0.94 -24.65
N GLU C 420 -11.25 -0.33 -25.82
CA GLU C 420 -10.55 -0.87 -26.97
C GLU C 420 -9.36 -0.02 -27.38
N GLY C 421 -8.21 -0.41 -26.87
CA GLY C 421 -6.98 0.35 -27.03
C GLY C 421 -5.92 -0.22 -26.12
N THR C 422 -4.80 -0.65 -26.73
CA THR C 422 -3.65 -1.13 -25.97
C THR C 422 -2.94 -0.03 -25.19
N ASP C 423 -3.30 1.23 -25.47
CA ASP C 423 -2.41 2.36 -25.17
C ASP C 423 -3.07 3.72 -25.33
N PHE C 424 -2.30 4.78 -25.05
CA PHE C 424 -2.73 6.18 -25.21
C PHE C 424 -3.13 6.55 -26.62
N ASN C 425 -2.24 6.31 -27.58
CA ASN C 425 -2.48 6.78 -28.93
C ASN C 425 -3.71 6.14 -29.59
N THR C 426 -3.80 4.82 -29.54
CA THR C 426 -4.97 4.08 -30.03
C THR C 426 -6.26 4.58 -29.37
N THR C 427 -6.24 4.75 -28.06
CA THR C 427 -7.42 5.22 -27.35
C THR C 427 -7.87 6.60 -27.90
N MET C 428 -6.88 7.48 -28.07
CA MET C 428 -7.15 8.84 -28.52
C MET C 428 -7.73 8.91 -29.94
N LYS C 429 -7.29 8.03 -30.83
CA LYS C 429 -7.85 8.01 -32.20
C LYS C 429 -9.29 7.54 -32.20
N ILE C 430 -9.53 6.33 -31.68
CA ILE C 430 -10.89 5.88 -31.38
C ILE C 430 -11.73 7.04 -30.78
N PHE C 431 -11.14 7.77 -29.84
CA PHE C 431 -11.87 8.86 -29.19
C PHE C 431 -12.21 10.02 -30.11
N SER C 432 -11.20 10.62 -30.73
CA SER C 432 -11.44 11.74 -31.61
C SER C 432 -12.42 11.31 -32.67
N ASP C 433 -12.16 10.15 -33.31
CA ASP C 433 -13.06 9.50 -34.28
C ASP C 433 -14.52 9.45 -33.80
N LYS C 434 -14.74 8.93 -32.59
CA LYS C 434 -16.09 8.83 -32.09
C LYS C 434 -16.78 10.19 -32.03
N LEU C 435 -16.07 11.19 -31.49
CA LEU C 435 -16.61 12.57 -31.41
C LEU C 435 -16.83 13.18 -32.78
N ALA C 436 -15.99 12.81 -33.73
CA ALA C 436 -16.09 13.30 -35.07
C ALA C 436 -17.45 12.91 -35.65
N SER C 437 -17.83 11.65 -35.46
CA SER C 437 -18.96 11.03 -36.18
C SER C 437 -20.34 11.49 -35.70
N ILE C 438 -20.35 12.42 -34.75
CA ILE C 438 -21.58 12.90 -34.12
C ILE C 438 -21.52 14.40 -33.90
N SER C 439 -20.57 15.03 -34.58
CA SER C 439 -20.36 16.47 -34.46
C SER C 439 -21.13 17.21 -35.55
N ASN C 440 -21.47 18.46 -35.23
CA ASN C 440 -22.22 19.32 -36.12
C ASN C 440 -21.95 20.78 -35.78
N GLU C 441 -22.64 21.69 -36.45
CA GLU C 441 -22.39 23.12 -36.32
C GLU C 441 -22.61 23.62 -34.90
N ASP C 442 -23.62 23.07 -34.25
CA ASP C 442 -24.06 23.58 -32.98
C ASP C 442 -23.12 23.21 -31.84
N ASN C 443 -22.54 22.02 -31.91
CA ASN C 443 -21.73 21.46 -30.82
C ASN C 443 -20.22 21.34 -31.09
N MET C 444 -19.78 21.70 -32.31
CA MET C 444 -18.41 21.44 -32.78
C MET C 444 -17.32 21.91 -31.83
N MET C 445 -17.47 23.12 -31.32
CA MET C 445 -16.48 23.71 -30.43
C MET C 445 -16.34 22.96 -29.11
N PHE C 446 -17.45 22.50 -28.55
CA PHE C 446 -17.43 21.66 -27.36
C PHE C 446 -16.65 20.39 -27.68
N MET C 447 -16.89 19.83 -28.87
CA MET C 447 -16.25 18.60 -29.30
C MET C 447 -14.74 18.75 -29.38
N ILE C 448 -14.27 19.87 -29.93
CA ILE C 448 -12.86 20.10 -30.16
C ILE C 448 -12.15 20.20 -28.82
N LYS C 449 -12.70 21.06 -27.97
CA LYS C 449 -12.14 21.38 -26.67
C LYS C 449 -12.13 20.18 -25.75
N ILE C 450 -13.08 19.27 -25.96
CA ILE C 450 -13.25 18.08 -25.14
C ILE C 450 -12.32 16.92 -25.56
N THR C 451 -11.82 16.95 -26.79
CA THR C 451 -11.01 15.86 -27.33
C THR C 451 -9.77 15.55 -26.49
N ASN C 452 -9.21 16.59 -25.87
CA ASN C 452 -7.95 16.43 -25.17
C ASN C 452 -8.10 16.14 -23.67
N TYR C 453 -9.31 15.77 -23.28
CA TYR C 453 -9.65 15.42 -21.89
C TYR C 453 -8.56 14.66 -21.11
N LEU C 454 -8.03 13.60 -21.71
CA LEU C 454 -7.06 12.75 -21.01
C LEU C 454 -5.71 13.43 -20.79
N LYS C 455 -5.48 14.57 -21.44
CA LYS C 455 -4.24 15.32 -21.26
C LYS C 455 -4.32 16.36 -20.16
N VAL C 456 -5.52 16.62 -19.64
CA VAL C 456 -5.73 17.73 -18.70
C VAL C 456 -4.76 17.57 -17.53
N GLY C 457 -3.98 18.62 -17.28
CA GLY C 457 -3.04 18.65 -16.14
C GLY C 457 -1.66 18.13 -16.47
N PHE C 458 -1.55 17.47 -17.61
CA PHE C 458 -0.38 16.71 -17.96
C PHE C 458 0.37 17.33 -19.13
N ALA C 459 -0.34 18.15 -19.89
CA ALA C 459 0.17 18.75 -21.09
C ALA C 459 -0.36 20.17 -21.16
N PRO C 460 0.38 21.05 -21.85
CA PRO C 460 0.06 22.47 -21.87
C PRO C 460 -1.05 22.81 -22.87
N ASP C 461 -1.70 23.95 -22.61
CA ASP C 461 -2.73 24.49 -23.45
C ASP C 461 -3.88 23.51 -23.73
N VAL C 462 -4.43 22.98 -22.64
CA VAL C 462 -5.55 22.02 -22.72
C VAL C 462 -6.80 22.68 -22.17
N ARG C 463 -7.91 22.60 -22.89
CA ARG C 463 -9.06 23.45 -22.61
C ARG C 463 -10.34 22.73 -22.14
N SER C 464 -10.22 21.46 -21.77
CA SER C 464 -11.43 20.66 -21.53
C SER C 464 -12.25 21.13 -20.33
N THR C 465 -11.54 21.51 -19.29
CA THR C 465 -12.16 21.81 -18.01
C THR C 465 -13.17 22.97 -18.02
N ILE C 466 -12.78 24.08 -18.66
CA ILE C 466 -13.66 25.25 -18.82
C ILE C 466 -14.98 24.86 -19.47
N ASN C 467 -14.91 23.87 -20.35
CA ASN C 467 -16.03 23.39 -21.13
C ASN C 467 -16.88 22.30 -20.51
N LEU C 468 -16.35 21.58 -19.53
CA LEU C 468 -17.09 20.49 -18.87
C LEU C 468 -17.71 20.86 -17.55
N SER C 469 -17.03 21.70 -16.78
CA SER C 469 -17.37 22.01 -15.37
C SER C 469 -17.10 23.48 -15.01
N GLY C 470 -16.30 24.16 -15.83
CA GLY C 470 -15.89 25.57 -15.60
C GLY C 470 -16.80 26.63 -16.21
N PRO C 471 -16.28 27.87 -16.42
CA PRO C 471 -17.08 29.01 -16.91
C PRO C 471 -18.03 28.71 -18.09
N GLY C 472 -17.68 27.72 -18.93
CA GLY C 472 -18.50 27.35 -20.10
C GLY C 472 -19.87 26.78 -19.72
N VAL C 473 -19.92 26.17 -18.55
CA VAL C 473 -21.17 25.57 -18.13
C VAL C 473 -22.13 26.65 -17.60
N TYR C 474 -21.58 27.81 -17.26
CA TYR C 474 -22.36 28.86 -16.64
C TYR C 474 -22.95 29.74 -17.70
N THR C 475 -22.13 30.09 -18.69
CA THR C 475 -22.57 30.78 -19.91
C THR C 475 -23.62 29.90 -20.59
N GLY C 476 -23.42 28.58 -20.59
CA GLY C 476 -24.44 27.65 -21.11
C GLY C 476 -25.79 27.84 -20.39
N ALA C 477 -25.76 27.65 -19.08
CA ALA C 477 -26.92 27.89 -18.21
C ALA C 477 -27.61 29.24 -18.48
N TYR C 478 -26.81 30.29 -18.68
CA TYR C 478 -27.37 31.65 -18.83
C TYR C 478 -28.04 31.81 -20.19
N GLN C 479 -27.49 31.19 -21.20
CA GLN C 479 -28.18 31.14 -22.48
C GLN C 479 -29.49 30.35 -22.38
N ASP C 480 -29.41 29.12 -21.84
CA ASP C 480 -30.60 28.33 -21.53
C ASP C 480 -31.68 29.15 -20.82
N LEU C 481 -31.28 29.91 -19.81
CA LEU C 481 -32.22 30.78 -19.09
C LEU C 481 -32.91 31.73 -20.06
N LEU C 482 -32.10 32.63 -20.61
CA LEU C 482 -32.59 33.73 -21.42
C LEU C 482 -33.24 33.30 -22.75
N MET C 483 -32.74 32.23 -23.34
CA MET C 483 -33.21 31.79 -24.64
C MET C 483 -34.19 30.62 -24.50
N PHE C 484 -34.51 30.25 -23.27
CA PHE C 484 -35.50 29.20 -22.96
C PHE C 484 -35.14 27.87 -23.59
N LYS C 485 -33.84 27.55 -23.55
CA LYS C 485 -33.32 26.26 -23.97
C LYS C 485 -32.79 25.44 -22.78
N ASP C 486 -32.30 24.23 -23.05
CA ASP C 486 -31.74 23.37 -22.02
C ASP C 486 -30.58 22.53 -22.53
N ASN C 487 -29.97 22.98 -23.63
CA ASN C 487 -28.86 22.27 -24.28
C ASN C 487 -27.80 23.22 -24.86
N SER C 488 -27.98 24.54 -24.63
CA SER C 488 -27.02 25.57 -25.05
C SER C 488 -25.54 25.18 -24.93
N THR C 489 -24.87 25.06 -26.08
CA THR C 489 -23.44 24.80 -26.16
C THR C 489 -22.76 25.95 -26.90
N ASN C 490 -23.48 26.54 -27.86
CA ASN C 490 -22.89 27.53 -28.78
C ASN C 490 -23.27 28.94 -28.36
N ILE C 491 -22.45 29.52 -27.49
CA ILE C 491 -22.79 30.79 -26.88
C ILE C 491 -22.76 31.94 -27.85
N HIS C 492 -23.91 32.59 -27.99
CA HIS C 492 -24.03 33.76 -28.82
C HIS C 492 -24.25 34.99 -27.94
N LEU C 493 -24.38 34.79 -26.62
CA LEU C 493 -24.58 35.84 -25.63
C LEU C 493 -23.31 36.63 -25.45
N LEU C 494 -23.49 37.94 -25.37
CA LEU C 494 -22.39 38.87 -25.37
C LEU C 494 -22.21 39.44 -23.98
N GLU C 495 -21.02 39.98 -23.73
CA GLU C 495 -20.63 40.41 -22.41
C GLU C 495 -21.59 41.33 -21.68
N PRO C 496 -22.19 42.34 -22.35
CA PRO C 496 -23.28 43.14 -21.75
C PRO C 496 -24.50 42.33 -21.27
N GLU C 497 -24.88 41.31 -22.03
CA GLU C 497 -25.96 40.41 -21.61
C GLU C 497 -25.50 39.53 -20.47
N LEU C 498 -24.26 39.03 -20.56
CA LEU C 498 -23.70 38.20 -19.47
C LEU C 498 -23.52 39.01 -18.19
N ARG C 499 -23.38 40.34 -18.32
CA ARG C 499 -23.07 41.15 -17.14
C ARG C 499 -24.28 41.35 -16.21
N ASN C 500 -25.46 40.99 -16.72
CA ASN C 500 -26.67 40.86 -15.91
C ASN C 500 -26.54 39.90 -14.73
N PHE C 501 -25.54 39.04 -14.77
CA PHE C 501 -25.34 38.02 -13.75
C PHE C 501 -24.01 38.16 -13.04
N GLU C 502 -23.41 39.35 -13.08
CA GLU C 502 -22.11 39.56 -12.40
C GLU C 502 -22.20 39.67 -10.87
N PHE C 503 -21.29 38.95 -10.22
CA PHE C 503 -20.95 39.16 -8.81
C PHE C 503 -20.75 40.66 -8.50
N PRO C 504 -21.42 41.17 -7.45
CA PRO C 504 -21.28 42.65 -7.14
C PRO C 504 -19.83 43.09 -6.93
N LYS C 505 -19.31 43.94 -7.82
CA LYS C 505 -17.89 44.35 -7.87
C LYS C 505 -17.21 44.68 -6.51
N THR C 506 -17.93 45.44 -5.68
CA THR C 506 -17.41 45.94 -4.40
C THR C 506 -17.24 44.86 -3.32
N LYS C 507 -17.87 43.69 -3.50
CA LYS C 507 -17.85 42.70 -2.44
C LYS C 507 -16.86 41.58 -2.69
N ILE C 508 -15.83 41.85 -3.48
CA ILE C 508 -14.79 40.88 -3.77
C ILE C 508 -13.54 41.54 -4.35
N SER C 509 -12.37 41.03 -3.95
CA SER C 509 -11.09 41.43 -4.52
C SER C 509 -10.45 40.21 -5.16
N GLN C 510 -10.40 40.20 -6.49
CA GLN C 510 -9.81 39.06 -7.24
C GLN C 510 -8.31 39.17 -7.49
N LEU C 511 -7.80 40.38 -7.35
CA LEU C 511 -6.41 40.67 -7.71
C LEU C 511 -5.46 40.50 -6.54
N THR C 512 -5.43 39.28 -6.01
CA THR C 512 -4.64 38.93 -4.84
C THR C 512 -3.37 38.27 -5.32
N GLU C 513 -2.36 38.26 -4.46
CA GLU C 513 -1.09 37.67 -4.82
C GLU C 513 -1.30 36.24 -5.35
N GLN C 514 -2.13 35.45 -4.64
CA GLN C 514 -2.29 34.01 -4.91
C GLN C 514 -3.04 33.77 -6.22
N GLU C 515 -4.02 34.63 -6.50
CA GLU C 515 -4.76 34.56 -7.75
C GLU C 515 -3.84 34.88 -8.94
N ILE C 516 -3.17 36.03 -8.88
CA ILE C 516 -2.14 36.42 -9.88
C ILE C 516 -1.27 35.20 -10.23
N THR C 517 -0.61 34.63 -9.23
CA THR C 517 0.14 33.36 -9.37
C THR C 517 -0.59 32.20 -10.09
N SER C 518 -1.88 32.05 -9.85
CA SER C 518 -2.62 30.97 -10.47
C SER C 518 -3.10 31.32 -11.88
N LEU C 519 -3.11 32.62 -12.24
CA LEU C 519 -3.52 33.04 -13.57
C LEU C 519 -2.45 32.77 -14.65
N TRP C 520 -1.20 32.64 -14.22
CA TRP C 520 -0.13 32.08 -15.07
C TRP C 520 -0.37 30.57 -15.34
N ALA C 525 2.04 32.10 -22.76
CA ALA C 525 1.05 31.27 -22.06
C ALA C 525 1.44 29.78 -21.99
N ARG C 526 2.63 29.45 -22.48
CA ARG C 526 3.03 28.05 -22.50
C ARG C 526 4.52 27.83 -22.26
N ALA C 527 4.79 27.26 -21.09
CA ALA C 527 6.10 27.29 -20.48
C ALA C 527 6.90 26.04 -20.84
N LYS C 528 7.91 26.24 -21.71
CA LYS C 528 8.89 25.18 -22.03
C LYS C 528 10.05 25.18 -21.03
N SER C 529 10.01 26.13 -20.11
CA SER C 529 11.02 26.28 -19.08
C SER C 529 11.04 25.09 -18.12
N GLN C 530 9.87 24.47 -17.91
CA GLN C 530 9.76 23.32 -17.03
C GLN C 530 10.46 22.10 -17.58
N PHE C 531 10.50 21.94 -18.90
CA PHE C 531 11.29 20.85 -19.50
C PHE C 531 12.77 21.03 -19.21
N GLU C 532 13.22 22.27 -19.38
CA GLU C 532 14.58 22.68 -19.05
C GLU C 532 14.86 22.53 -17.55
N GLU C 533 13.83 22.77 -16.73
CA GLU C 533 13.91 22.61 -15.27
C GLU C 533 14.10 21.14 -14.91
N TYR C 534 13.42 20.27 -15.66
CA TYR C 534 13.44 18.84 -15.40
C TYR C 534 14.77 18.23 -15.82
N LYS C 535 15.37 18.77 -16.88
CA LYS C 535 16.68 18.31 -17.32
C LYS C 535 17.77 18.65 -16.29
N LYS C 536 17.63 19.82 -15.65
CA LYS C 536 18.55 20.29 -14.60
C LYS C 536 18.53 19.39 -13.36
N GLY C 537 17.42 18.70 -13.16
CA GLY C 537 17.24 17.80 -12.01
C GLY C 537 18.17 16.59 -12.02
N TYR C 538 19.20 16.68 -12.90
CA TYR C 538 20.18 15.60 -13.05
C TYR C 538 21.63 15.95 -12.62
N PHE C 539 21.91 17.24 -12.43
CA PHE C 539 23.23 17.69 -11.99
C PHE C 539 23.25 18.18 -10.52
N GLU C 540 22.05 18.34 -9.93
CA GLU C 540 21.91 18.83 -8.55
C GLU C 540 21.79 17.75 -7.47
N GLY C 541 20.90 16.79 -7.70
CA GLY C 541 20.43 15.92 -6.64
C GLY C 541 21.12 14.57 -6.62
CA CA D . 26.50 -19.97 -15.59
N1 UPG E . 24.62 -27.55 -11.17
C2 UPG E . 24.52 -28.44 -10.06
N3 UPG E . 25.61 -29.16 -9.70
C4 UPG E . 26.76 -29.03 -10.34
C5 UPG E . 26.89 -28.15 -11.43
C6 UPG E . 25.78 -27.40 -11.84
O2 UPG E . 23.45 -28.59 -9.43
O4 UPG E . 27.76 -29.70 -9.96
C1C UPG E . 23.43 -26.76 -11.55
C2C UPG E . 23.31 -25.64 -10.56
O2C UPG E . 21.91 -25.57 -10.30
C3C UPG E . 23.79 -24.41 -11.29
C4C UPG E . 23.35 -24.72 -12.70
O4C UPG E . 23.56 -26.12 -12.82
O3C UPG E . 23.19 -23.21 -10.78
C5C UPG E . 24.11 -23.99 -13.80
O5C UPG E . 25.49 -24.19 -13.56
PA UPG E . 26.60 -23.28 -14.27
O1A UPG E . 26.11 -21.87 -14.24
O2A UPG E . 27.93 -23.41 -13.59
O3A UPG E . 26.76 -24.01 -15.70
PB UPG E . 26.55 -23.24 -17.08
O1B UPG E . 27.24 -21.89 -16.98
O2B UPG E . 27.05 -24.05 -18.24
O3B UPG E . 24.92 -23.10 -17.11
C1' UPG E . 24.17 -22.62 -18.23
C2' UPG E . 22.95 -21.82 -17.79
C3' UPG E . 22.11 -22.69 -16.86
C4' UPG E . 21.72 -24.04 -17.45
C5' UPG E . 22.83 -24.66 -18.32
C6' UPG E . 22.18 -25.47 -19.45
O2' UPG E . 23.36 -20.57 -17.19
O3' UPG E . 20.93 -22.00 -16.49
O4' UPG E . 21.36 -24.97 -16.39
O5' UPG E . 23.65 -23.69 -18.99
O6' UPG E . 22.06 -26.83 -19.00
CA CA F . -9.76 -8.35 27.85
N1 UPG G . -2.76 -8.53 22.48
C2 UPG G . -2.06 -8.66 21.27
N3 UPG G . -1.90 -9.82 20.74
C4 UPG G . -2.38 -10.88 21.34
C5 UPG G . -3.05 -10.79 22.51
C6 UPG G . -3.23 -9.59 23.09
O2 UPG G . -1.60 -7.70 20.65
O4 UPG G . -2.20 -11.96 20.84
C1C UPG G . -3.00 -7.26 23.13
C2C UPG G . -4.19 -6.64 22.47
O2C UPG G . -3.89 -5.33 22.16
C3C UPG G . -5.32 -6.79 23.43
C4C UPG G . -4.60 -6.92 24.73
O4C UPG G . -3.34 -7.45 24.47
O3C UPG G . -6.25 -5.73 23.35
C5C UPG G . -5.33 -7.73 25.76
O5C UPG G . -5.70 -9.00 25.29
PA UPG G . -6.84 -9.79 26.00
O1A UPG G . -7.95 -8.88 26.27
O2A UPG G . -7.31 -10.90 25.19
O3A UPG G . -6.15 -10.39 27.31
PB UPG G . -6.65 -10.04 28.77
O1B UPG G . -8.12 -10.13 28.80
O2B UPG G . -6.09 -10.96 29.75
O3B UPG G . -6.27 -8.53 29.06
C1' UPG G . -5.73 -7.96 30.23
C2' UPG G . -6.06 -6.49 30.16
C3' UPG G . -5.17 -5.79 29.16
C4' UPG G . -3.70 -5.99 29.47
C5' UPG G . -3.42 -7.16 30.37
C6' UPG G . -3.13 -6.74 31.80
O2' UPG G . -7.43 -6.32 29.78
O3' UPG G . -5.38 -4.43 29.31
O4' UPG G . -2.93 -6.00 28.29
O5' UPG G . -4.35 -8.21 30.29
O6' UPG G . -1.80 -6.32 31.95
CA CA H . -7.28 30.88 -9.32
N1 UPG I . -8.44 22.93 -5.56
C2 UPG I . -8.29 21.98 -4.55
N3 UPG I . -7.17 21.28 -4.40
C4 UPG I . -6.10 21.47 -5.20
C5 UPG I . -6.19 22.42 -6.22
C6 UPG I . -7.39 23.13 -6.38
O2 UPG I . -9.20 21.75 -3.76
O4 UPG I . -5.07 20.77 -5.01
C1C UPG I . -9.70 23.69 -5.70
C2C UPG I . -9.76 24.81 -4.67
O2C UPG I . -11.13 24.92 -4.23
C3C UPG I . -9.42 26.04 -5.46
C4C UPG I . -10.00 25.73 -6.84
O4C UPG I . -9.83 24.32 -7.00
O3C UPG I . -10.10 27.13 -4.89
C5C UPG I . -9.27 26.43 -7.98
O5C UPG I . -7.86 26.23 -7.80
PA UPG I . -6.80 27.27 -8.40
O1A UPG I . -7.32 28.68 -8.14
O2A UPG I . -5.43 27.16 -7.79
O3A UPG I . -6.80 26.84 -9.91
PB UPG I . -7.27 27.75 -11.13
O1B UPG I . -6.77 29.17 -11.07
O2B UPG I . -6.82 27.03 -12.38
O3B UPG I . -8.85 27.78 -11.02
C1' UPG I . -9.61 28.36 -12.09
C2' UPG I . -10.80 29.10 -11.51
C3' UPG I . -11.50 28.14 -10.54
C4' UPG I . -11.93 26.88 -11.25
C5' UPG I . -10.92 26.33 -12.30
C6' UPG I . -11.69 25.71 -13.44
O2' UPG I . -10.26 30.23 -10.82
O3' UPG I . -12.62 28.73 -9.87
O4' UPG I . -12.13 25.90 -10.23
O5' UPG I . -10.07 27.30 -12.93
O6' UPG I . -11.97 24.40 -12.97
#